data_6TPR
# 
_entry.id   6TPR 
# 
_audit_conform.dict_name       mmcif_pdbx.dic 
_audit_conform.dict_version    5.383 
_audit_conform.dict_location   http://mmcif.pdb.org/dictionaries/ascii/mmcif_pdbx.dic 
# 
loop_
_database_2.database_id 
_database_2.database_code 
_database_2.pdbx_database_accession 
_database_2.pdbx_DOI 
PDB   6TPR         pdb_00006tpr 10.2210/pdb6tpr/pdb 
WWPDB D_1292105868 ?            ?                   
# 
loop_
_pdbx_audit_revision_history.ordinal 
_pdbx_audit_revision_history.data_content_type 
_pdbx_audit_revision_history.major_revision 
_pdbx_audit_revision_history.minor_revision 
_pdbx_audit_revision_history.revision_date 
1 'Structure model' 1 0 2020-05-13 
2 'Structure model' 2 0 2020-05-20 
3 'Structure model' 2 1 2020-05-27 
4 'Structure model' 2 2 2024-01-24 
# 
_pdbx_audit_revision_details.ordinal             1 
_pdbx_audit_revision_details.revision_ordinal    1 
_pdbx_audit_revision_details.data_content_type   'Structure model' 
_pdbx_audit_revision_details.provider            repository 
_pdbx_audit_revision_details.type                'Initial release' 
_pdbx_audit_revision_details.description         ? 
_pdbx_audit_revision_details.details             ? 
# 
loop_
_pdbx_audit_revision_group.ordinal 
_pdbx_audit_revision_group.revision_ordinal 
_pdbx_audit_revision_group.data_content_type 
_pdbx_audit_revision_group.group 
1  2 'Structure model' Advisory                 
2  2 'Structure model' 'Atomic model'           
3  2 'Structure model' 'Data collection'        
4  2 'Structure model' 'Database references'    
5  2 'Structure model' 'Derived calculations'   
6  2 'Structure model' Other                    
7  2 'Structure model' 'Polymer sequence'       
8  2 'Structure model' 'Structure summary'      
9  3 'Structure model' 'Database references'    
10 4 'Structure model' 'Data collection'        
11 4 'Structure model' 'Database references'    
12 4 'Structure model' 'Derived calculations'   
13 4 'Structure model' 'Refinement description' 
# 
loop_
_pdbx_audit_revision_category.ordinal 
_pdbx_audit_revision_category.revision_ordinal 
_pdbx_audit_revision_category.data_content_type 
_pdbx_audit_revision_category.category 
1  2 'Structure model' atom_site                       
2  2 'Structure model' citation                        
3  2 'Structure model' entity_poly                     
4  2 'Structure model' pdbx_database_status            
5  2 'Structure model' pdbx_nonpoly_scheme             
6  2 'Structure model' pdbx_poly_seq_scheme            
7  2 'Structure model' pdbx_struct_sheet_hbond         
8  2 'Structure model' pdbx_unobs_or_zero_occ_atoms    
9  2 'Structure model' pdbx_unobs_or_zero_occ_residues 
10 2 'Structure model' pdbx_validate_torsion           
11 2 'Structure model' struct_conf                     
12 2 'Structure model' struct_ref_seq                  
13 2 'Structure model' struct_ref_seq_dif              
14 2 'Structure model' struct_sheet_range              
15 3 'Structure model' citation                        
16 3 'Structure model' citation_author                 
17 4 'Structure model' atom_type                       
18 4 'Structure model' chem_comp_atom                  
19 4 'Structure model' chem_comp_bond                  
20 4 'Structure model' database_2                      
21 4 'Structure model' pdbx_initial_refinement_model   
# 
loop_
_pdbx_audit_revision_item.ordinal 
_pdbx_audit_revision_item.revision_ordinal 
_pdbx_audit_revision_item.data_content_type 
_pdbx_audit_revision_item.item 
1  2 'Structure model' '_atom_site.auth_asym_id'                       
2  2 'Structure model' '_citation.country'                             
3  2 'Structure model' '_citation.journal_id_ISSN'                     
4  2 'Structure model' '_entity_poly.pdbx_strand_id'                   
5  2 'Structure model' '_pdbx_database_status.pdb_format_compatible'   
6  2 'Structure model' '_pdbx_nonpoly_scheme.pdb_strand_id'            
7  2 'Structure model' '_pdbx_poly_seq_scheme.pdb_strand_id'           
8  2 'Structure model' '_pdbx_struct_sheet_hbond.range_1_auth_asym_id' 
9  2 'Structure model' '_pdbx_struct_sheet_hbond.range_2_auth_asym_id' 
10 2 'Structure model' '_pdbx_unobs_or_zero_occ_atoms.auth_asym_id'    
11 2 'Structure model' '_pdbx_unobs_or_zero_occ_residues.auth_asym_id' 
12 2 'Structure model' '_pdbx_validate_torsion.auth_asym_id'           
13 2 'Structure model' '_struct_conf.beg_auth_asym_id'                 
14 2 'Structure model' '_struct_conf.end_auth_asym_id'                 
15 2 'Structure model' '_struct_ref_seq.pdbx_strand_id'                
16 2 'Structure model' '_struct_ref_seq_dif.pdbx_pdb_strand_id'        
17 2 'Structure model' '_struct_sheet_range.beg_auth_asym_id'          
18 2 'Structure model' '_struct_sheet_range.end_auth_asym_id'          
19 3 'Structure model' '_citation.journal_volume'                      
20 3 'Structure model' '_citation.page_first'                          
21 3 'Structure model' '_citation.page_last'                           
22 3 'Structure model' '_citation.pdbx_database_id_PubMed'             
23 3 'Structure model' '_citation.title'                               
24 3 'Structure model' '_citation_author.identifier_ORCID'             
25 4 'Structure model' '_atom_type.pdbx_N_electrons'                   
26 4 'Structure model' '_atom_type.pdbx_scat_Z'                        
27 4 'Structure model' '_database_2.pdbx_DOI'                          
28 4 'Structure model' '_database_2.pdbx_database_accession'           
# 
_pdbx_database_status.status_code                     REL 
_pdbx_database_status.status_code_sf                  REL 
_pdbx_database_status.status_code_mr                  ? 
_pdbx_database_status.entry_id                        6TPR 
_pdbx_database_status.recvd_initial_deposition_date   2019-12-14 
_pdbx_database_status.SG_entry                        N 
_pdbx_database_status.deposit_site                    PDBE 
_pdbx_database_status.process_site                    PDBE 
_pdbx_database_status.status_code_cs                  ? 
_pdbx_database_status.status_code_nmr_data            ? 
_pdbx_database_status.methods_development_category    ? 
_pdbx_database_status.pdb_format_compatible           Y 
# 
loop_
_audit_author.name 
_audit_author.pdbx_ordinal 
_audit_author.identifier_ORCID 
'Richardson, W.K.' 1 0000-0003-0674-4898 
'Emsley, J.'       2 0000-0002-8949-8030 
# 
_citation.abstract                  ? 
_citation.abstract_id_CAS           ? 
_citation.book_id_ISBN              ? 
_citation.book_publisher            ? 
_citation.book_publisher_city       ? 
_citation.book_title                ? 
_citation.coordinate_linkage        ? 
_citation.country                   CH 
_citation.database_id_Medline       ? 
_citation.details                   ? 
_citation.id                        primary 
_citation.journal_abbrev            'Front Chem' 
_citation.journal_id_ASTM           ? 
_citation.journal_id_CSD            ? 
_citation.journal_id_ISSN           2296-2646 
_citation.journal_full              ? 
_citation.journal_issue             ? 
_citation.journal_volume            8 
_citation.language                  ? 
_citation.page_first                204 
_citation.page_last                 204 
_citation.title                     
;Hit Identification of New Potent PqsR Antagonists as Inhibitors of Quorum Sensing in Planktonic and Biofilm GrownPseudomonas aeruginosa.
;
_citation.year                      2020 
_citation.database_id_CSD           ? 
_citation.pdbx_database_id_DOI      10.3389/fchem.2020.00204 
_citation.pdbx_database_id_PubMed   32432073 
_citation.unpublished_flag          ? 
# 
loop_
_citation_author.citation_id 
_citation_author.name 
_citation_author.ordinal 
_citation_author.identifier_ORCID 
primary 'Soukarieh, F.'       1  ? 
primary 'Liu, R.'             2  ? 
primary 'Romero, M.'          3  ? 
primary 'Roberston, S.N.'     4  ? 
primary 'Richardson, W.'      5  ? 
primary 'Lucanto, S.'         6  ? 
primary 'Oton, E.V.'          7  ? 
primary 'Qudus, N.R.'         8  ? 
primary 'Mashabi, A.'         9  ? 
primary 'Grossman, S.'        10 ? 
primary 'Ali, S.'             11 ? 
primary 'Sou, T.'             12 ? 
primary 'Kukavica-Ibrulj, I.' 13 ? 
primary 'Levesque, R.C.'      14 ? 
primary 'Bergstrom, C.A.S.'   15 ? 
primary 'Halliday, N.'        16 ? 
primary 'Mistry, S.N.'        17 ? 
primary 'Emsley, J.'          18 ? 
primary 'Heeb, S.'            19 ? 
primary 'Williams, P.'        20 ? 
primary 'Camara, M.'          21 ? 
primary 'Stocks, M.J.'        22 ? 
# 
loop_
_entity.id 
_entity.type 
_entity.src_method 
_entity.pdbx_description 
_entity.formula_weight 
_entity.pdbx_number_of_molecules 
_entity.pdbx_ec 
_entity.pdbx_mutation 
_entity.pdbx_fragment 
_entity.details 
1 polymer     man 'Transcriptional regulator MvfR'                                                                   26749.195 1 ? 
? ? ? 
2 non-polymer syn '2-[(5-methyl-[1,2,4]triazino[5,6-b]indol-3-yl)sulfanyl]-~{N}-(4-pyridin-2-yloxyphenyl)ethanamide' 442.493   1 ? 
? ? ? 
3 water       nat water                                                                                              18.015    2 ? 
? ? ? 
# 
_entity_poly.entity_id                      1 
_entity_poly.type                           'polypeptide(L)' 
_entity_poly.nstd_linkage                   no 
_entity_poly.nstd_monomer                   no 
_entity_poly.pdbx_seq_one_letter_code       
;MGSSHHHHHHSSGLVPRGSHMASNLRVLLDTAIPPSFCDTVSSVLLDDFNMVSLIRTSPADSLATIKQDNAEIDIAITID
EELKISRFNQCVLGYTKAFVVAHPQHPLCNASLHSIASLANYRQISLGSRSGQHSNLLRPVSDKVLFVENFDDMLRLVEA
GVGWGIAPHYFVEERLRNGTLAVLSELYEPGGIDTKVYCYYNTALESERSFLRFLESARQRLRELGRQRFDDAPAWQPS
;
_entity_poly.pdbx_seq_one_letter_code_can   
;MGSSHHHHHHSSGLVPRGSHMASNLRVLLDTAIPPSFCDTVSSVLLDDFNMVSLIRTSPADSLATIKQDNAEIDIAITID
EELKISRFNQCVLGYTKAFVVAHPQHPLCNASLHSIASLANYRQISLGSRSGQHSNLLRPVSDKVLFVENFDDMLRLVEA
GVGWGIAPHYFVEERLRNGTLAVLSELYEPGGIDTKVYCYYNTALESERSFLRFLESARQRLRELGRQRFDDAPAWQPS
;
_entity_poly.pdbx_strand_id                 A 
_entity_poly.pdbx_target_identifier         ? 
# 
loop_
_pdbx_entity_nonpoly.entity_id 
_pdbx_entity_nonpoly.name 
_pdbx_entity_nonpoly.comp_id 
2 '2-[(5-methyl-[1,2,4]triazino[5,6-b]indol-3-yl)sulfanyl]-~{N}-(4-pyridin-2-yloxyphenyl)ethanamide' NV5 
3 water                                                                                              HOH 
# 
loop_
_entity_poly_seq.entity_id 
_entity_poly_seq.num 
_entity_poly_seq.mon_id 
_entity_poly_seq.hetero 
1 1   MET n 
1 2   GLY n 
1 3   SER n 
1 4   SER n 
1 5   HIS n 
1 6   HIS n 
1 7   HIS n 
1 8   HIS n 
1 9   HIS n 
1 10  HIS n 
1 11  SER n 
1 12  SER n 
1 13  GLY n 
1 14  LEU n 
1 15  VAL n 
1 16  PRO n 
1 17  ARG n 
1 18  GLY n 
1 19  SER n 
1 20  HIS n 
1 21  MET n 
1 22  ALA n 
1 23  SER n 
1 24  ASN n 
1 25  LEU n 
1 26  ARG n 
1 27  VAL n 
1 28  LEU n 
1 29  LEU n 
1 30  ASP n 
1 31  THR n 
1 32  ALA n 
1 33  ILE n 
1 34  PRO n 
1 35  PRO n 
1 36  SER n 
1 37  PHE n 
1 38  CYS n 
1 39  ASP n 
1 40  THR n 
1 41  VAL n 
1 42  SER n 
1 43  SER n 
1 44  VAL n 
1 45  LEU n 
1 46  LEU n 
1 47  ASP n 
1 48  ASP n 
1 49  PHE n 
1 50  ASN n 
1 51  MET n 
1 52  VAL n 
1 53  SER n 
1 54  LEU n 
1 55  ILE n 
1 56  ARG n 
1 57  THR n 
1 58  SER n 
1 59  PRO n 
1 60  ALA n 
1 61  ASP n 
1 62  SER n 
1 63  LEU n 
1 64  ALA n 
1 65  THR n 
1 66  ILE n 
1 67  LYS n 
1 68  GLN n 
1 69  ASP n 
1 70  ASN n 
1 71  ALA n 
1 72  GLU n 
1 73  ILE n 
1 74  ASP n 
1 75  ILE n 
1 76  ALA n 
1 77  ILE n 
1 78  THR n 
1 79  ILE n 
1 80  ASP n 
1 81  GLU n 
1 82  GLU n 
1 83  LEU n 
1 84  LYS n 
1 85  ILE n 
1 86  SER n 
1 87  ARG n 
1 88  PHE n 
1 89  ASN n 
1 90  GLN n 
1 91  CYS n 
1 92  VAL n 
1 93  LEU n 
1 94  GLY n 
1 95  TYR n 
1 96  THR n 
1 97  LYS n 
1 98  ALA n 
1 99  PHE n 
1 100 VAL n 
1 101 VAL n 
1 102 ALA n 
1 103 HIS n 
1 104 PRO n 
1 105 GLN n 
1 106 HIS n 
1 107 PRO n 
1 108 LEU n 
1 109 CYS n 
1 110 ASN n 
1 111 ALA n 
1 112 SER n 
1 113 LEU n 
1 114 HIS n 
1 115 SER n 
1 116 ILE n 
1 117 ALA n 
1 118 SER n 
1 119 LEU n 
1 120 ALA n 
1 121 ASN n 
1 122 TYR n 
1 123 ARG n 
1 124 GLN n 
1 125 ILE n 
1 126 SER n 
1 127 LEU n 
1 128 GLY n 
1 129 SER n 
1 130 ARG n 
1 131 SER n 
1 132 GLY n 
1 133 GLN n 
1 134 HIS n 
1 135 SER n 
1 136 ASN n 
1 137 LEU n 
1 138 LEU n 
1 139 ARG n 
1 140 PRO n 
1 141 VAL n 
1 142 SER n 
1 143 ASP n 
1 144 LYS n 
1 145 VAL n 
1 146 LEU n 
1 147 PHE n 
1 148 VAL n 
1 149 GLU n 
1 150 ASN n 
1 151 PHE n 
1 152 ASP n 
1 153 ASP n 
1 154 MET n 
1 155 LEU n 
1 156 ARG n 
1 157 LEU n 
1 158 VAL n 
1 159 GLU n 
1 160 ALA n 
1 161 GLY n 
1 162 VAL n 
1 163 GLY n 
1 164 TRP n 
1 165 GLY n 
1 166 ILE n 
1 167 ALA n 
1 168 PRO n 
1 169 HIS n 
1 170 TYR n 
1 171 PHE n 
1 172 VAL n 
1 173 GLU n 
1 174 GLU n 
1 175 ARG n 
1 176 LEU n 
1 177 ARG n 
1 178 ASN n 
1 179 GLY n 
1 180 THR n 
1 181 LEU n 
1 182 ALA n 
1 183 VAL n 
1 184 LEU n 
1 185 SER n 
1 186 GLU n 
1 187 LEU n 
1 188 TYR n 
1 189 GLU n 
1 190 PRO n 
1 191 GLY n 
1 192 GLY n 
1 193 ILE n 
1 194 ASP n 
1 195 THR n 
1 196 LYS n 
1 197 VAL n 
1 198 TYR n 
1 199 CYS n 
1 200 TYR n 
1 201 TYR n 
1 202 ASN n 
1 203 THR n 
1 204 ALA n 
1 205 LEU n 
1 206 GLU n 
1 207 SER n 
1 208 GLU n 
1 209 ARG n 
1 210 SER n 
1 211 PHE n 
1 212 LEU n 
1 213 ARG n 
1 214 PHE n 
1 215 LEU n 
1 216 GLU n 
1 217 SER n 
1 218 ALA n 
1 219 ARG n 
1 220 GLN n 
1 221 ARG n 
1 222 LEU n 
1 223 ARG n 
1 224 GLU n 
1 225 LEU n 
1 226 GLY n 
1 227 ARG n 
1 228 GLN n 
1 229 ARG n 
1 230 PHE n 
1 231 ASP n 
1 232 ASP n 
1 233 ALA n 
1 234 PRO n 
1 235 ALA n 
1 236 TRP n 
1 237 GLN n 
1 238 PRO n 
1 239 SER n 
# 
_entity_src_gen.entity_id                          1 
_entity_src_gen.pdbx_src_id                        1 
_entity_src_gen.pdbx_alt_source_flag               sample 
_entity_src_gen.pdbx_seq_type                      'Biological sequence' 
_entity_src_gen.pdbx_beg_seq_num                   1 
_entity_src_gen.pdbx_end_seq_num                   239 
_entity_src_gen.gene_src_common_name               ? 
_entity_src_gen.gene_src_genus                     ? 
_entity_src_gen.pdbx_gene_src_gene                 'mvfR, PA14_51340' 
_entity_src_gen.gene_src_species                   ? 
_entity_src_gen.gene_src_strain                    ? 
_entity_src_gen.gene_src_tissue                    ? 
_entity_src_gen.gene_src_tissue_fraction           ? 
_entity_src_gen.gene_src_details                   ? 
_entity_src_gen.pdbx_gene_src_fragment             ? 
_entity_src_gen.pdbx_gene_src_scientific_name      'Pseudomonas aeruginosa UCBPP-PA14' 
_entity_src_gen.pdbx_gene_src_ncbi_taxonomy_id     208963 
_entity_src_gen.pdbx_gene_src_variant              ? 
_entity_src_gen.pdbx_gene_src_cell_line            ? 
_entity_src_gen.pdbx_gene_src_atcc                 ? 
_entity_src_gen.pdbx_gene_src_organ                ? 
_entity_src_gen.pdbx_gene_src_organelle            ? 
_entity_src_gen.pdbx_gene_src_cell                 ? 
_entity_src_gen.pdbx_gene_src_cellular_location    ? 
_entity_src_gen.host_org_common_name               ? 
_entity_src_gen.pdbx_host_org_scientific_name      'Escherichia coli BL21(DE3)' 
_entity_src_gen.pdbx_host_org_ncbi_taxonomy_id     469008 
_entity_src_gen.host_org_genus                     ? 
_entity_src_gen.pdbx_host_org_gene                 ? 
_entity_src_gen.pdbx_host_org_organ                ? 
_entity_src_gen.host_org_species                   ? 
_entity_src_gen.pdbx_host_org_tissue               ? 
_entity_src_gen.pdbx_host_org_tissue_fraction      ? 
_entity_src_gen.pdbx_host_org_strain               ? 
_entity_src_gen.pdbx_host_org_variant              ? 
_entity_src_gen.pdbx_host_org_cell_line            ? 
_entity_src_gen.pdbx_host_org_atcc                 ? 
_entity_src_gen.pdbx_host_org_culture_collection   ? 
_entity_src_gen.pdbx_host_org_cell                 ? 
_entity_src_gen.pdbx_host_org_organelle            ? 
_entity_src_gen.pdbx_host_org_cellular_location    ? 
_entity_src_gen.pdbx_host_org_vector_type          ? 
_entity_src_gen.pdbx_host_org_vector               ? 
_entity_src_gen.host_org_details                   ? 
_entity_src_gen.expression_system_id               ? 
_entity_src_gen.plasmid_name                       ? 
_entity_src_gen.plasmid_details                    ? 
_entity_src_gen.pdbx_description                   ? 
# 
loop_
_chem_comp.id 
_chem_comp.type 
_chem_comp.mon_nstd_flag 
_chem_comp.name 
_chem_comp.pdbx_synonyms 
_chem_comp.formula 
_chem_comp.formula_weight 
ALA 'L-peptide linking' y ALANINE                                                                                            ? 
'C3 H7 N O2'      89.093  
ARG 'L-peptide linking' y ARGININE                                                                                           ? 
'C6 H15 N4 O2 1'  175.209 
ASN 'L-peptide linking' y ASPARAGINE                                                                                         ? 
'C4 H8 N2 O3'     132.118 
ASP 'L-peptide linking' y 'ASPARTIC ACID'                                                                                    ? 
'C4 H7 N O4'      133.103 
CYS 'L-peptide linking' y CYSTEINE                                                                                           ? 
'C3 H7 N O2 S'    121.158 
GLN 'L-peptide linking' y GLUTAMINE                                                                                          ? 
'C5 H10 N2 O3'    146.144 
GLU 'L-peptide linking' y 'GLUTAMIC ACID'                                                                                    ? 
'C5 H9 N O4'      147.129 
GLY 'peptide linking'   y GLYCINE                                                                                            ? 
'C2 H5 N O2'      75.067  
HIS 'L-peptide linking' y HISTIDINE                                                                                          ? 
'C6 H10 N3 O2 1'  156.162 
HOH non-polymer         . WATER                                                                                              ? 
'H2 O'            18.015  
ILE 'L-peptide linking' y ISOLEUCINE                                                                                         ? 
'C6 H13 N O2'     131.173 
LEU 'L-peptide linking' y LEUCINE                                                                                            ? 
'C6 H13 N O2'     131.173 
LYS 'L-peptide linking' y LYSINE                                                                                             ? 
'C6 H15 N2 O2 1'  147.195 
MET 'L-peptide linking' y METHIONINE                                                                                         ? 
'C5 H11 N O2 S'   149.211 
NV5 non-polymer         . '2-[(5-methyl-[1,2,4]triazino[5,6-b]indol-3-yl)sulfanyl]-~{N}-(4-pyridin-2-yloxyphenyl)ethanamide' ? 
'C23 H18 N6 O2 S' 442.493 
PHE 'L-peptide linking' y PHENYLALANINE                                                                                      ? 
'C9 H11 N O2'     165.189 
PRO 'L-peptide linking' y PROLINE                                                                                            ? 
'C5 H9 N O2'      115.130 
SER 'L-peptide linking' y SERINE                                                                                             ? 
'C3 H7 N O3'      105.093 
THR 'L-peptide linking' y THREONINE                                                                                          ? 
'C4 H9 N O3'      119.119 
TRP 'L-peptide linking' y TRYPTOPHAN                                                                                         ? 
'C11 H12 N2 O2'   204.225 
TYR 'L-peptide linking' y TYROSINE                                                                                           ? 
'C9 H11 N O3'     181.189 
VAL 'L-peptide linking' y VALINE                                                                                             ? 
'C5 H11 N O2'     117.146 
# 
loop_
_pdbx_poly_seq_scheme.asym_id 
_pdbx_poly_seq_scheme.entity_id 
_pdbx_poly_seq_scheme.seq_id 
_pdbx_poly_seq_scheme.mon_id 
_pdbx_poly_seq_scheme.ndb_seq_num 
_pdbx_poly_seq_scheme.pdb_seq_num 
_pdbx_poly_seq_scheme.auth_seq_num 
_pdbx_poly_seq_scheme.pdb_mon_id 
_pdbx_poly_seq_scheme.auth_mon_id 
_pdbx_poly_seq_scheme.pdb_strand_id 
_pdbx_poly_seq_scheme.pdb_ins_code 
_pdbx_poly_seq_scheme.hetero 
A 1 1   MET 1   71  ?   ?   ?   A . n 
A 1 2   GLY 2   72  ?   ?   ?   A . n 
A 1 3   SER 3   73  ?   ?   ?   A . n 
A 1 4   SER 4   74  ?   ?   ?   A . n 
A 1 5   HIS 5   75  ?   ?   ?   A . n 
A 1 6   HIS 6   76  ?   ?   ?   A . n 
A 1 7   HIS 7   77  ?   ?   ?   A . n 
A 1 8   HIS 8   78  ?   ?   ?   A . n 
A 1 9   HIS 9   79  ?   ?   ?   A . n 
A 1 10  HIS 10  80  ?   ?   ?   A . n 
A 1 11  SER 11  81  ?   ?   ?   A . n 
A 1 12  SER 12  82  ?   ?   ?   A . n 
A 1 13  GLY 13  83  ?   ?   ?   A . n 
A 1 14  LEU 14  84  ?   ?   ?   A . n 
A 1 15  VAL 15  85  ?   ?   ?   A . n 
A 1 16  PRO 16  86  ?   ?   ?   A . n 
A 1 17  ARG 17  87  ?   ?   ?   A . n 
A 1 18  GLY 18  88  ?   ?   ?   A . n 
A 1 19  SER 19  89  ?   ?   ?   A . n 
A 1 20  HIS 20  90  ?   ?   ?   A . n 
A 1 21  MET 21  91  ?   ?   ?   A . n 
A 1 22  ALA 22  92  ?   ?   ?   A . n 
A 1 23  SER 23  93  ?   ?   ?   A . n 
A 1 24  ASN 24  94  94  ASN ASN A . n 
A 1 25  LEU 25  95  95  LEU LEU A . n 
A 1 26  ARG 26  96  96  ARG ARG A . n 
A 1 27  VAL 27  97  97  VAL VAL A . n 
A 1 28  LEU 28  98  98  LEU LEU A . n 
A 1 29  LEU 29  99  99  LEU LEU A . n 
A 1 30  ASP 30  100 100 ASP ASP A . n 
A 1 31  THR 31  101 101 THR THR A . n 
A 1 32  ALA 32  102 102 ALA ALA A . n 
A 1 33  ILE 33  103 103 ILE ILE A . n 
A 1 34  PRO 34  104 104 PRO PRO A . n 
A 1 35  PRO 35  105 105 PRO PRO A . n 
A 1 36  SER 36  106 106 SER SER A . n 
A 1 37  PHE 37  107 107 PHE PHE A . n 
A 1 38  CYS 38  108 108 CYS CYS A . n 
A 1 39  ASP 39  109 109 ASP ASP A . n 
A 1 40  THR 40  110 110 THR THR A . n 
A 1 41  VAL 41  111 111 VAL VAL A . n 
A 1 42  SER 42  112 112 SER SER A . n 
A 1 43  SER 43  113 113 SER SER A . n 
A 1 44  VAL 44  114 114 VAL VAL A . n 
A 1 45  LEU 45  115 115 LEU LEU A . n 
A 1 46  LEU 46  116 116 LEU LEU A . n 
A 1 47  ASP 47  117 117 ASP ASP A . n 
A 1 48  ASP 48  118 118 ASP ASP A . n 
A 1 49  PHE 49  119 119 PHE PHE A . n 
A 1 50  ASN 50  120 120 ASN ASN A . n 
A 1 51  MET 51  121 121 MET MET A . n 
A 1 52  VAL 52  122 122 VAL VAL A . n 
A 1 53  SER 53  123 123 SER SER A . n 
A 1 54  LEU 54  124 124 LEU LEU A . n 
A 1 55  ILE 55  125 125 ILE ILE A . n 
A 1 56  ARG 56  126 126 ARG ARG A . n 
A 1 57  THR 57  127 127 THR THR A . n 
A 1 58  SER 58  128 128 SER SER A . n 
A 1 59  PRO 59  129 129 PRO PRO A . n 
A 1 60  ALA 60  130 130 ALA ALA A . n 
A 1 61  ASP 61  131 131 ASP ASP A . n 
A 1 62  SER 62  132 132 SER SER A . n 
A 1 63  LEU 63  133 133 LEU LEU A . n 
A 1 64  ALA 64  134 134 ALA ALA A . n 
A 1 65  THR 65  135 135 THR THR A . n 
A 1 66  ILE 66  136 136 ILE ILE A . n 
A 1 67  LYS 67  137 137 LYS LYS A . n 
A 1 68  GLN 68  138 138 GLN GLN A . n 
A 1 69  ASP 69  139 139 ASP ASP A . n 
A 1 70  ASN 70  140 140 ASN ASN A . n 
A 1 71  ALA 71  141 141 ALA ALA A . n 
A 1 72  GLU 72  142 142 GLU GLU A . n 
A 1 73  ILE 73  143 143 ILE ILE A . n 
A 1 74  ASP 74  144 144 ASP ASP A . n 
A 1 75  ILE 75  145 145 ILE ILE A . n 
A 1 76  ALA 76  146 146 ALA ALA A . n 
A 1 77  ILE 77  147 147 ILE ILE A . n 
A 1 78  THR 78  148 148 THR THR A . n 
A 1 79  ILE 79  149 149 ILE ILE A . n 
A 1 80  ASP 80  150 150 ASP ASP A . n 
A 1 81  GLU 81  151 151 GLU GLU A . n 
A 1 82  GLU 82  152 152 GLU GLU A . n 
A 1 83  LEU 83  153 153 LEU LEU A . n 
A 1 84  LYS 84  154 154 LYS LYS A . n 
A 1 85  ILE 85  155 155 ILE ILE A . n 
A 1 86  SER 86  156 156 SER SER A . n 
A 1 87  ARG 87  157 157 ARG ARG A . n 
A 1 88  PHE 88  158 158 PHE PHE A . n 
A 1 89  ASN 89  159 159 ASN ASN A . n 
A 1 90  GLN 90  160 160 GLN GLN A . n 
A 1 91  CYS 91  161 161 CYS CYS A . n 
A 1 92  VAL 92  162 162 VAL VAL A . n 
A 1 93  LEU 93  163 163 LEU LEU A . n 
A 1 94  GLY 94  164 164 GLY GLY A . n 
A 1 95  TYR 95  165 165 TYR TYR A . n 
A 1 96  THR 96  166 166 THR THR A . n 
A 1 97  LYS 97  167 167 LYS LYS A . n 
A 1 98  ALA 98  168 168 ALA ALA A . n 
A 1 99  PHE 99  169 169 PHE PHE A . n 
A 1 100 VAL 100 170 170 VAL VAL A . n 
A 1 101 VAL 101 171 171 VAL VAL A . n 
A 1 102 ALA 102 172 172 ALA ALA A . n 
A 1 103 HIS 103 173 173 HIS HIS A . n 
A 1 104 PRO 104 174 174 PRO PRO A . n 
A 1 105 GLN 105 175 175 GLN GLN A . n 
A 1 106 HIS 106 176 176 HIS HIS A . n 
A 1 107 PRO 107 177 177 PRO PRO A . n 
A 1 108 LEU 108 178 178 LEU LEU A . n 
A 1 109 CYS 109 179 179 CYS CYS A . n 
A 1 110 ASN 110 180 180 ASN ASN A . n 
A 1 111 ALA 111 181 181 ALA ALA A . n 
A 1 112 SER 112 182 182 SER SER A . n 
A 1 113 LEU 113 183 183 LEU LEU A . n 
A 1 114 HIS 114 184 184 HIS HIS A . n 
A 1 115 SER 115 185 185 SER SER A . n 
A 1 116 ILE 116 186 186 ILE ILE A . n 
A 1 117 ALA 117 187 187 ALA ALA A . n 
A 1 118 SER 118 188 188 SER SER A . n 
A 1 119 LEU 119 189 189 LEU LEU A . n 
A 1 120 ALA 120 190 190 ALA ALA A . n 
A 1 121 ASN 121 191 191 ASN ASN A . n 
A 1 122 TYR 122 192 192 TYR TYR A . n 
A 1 123 ARG 123 193 193 ARG ARG A . n 
A 1 124 GLN 124 194 194 GLN GLN A . n 
A 1 125 ILE 125 195 195 ILE ILE A . n 
A 1 126 SER 126 196 196 SER SER A . n 
A 1 127 LEU 127 197 197 LEU LEU A . n 
A 1 128 GLY 128 198 198 GLY GLY A . n 
A 1 129 SER 129 199 199 SER SER A . n 
A 1 130 ARG 130 200 200 ARG ARG A . n 
A 1 131 SER 131 201 201 SER SER A . n 
A 1 132 GLY 132 202 202 GLY GLY A . n 
A 1 133 GLN 133 203 203 GLN GLN A . n 
A 1 134 HIS 134 204 204 HIS HIS A . n 
A 1 135 SER 135 205 205 SER SER A . n 
A 1 136 ASN 136 206 206 ASN ASN A . n 
A 1 137 LEU 137 207 207 LEU LEU A . n 
A 1 138 LEU 138 208 208 LEU LEU A . n 
A 1 139 ARG 139 209 209 ARG ARG A . n 
A 1 140 PRO 140 210 210 PRO PRO A . n 
A 1 141 VAL 141 211 211 VAL VAL A . n 
A 1 142 SER 142 212 212 SER SER A . n 
A 1 143 ASP 143 213 213 ASP ASP A . n 
A 1 144 LYS 144 214 214 LYS LYS A . n 
A 1 145 VAL 145 215 215 VAL VAL A . n 
A 1 146 LEU 146 216 216 LEU LEU A . n 
A 1 147 PHE 147 217 217 PHE PHE A . n 
A 1 148 VAL 148 218 218 VAL VAL A . n 
A 1 149 GLU 149 219 219 GLU GLU A . n 
A 1 150 ASN 150 220 220 ASN ASN A . n 
A 1 151 PHE 151 221 221 PHE PHE A . n 
A 1 152 ASP 152 222 222 ASP ASP A . n 
A 1 153 ASP 153 223 223 ASP ASP A . n 
A 1 154 MET 154 224 224 MET MET A . n 
A 1 155 LEU 155 225 225 LEU LEU A . n 
A 1 156 ARG 156 226 226 ARG ARG A . n 
A 1 157 LEU 157 227 227 LEU LEU A . n 
A 1 158 VAL 158 228 228 VAL VAL A . n 
A 1 159 GLU 159 229 229 GLU GLU A . n 
A 1 160 ALA 160 230 230 ALA ALA A . n 
A 1 161 GLY 161 231 231 GLY GLY A . n 
A 1 162 VAL 162 232 232 VAL VAL A . n 
A 1 163 GLY 163 233 233 GLY GLY A . n 
A 1 164 TRP 164 234 234 TRP TRP A . n 
A 1 165 GLY 165 235 235 GLY GLY A . n 
A 1 166 ILE 166 236 236 ILE ILE A . n 
A 1 167 ALA 167 237 237 ALA ALA A . n 
A 1 168 PRO 168 238 238 PRO PRO A . n 
A 1 169 HIS 169 239 239 HIS HIS A . n 
A 1 170 TYR 170 240 240 TYR TYR A . n 
A 1 171 PHE 171 241 241 PHE PHE A . n 
A 1 172 VAL 172 242 242 VAL VAL A . n 
A 1 173 GLU 173 243 243 GLU GLU A . n 
A 1 174 GLU 174 244 244 GLU GLU A . n 
A 1 175 ARG 175 245 245 ARG ARG A . n 
A 1 176 LEU 176 246 246 LEU LEU A . n 
A 1 177 ARG 177 247 247 ARG ARG A . n 
A 1 178 ASN 178 248 248 ASN ASN A . n 
A 1 179 GLY 179 249 249 GLY GLY A . n 
A 1 180 THR 180 250 250 THR THR A . n 
A 1 181 LEU 181 251 251 LEU LEU A . n 
A 1 182 ALA 182 252 252 ALA ALA A . n 
A 1 183 VAL 183 253 253 VAL VAL A . n 
A 1 184 LEU 184 254 254 LEU LEU A . n 
A 1 185 SER 185 255 255 SER SER A . n 
A 1 186 GLU 186 256 256 GLU GLU A . n 
A 1 187 LEU 187 257 257 LEU LEU A . n 
A 1 188 TYR 188 258 258 TYR TYR A . n 
A 1 189 GLU 189 259 259 GLU GLU A . n 
A 1 190 PRO 190 260 260 PRO PRO A . n 
A 1 191 GLY 191 261 261 GLY GLY A . n 
A 1 192 GLY 192 262 262 GLY GLY A . n 
A 1 193 ILE 193 263 263 ILE ILE A . n 
A 1 194 ASP 194 264 264 ASP ASP A . n 
A 1 195 THR 195 265 265 THR THR A . n 
A 1 196 LYS 196 266 266 LYS LYS A . n 
A 1 197 VAL 197 267 267 VAL VAL A . n 
A 1 198 TYR 198 268 268 TYR TYR A . n 
A 1 199 CYS 199 269 269 CYS CYS A . n 
A 1 200 TYR 200 270 270 TYR TYR A . n 
A 1 201 TYR 201 271 271 TYR TYR A . n 
A 1 202 ASN 202 272 272 ASN ASN A . n 
A 1 203 THR 203 273 273 THR THR A . n 
A 1 204 ALA 204 274 274 ALA ALA A . n 
A 1 205 LEU 205 275 275 LEU LEU A . n 
A 1 206 GLU 206 276 276 GLU GLU A . n 
A 1 207 SER 207 277 277 SER SER A . n 
A 1 208 GLU 208 278 278 GLU GLU A . n 
A 1 209 ARG 209 279 279 ARG ARG A . n 
A 1 210 SER 210 280 280 SER SER A . n 
A 1 211 PHE 211 281 281 PHE PHE A . n 
A 1 212 LEU 212 282 282 LEU LEU A . n 
A 1 213 ARG 213 283 283 ARG ARG A . n 
A 1 214 PHE 214 284 284 PHE PHE A . n 
A 1 215 LEU 215 285 285 LEU LEU A . n 
A 1 216 GLU 216 286 286 GLU GLU A . n 
A 1 217 SER 217 287 287 SER SER A . n 
A 1 218 ALA 218 288 288 ALA ALA A . n 
A 1 219 ARG 219 289 289 ARG ARG A . n 
A 1 220 GLN 220 290 290 GLN GLN A . n 
A 1 221 ARG 221 291 291 ARG ARG A . n 
A 1 222 LEU 222 292 292 LEU LEU A . n 
A 1 223 ARG 223 293 293 ARG ARG A . n 
A 1 224 GLU 224 294 294 GLU GLU A . n 
A 1 225 LEU 225 295 295 LEU LEU A . n 
A 1 226 GLY 226 296 296 GLY GLY A . n 
A 1 227 ARG 227 297 ?   ?   ?   A . n 
A 1 228 GLN 228 298 ?   ?   ?   A . n 
A 1 229 ARG 229 299 ?   ?   ?   A . n 
A 1 230 PHE 230 300 ?   ?   ?   A . n 
A 1 231 ASP 231 301 ?   ?   ?   A . n 
A 1 232 ASP 232 302 ?   ?   ?   A . n 
A 1 233 ALA 233 303 ?   ?   ?   A . n 
A 1 234 PRO 234 304 ?   ?   ?   A . n 
A 1 235 ALA 235 305 ?   ?   ?   A . n 
A 1 236 TRP 236 306 ?   ?   ?   A . n 
A 1 237 GLN 237 307 ?   ?   ?   A . n 
A 1 238 PRO 238 308 ?   ?   ?   A . n 
A 1 239 SER 239 309 ?   ?   ?   A . n 
# 
loop_
_pdbx_nonpoly_scheme.asym_id 
_pdbx_nonpoly_scheme.entity_id 
_pdbx_nonpoly_scheme.mon_id 
_pdbx_nonpoly_scheme.ndb_seq_num 
_pdbx_nonpoly_scheme.pdb_seq_num 
_pdbx_nonpoly_scheme.auth_seq_num 
_pdbx_nonpoly_scheme.pdb_mon_id 
_pdbx_nonpoly_scheme.auth_mon_id 
_pdbx_nonpoly_scheme.pdb_strand_id 
_pdbx_nonpoly_scheme.pdb_ins_code 
B 2 NV5 1 401 301 NV5 LUI A . 
C 3 HOH 1 501 2   HOH HOH A . 
C 3 HOH 2 502 1   HOH HOH A . 
# 
loop_
_pdbx_unobs_or_zero_occ_atoms.id 
_pdbx_unobs_or_zero_occ_atoms.PDB_model_num 
_pdbx_unobs_or_zero_occ_atoms.polymer_flag 
_pdbx_unobs_or_zero_occ_atoms.occupancy_flag 
_pdbx_unobs_or_zero_occ_atoms.auth_asym_id 
_pdbx_unobs_or_zero_occ_atoms.auth_comp_id 
_pdbx_unobs_or_zero_occ_atoms.auth_seq_id 
_pdbx_unobs_or_zero_occ_atoms.PDB_ins_code 
_pdbx_unobs_or_zero_occ_atoms.auth_atom_id 
_pdbx_unobs_or_zero_occ_atoms.label_alt_id 
_pdbx_unobs_or_zero_occ_atoms.label_asym_id 
_pdbx_unobs_or_zero_occ_atoms.label_comp_id 
_pdbx_unobs_or_zero_occ_atoms.label_seq_id 
_pdbx_unobs_or_zero_occ_atoms.label_atom_id 
1 1 Y 1 A LYS 154 ? CG ? A LYS 84 CG 
2 1 Y 1 A LYS 154 ? CD ? A LYS 84 CD 
3 1 Y 1 A LYS 154 ? CE ? A LYS 84 CE 
4 1 Y 1 A LYS 154 ? NZ ? A LYS 84 NZ 
# 
loop_
_software.citation_id 
_software.classification 
_software.compiler_name 
_software.compiler_version 
_software.contact_author 
_software.contact_author_email 
_software.date 
_software.description 
_software.dependencies 
_software.hardware 
_software.language 
_software.location 
_software.mods 
_software.name 
_software.os 
_software.os_version 
_software.type 
_software.version 
_software.pdbx_ordinal 
? refinement       ? ? ? ? ? ? ? ? ? ? ? REFMAC  ? ? ? 5.8.0258 1 
? 'data reduction' ? ? ? ? ? ? ? ? ? ? ? DIALS   ? ? ? .        2 
? 'data scaling'   ? ? ? ? ? ? ? ? ? ? ? Aimless ? ? ? .        3 
? phasing          ? ? ? ? ? ? ? ? ? ? ? PHASER  ? ? ? .        4 
# 
_cell.angle_alpha                  90.000 
_cell.angle_alpha_esd              ? 
_cell.angle_beta                   90.000 
_cell.angle_beta_esd               ? 
_cell.angle_gamma                  120.000 
_cell.angle_gamma_esd              ? 
_cell.entry_id                     6TPR 
_cell.details                      ? 
_cell.formula_units_Z              ? 
_cell.length_a                     118.754 
_cell.length_a_esd                 ? 
_cell.length_b                     118.754 
_cell.length_b_esd                 ? 
_cell.length_c                     115.242 
_cell.length_c_esd                 ? 
_cell.volume                       ? 
_cell.volume_esd                   ? 
_cell.Z_PDB                        12 
_cell.reciprocal_angle_alpha       ? 
_cell.reciprocal_angle_beta        ? 
_cell.reciprocal_angle_gamma       ? 
_cell.reciprocal_angle_alpha_esd   ? 
_cell.reciprocal_angle_beta_esd    ? 
_cell.reciprocal_angle_gamma_esd   ? 
_cell.reciprocal_length_a          ? 
_cell.reciprocal_length_b          ? 
_cell.reciprocal_length_c          ? 
_cell.reciprocal_length_a_esd      ? 
_cell.reciprocal_length_b_esd      ? 
_cell.reciprocal_length_c_esd      ? 
_cell.pdbx_unique_axis             ? 
# 
_symmetry.entry_id                         6TPR 
_symmetry.cell_setting                     ? 
_symmetry.Int_Tables_number                179 
_symmetry.space_group_name_Hall            ? 
_symmetry.space_group_name_H-M             'P 65 2 2' 
_symmetry.pdbx_full_space_group_name_H-M   ? 
# 
_exptl.absorpt_coefficient_mu     ? 
_exptl.absorpt_correction_T_max   ? 
_exptl.absorpt_correction_T_min   ? 
_exptl.absorpt_correction_type    ? 
_exptl.absorpt_process_details    ? 
_exptl.entry_id                   6TPR 
_exptl.crystals_number            1 
_exptl.details                    ? 
_exptl.method                     'X-RAY DIFFRACTION' 
_exptl.method_details             ? 
# 
_exptl_crystal.colour                      ? 
_exptl_crystal.density_diffrn              ? 
_exptl_crystal.density_Matthews            4.38 
_exptl_crystal.density_method              ? 
_exptl_crystal.density_percent_sol         71.95 
_exptl_crystal.description                 ? 
_exptl_crystal.F_000                       ? 
_exptl_crystal.id                          1 
_exptl_crystal.preparation                 ? 
_exptl_crystal.size_max                    ? 
_exptl_crystal.size_mid                    ? 
_exptl_crystal.size_min                    ? 
_exptl_crystal.size_rad                    ? 
_exptl_crystal.colour_lustre               ? 
_exptl_crystal.colour_modifier             ? 
_exptl_crystal.colour_primary              ? 
_exptl_crystal.density_meas                ? 
_exptl_crystal.density_meas_esd            ? 
_exptl_crystal.density_meas_gt             ? 
_exptl_crystal.density_meas_lt             ? 
_exptl_crystal.density_meas_temp           ? 
_exptl_crystal.density_meas_temp_esd       ? 
_exptl_crystal.density_meas_temp_gt        ? 
_exptl_crystal.density_meas_temp_lt        ? 
_exptl_crystal.pdbx_crystal_image_url      ? 
_exptl_crystal.pdbx_crystal_image_format   ? 
_exptl_crystal.pdbx_mosaicity              ? 
_exptl_crystal.pdbx_mosaicity_esd          ? 
# 
_exptl_crystal_grow.apparatus       ? 
_exptl_crystal_grow.atmosphere      ? 
_exptl_crystal_grow.crystal_id      1 
_exptl_crystal_grow.details         ? 
_exptl_crystal_grow.method          'VAPOR DIFFUSION, SITTING DROP' 
_exptl_crystal_grow.method_ref      ? 
_exptl_crystal_grow.pH              6 
_exptl_crystal_grow.pressure        ? 
_exptl_crystal_grow.pressure_esd    ? 
_exptl_crystal_grow.seeding         ? 
_exptl_crystal_grow.seeding_ref     ? 
_exptl_crystal_grow.temp            293 
_exptl_crystal_grow.temp_details    ? 
_exptl_crystal_grow.temp_esd        ? 
_exptl_crystal_grow.time            ? 
_exptl_crystal_grow.pdbx_details    '100 mM Sodium citrate, 200 mM Ammonium acetate, 3% (v/v) MPD' 
_exptl_crystal_grow.pdbx_pH_range   ? 
# 
_diffrn.ambient_environment              ? 
_diffrn.ambient_temp                     100 
_diffrn.ambient_temp_details             ? 
_diffrn.ambient_temp_esd                 ? 
_diffrn.crystal_id                       1 
_diffrn.crystal_support                  ? 
_diffrn.crystal_treatment                ? 
_diffrn.details                          ? 
_diffrn.id                               1 
_diffrn.ambient_pressure                 ? 
_diffrn.ambient_pressure_esd             ? 
_diffrn.ambient_pressure_gt              ? 
_diffrn.ambient_pressure_lt              ? 
_diffrn.ambient_temp_gt                  ? 
_diffrn.ambient_temp_lt                  ? 
_diffrn.pdbx_serial_crystal_experiment   N 
# 
_diffrn_detector.details                      ? 
_diffrn_detector.detector                     PIXEL 
_diffrn_detector.diffrn_id                    1 
_diffrn_detector.type                         'DECTRIS PILATUS 6M-F' 
_diffrn_detector.area_resol_mean              ? 
_diffrn_detector.dtime                        ? 
_diffrn_detector.pdbx_frames_total            ? 
_diffrn_detector.pdbx_collection_time_total   ? 
_diffrn_detector.pdbx_collection_date         2018-10-21 
_diffrn_detector.pdbx_frequency               ? 
# 
_diffrn_radiation.collimation                      ? 
_diffrn_radiation.diffrn_id                        1 
_diffrn_radiation.filter_edge                      ? 
_diffrn_radiation.inhomogeneity                    ? 
_diffrn_radiation.monochromator                    ? 
_diffrn_radiation.polarisn_norm                    ? 
_diffrn_radiation.polarisn_ratio                   ? 
_diffrn_radiation.probe                            ? 
_diffrn_radiation.type                             ? 
_diffrn_radiation.xray_symbol                      ? 
_diffrn_radiation.wavelength_id                    1 
_diffrn_radiation.pdbx_monochromatic_or_laue_m_l   M 
_diffrn_radiation.pdbx_wavelength_list             ? 
_diffrn_radiation.pdbx_wavelength                  ? 
_diffrn_radiation.pdbx_diffrn_protocol             'SINGLE WAVELENGTH' 
_diffrn_radiation.pdbx_analyzer                    ? 
_diffrn_radiation.pdbx_scattering_type             x-ray 
# 
_diffrn_radiation_wavelength.id           1 
_diffrn_radiation_wavelength.wavelength   0.9159 
_diffrn_radiation_wavelength.wt           1.0 
# 
_diffrn_source.current                     ? 
_diffrn_source.details                     ? 
_diffrn_source.diffrn_id                   1 
_diffrn_source.power                       ? 
_diffrn_source.size                        ? 
_diffrn_source.source                      SYNCHROTRON 
_diffrn_source.target                      ? 
_diffrn_source.type                        'DIAMOND BEAMLINE I04-1' 
_diffrn_source.voltage                     ? 
_diffrn_source.take-off_angle              ? 
_diffrn_source.pdbx_wavelength_list        0.9159 
_diffrn_source.pdbx_wavelength             ? 
_diffrn_source.pdbx_synchrotron_beamline   I04-1 
_diffrn_source.pdbx_synchrotron_site       Diamond 
# 
_reflns.B_iso_Wilson_estimate            ? 
_reflns.entry_id                         6TPR 
_reflns.data_reduction_details           ? 
_reflns.data_reduction_method            ? 
_reflns.d_resolution_high                3.2 
_reflns.d_resolution_low                 115.242 
_reflns.details                          ? 
_reflns.limit_h_max                      ? 
_reflns.limit_h_min                      ? 
_reflns.limit_k_max                      ? 
_reflns.limit_k_min                      ? 
_reflns.limit_l_max                      ? 
_reflns.limit_l_min                      ? 
_reflns.number_all                       ? 
_reflns.number_obs                       8390 
_reflns.observed_criterion               ? 
_reflns.observed_criterion_F_max         ? 
_reflns.observed_criterion_F_min         ? 
_reflns.observed_criterion_I_max         ? 
_reflns.observed_criterion_I_min         ? 
_reflns.observed_criterion_sigma_F       ? 
_reflns.observed_criterion_sigma_I       ? 
_reflns.percent_possible_obs             99.9 
_reflns.R_free_details                   ? 
_reflns.Rmerge_F_all                     ? 
_reflns.Rmerge_F_obs                     ? 
_reflns.Friedel_coverage                 ? 
_reflns.number_gt                        ? 
_reflns.threshold_expression             ? 
_reflns.pdbx_redundancy                  13.5 
_reflns.pdbx_Rmerge_I_obs                0.234 
_reflns.pdbx_Rmerge_I_all                ? 
_reflns.pdbx_Rsym_value                  ? 
_reflns.pdbx_netI_over_av_sigmaI         ? 
_reflns.pdbx_netI_over_sigmaI            6.6 
_reflns.pdbx_res_netI_over_av_sigmaI_2   ? 
_reflns.pdbx_res_netI_over_sigmaI_2      ? 
_reflns.pdbx_chi_squared                 ? 
_reflns.pdbx_scaling_rejects             ? 
_reflns.pdbx_d_res_high_opt              ? 
_reflns.pdbx_d_res_low_opt               ? 
_reflns.pdbx_d_res_opt_method            ? 
_reflns.phase_calculation_details        ? 
_reflns.pdbx_Rrim_I_all                  ? 
_reflns.pdbx_Rpim_I_all                  ? 
_reflns.pdbx_d_opt                       ? 
_reflns.pdbx_number_measured_all         ? 
_reflns.pdbx_diffrn_id                   1 
_reflns.pdbx_ordinal                     1 
_reflns.pdbx_CC_half                     0.98 
_reflns.pdbx_CC_star                     ? 
_reflns.pdbx_R_split                     ? 
# 
_reflns_shell.d_res_high                  3.20 
_reflns_shell.d_res_low                   3.42 
_reflns_shell.meanI_over_sigI_all         ? 
_reflns_shell.meanI_over_sigI_obs         ? 
_reflns_shell.number_measured_all         ? 
_reflns_shell.number_measured_obs         ? 
_reflns_shell.number_possible             ? 
_reflns_shell.number_unique_all           ? 
_reflns_shell.number_unique_obs           1466 
_reflns_shell.percent_possible_all        99.7 
_reflns_shell.percent_possible_obs        ? 
_reflns_shell.Rmerge_F_all                ? 
_reflns_shell.Rmerge_F_obs                ? 
_reflns_shell.Rmerge_I_all                ? 
_reflns_shell.Rmerge_I_obs                1.392 
_reflns_shell.meanI_over_sigI_gt          ? 
_reflns_shell.meanI_over_uI_all           ? 
_reflns_shell.meanI_over_uI_gt            ? 
_reflns_shell.number_measured_gt          ? 
_reflns_shell.number_unique_gt            ? 
_reflns_shell.percent_possible_gt         ? 
_reflns_shell.Rmerge_F_gt                 ? 
_reflns_shell.Rmerge_I_gt                 ? 
_reflns_shell.pdbx_redundancy             14.0 
_reflns_shell.pdbx_Rsym_value             ? 
_reflns_shell.pdbx_chi_squared            ? 
_reflns_shell.pdbx_netI_over_sigmaI_all   ? 
_reflns_shell.pdbx_netI_over_sigmaI_obs   ? 
_reflns_shell.pdbx_Rrim_I_all             ? 
_reflns_shell.pdbx_Rpim_I_all             ? 
_reflns_shell.pdbx_rejects                ? 
_reflns_shell.pdbx_ordinal                1 
_reflns_shell.pdbx_diffrn_id              1 
_reflns_shell.pdbx_CC_half                0.982 
_reflns_shell.pdbx_CC_star                ? 
_reflns_shell.pdbx_R_split                ? 
# 
_refine.aniso_B[1][1]                            4.000 
_refine.aniso_B[1][2]                            2.000 
_refine.aniso_B[1][3]                            0.000 
_refine.aniso_B[2][2]                            4.000 
_refine.aniso_B[2][3]                            0.000 
_refine.aniso_B[3][3]                            -12.976 
_refine.B_iso_max                                ? 
_refine.B_iso_mean                               125.861 
_refine.B_iso_min                                ? 
_refine.correlation_coeff_Fo_to_Fc               0.941 
_refine.correlation_coeff_Fo_to_Fc_free          0.939 
_refine.details                                  'Hydrogens have been added in their riding positions' 
_refine.diff_density_max                         ? 
_refine.diff_density_max_esd                     ? 
_refine.diff_density_min                         ? 
_refine.diff_density_min_esd                     ? 
_refine.diff_density_rms                         ? 
_refine.diff_density_rms_esd                     ? 
_refine.entry_id                                 6TPR 
_refine.pdbx_refine_id                           'X-RAY DIFFRACTION' 
_refine.ls_abs_structure_details                 ? 
_refine.ls_abs_structure_Flack                   ? 
_refine.ls_abs_structure_Flack_esd               ? 
_refine.ls_abs_structure_Rogers                  ? 
_refine.ls_abs_structure_Rogers_esd              ? 
_refine.ls_d_res_high                            3.200 
_refine.ls_d_res_low                             115.24 
_refine.ls_extinction_coef                       ? 
_refine.ls_extinction_coef_esd                   ? 
_refine.ls_extinction_expression                 ? 
_refine.ls_extinction_method                     ? 
_refine.ls_goodness_of_fit_all                   ? 
_refine.ls_goodness_of_fit_all_esd               ? 
_refine.ls_goodness_of_fit_obs                   ? 
_refine.ls_goodness_of_fit_obs_esd               ? 
_refine.ls_hydrogen_treatment                    ? 
_refine.ls_matrix_type                           ? 
_refine.ls_number_constraints                    ? 
_refine.ls_number_parameters                     ? 
_refine.ls_number_reflns_all                     ? 
_refine.ls_number_reflns_obs                     8357 
_refine.ls_number_reflns_R_free                  413 
_refine.ls_number_reflns_R_work                  ? 
_refine.ls_number_restraints                     ? 
_refine.ls_percent_reflns_obs                    99.916 
_refine.ls_percent_reflns_R_free                 4.942 
_refine.ls_R_factor_all                          0.208 
_refine.ls_R_factor_obs                          ? 
_refine.ls_R_factor_R_free                       0.2419 
_refine.ls_R_factor_R_free_error                 ? 
_refine.ls_R_factor_R_free_error_details         ? 
_refine.ls_R_factor_R_work                       0.2066 
_refine.ls_R_Fsqd_factor_obs                     ? 
_refine.ls_R_I_factor_obs                        ? 
_refine.ls_redundancy_reflns_all                 ? 
_refine.ls_redundancy_reflns_obs                 ? 
_refine.ls_restrained_S_all                      ? 
_refine.ls_restrained_S_obs                      ? 
_refine.ls_shift_over_esd_max                    ? 
_refine.ls_shift_over_esd_mean                   ? 
_refine.ls_structure_factor_coef                 ? 
_refine.ls_weighting_details                     ? 
_refine.ls_weighting_scheme                      ? 
_refine.ls_wR_factor_all                         ? 
_refine.ls_wR_factor_obs                         ? 
_refine.ls_wR_factor_R_free                      ? 
_refine.ls_wR_factor_R_work                      ? 
_refine.occupancy_max                            ? 
_refine.occupancy_min                            ? 
_refine.solvent_model_details                    ? 
_refine.solvent_model_param_bsol                 ? 
_refine.solvent_model_param_ksol                 ? 
_refine.pdbx_R_complete                          ? 
_refine.ls_R_factor_gt                           ? 
_refine.ls_goodness_of_fit_gt                    ? 
_refine.ls_goodness_of_fit_ref                   ? 
_refine.ls_shift_over_su_max                     ? 
_refine.ls_shift_over_su_max_lt                  ? 
_refine.ls_shift_over_su_mean                    ? 
_refine.ls_shift_over_su_mean_lt                 ? 
_refine.pdbx_ls_sigma_I                          ? 
_refine.pdbx_ls_sigma_F                          ? 
_refine.pdbx_ls_sigma_Fsqd                       ? 
_refine.pdbx_data_cutoff_high_absF               ? 
_refine.pdbx_data_cutoff_high_rms_absF           ? 
_refine.pdbx_data_cutoff_low_absF                ? 
_refine.pdbx_isotropic_thermal_model             ? 
_refine.pdbx_ls_cross_valid_method               'FREE R-VALUE' 
_refine.pdbx_method_to_determine_struct          'MOLECULAR REPLACEMENT' 
_refine.pdbx_starting_model                      '6q7w, 4jvc' 
_refine.pdbx_stereochemistry_target_values       ? 
_refine.pdbx_R_Free_selection_details            RANDOM 
_refine.pdbx_stereochem_target_val_spec_case     ? 
_refine.pdbx_overall_ESU_R                       0.717 
_refine.pdbx_overall_ESU_R_Free                  0.357 
_refine.pdbx_solvent_vdw_probe_radii             1.200 
_refine.pdbx_solvent_ion_probe_radii             0.800 
_refine.pdbx_solvent_shrinkage_radii             0.800 
_refine.pdbx_real_space_R                        ? 
_refine.pdbx_density_correlation                 ? 
_refine.pdbx_pd_number_of_powder_patterns        ? 
_refine.pdbx_pd_number_of_points                 ? 
_refine.pdbx_pd_meas_number_of_points            ? 
_refine.pdbx_pd_proc_ls_prof_R_factor            ? 
_refine.pdbx_pd_proc_ls_prof_wR_factor           ? 
_refine.pdbx_pd_Marquardt_correlation_coeff      ? 
_refine.pdbx_pd_Fsqrd_R_factor                   ? 
_refine.pdbx_pd_ls_matrix_band_width             ? 
_refine.pdbx_overall_phase_error                 ? 
_refine.pdbx_overall_SU_R_free_Cruickshank_DPI   ? 
_refine.pdbx_overall_SU_R_free_Blow_DPI          ? 
_refine.pdbx_overall_SU_R_Blow_DPI               ? 
_refine.pdbx_TLS_residual_ADP_flag               ? 
_refine.pdbx_diffrn_id                           1 
_refine.overall_SU_B                             20.575 
_refine.overall_SU_ML                            0.313 
_refine.overall_SU_R_Cruickshank_DPI             ? 
_refine.overall_SU_R_free                        ? 
_refine.overall_FOM_free_R_set                   ? 
_refine.overall_FOM_work_R_set                   ? 
_refine.pdbx_average_fsc_overall                 ? 
_refine.pdbx_average_fsc_work                    ? 
_refine.pdbx_average_fsc_free                    ? 
# 
_refine_hist.pdbx_refine_id                   'X-RAY DIFFRACTION' 
_refine_hist.cycle_id                         LAST 
_refine_hist.pdbx_number_atoms_protein        1594 
_refine_hist.pdbx_number_atoms_nucleic_acid   0 
_refine_hist.pdbx_number_atoms_ligand         32 
_refine_hist.number_atoms_solvent             2 
_refine_hist.number_atoms_total               1628 
_refine_hist.d_res_high                       3.200 
_refine_hist.d_res_low                        115.24 
# 
loop_
_refine_ls_restr.pdbx_refine_id 
_refine_ls_restr.criterion 
_refine_ls_restr.dev_ideal 
_refine_ls_restr.dev_ideal_target 
_refine_ls_restr.number 
_refine_ls_restr.rejects 
_refine_ls_restr.type 
_refine_ls_restr.weight 
_refine_ls_restr.pdbx_restraint_function 
'X-RAY DIFFRACTION' ? 0.004  0.012   1660 ? r_bond_refined_d               ? ? 
'X-RAY DIFFRACTION' ? 1.289  1.628   2256 ? r_angle_refined_deg            ? ? 
'X-RAY DIFFRACTION' ? 8.393  5.000   202  ? r_dihedral_angle_1_deg         ? ? 
'X-RAY DIFFRACTION' ? 30.450 21.429  91   ? r_dihedral_angle_2_deg         ? ? 
'X-RAY DIFFRACTION' ? 18.503 15.000  271  ? r_dihedral_angle_3_deg         ? ? 
'X-RAY DIFFRACTION' ? 16.792 15.000  14   ? r_dihedral_angle_4_deg         ? ? 
'X-RAY DIFFRACTION' ? 0.085  0.200   214  ? r_chiral_restr                 ? ? 
'X-RAY DIFFRACTION' ? 0.005  0.020   1293 ? r_gen_planes_refined           ? ? 
'X-RAY DIFFRACTION' ? 0.278  0.200   815  ? r_nbd_refined                  ? ? 
'X-RAY DIFFRACTION' ? 0.309  0.200   1152 ? r_nbtor_refined                ? ? 
'X-RAY DIFFRACTION' ? 0.171  0.200   68   ? r_xyhbond_nbd_refined          ? ? 
'X-RAY DIFFRACTION' ? 0.272  0.200   33   ? r_symmetry_nbd_refined         ? ? 
'X-RAY DIFFRACTION' ? 0.175  0.200   3    ? r_symmetry_xyhbond_nbd_refined ? ? 
'X-RAY DIFFRACTION' ? 8.357  12.390  811  ? r_mcbond_it                    ? ? 
'X-RAY DIFFRACTION' ? 13.162 18.562  1012 ? r_mcangle_it                   ? ? 
'X-RAY DIFFRACTION' ? 8.851  12.715  848  ? r_scbond_it                    ? ? 
'X-RAY DIFFRACTION' ? 13.701 18.865  1244 ? r_scangle_it                   ? ? 
'X-RAY DIFFRACTION' ? 19.136 169.918 2555 ? r_lrange_it                    ? ? 
# 
loop_
_refine_ls_shell.pdbx_refine_id 
_refine_ls_shell.d_res_high 
_refine_ls_shell.d_res_low 
_refine_ls_shell.number_reflns_all 
_refine_ls_shell.number_reflns_obs 
_refine_ls_shell.number_reflns_R_free 
_refine_ls_shell.number_reflns_R_work 
_refine_ls_shell.percent_reflns_obs 
_refine_ls_shell.percent_reflns_R_free 
_refine_ls_shell.R_factor_all 
_refine_ls_shell.R_factor_obs 
_refine_ls_shell.R_factor_R_free 
_refine_ls_shell.R_factor_R_free_error 
_refine_ls_shell.R_factor_R_work 
_refine_ls_shell.redundancy_reflns_all 
_refine_ls_shell.redundancy_reflns_obs 
_refine_ls_shell.wR_factor_all 
_refine_ls_shell.wR_factor_obs 
_refine_ls_shell.wR_factor_R_free 
_refine_ls_shell.wR_factor_R_work 
_refine_ls_shell.pdbx_R_complete 
_refine_ls_shell.pdbx_total_number_of_bins_used 
_refine_ls_shell.pdbx_phase_error 
_refine_ls_shell.pdbx_fsc_work 
_refine_ls_shell.pdbx_fsc_free 
'X-RAY DIFFRACTION' 3.200  3.283  . . 28 565 99.6639  . . . 0.333 . 0.380 . . . . . . . . . . . 
'X-RAY DIFFRACTION' 3.283  3.373  . . 25 564 100.0000 . . . 0.449 . 0.341 . . . . . . . . . . . 
'X-RAY DIFFRACTION' 3.373  3.471  . . 29 532 100.0000 . . . 0.356 . 0.313 . . . . . . . . . . . 
'X-RAY DIFFRACTION' 3.471  3.578  . . 33 519 100.0000 . . . 0.306 . 0.313 . . . . . . . . . . . 
'X-RAY DIFFRACTION' 3.578  3.695  . . 33 514 100.0000 . . . 0.274 . 0.281 . . . . . . . . . . . 
'X-RAY DIFFRACTION' 3.695  3.825  . . 25 493 100.0000 . . . 0.332 . 0.244 . . . . . . . . . . . 
'X-RAY DIFFRACTION' 3.825  3.969  . . 31 481 100.0000 . . . 0.254 . 0.237 . . . . . . . . . . . 
'X-RAY DIFFRACTION' 3.969  4.131  . . 18 466 100.0000 . . . 0.231 . 0.217 . . . . . . . . . . . 
'X-RAY DIFFRACTION' 4.131  4.314  . . 21 437 100.0000 . . . 0.337 . 0.191 . . . . . . . . . . . 
'X-RAY DIFFRACTION' 4.314  4.524  . . 16 442 100.0000 . . . 0.258 . 0.164 . . . . . . . . . . . 
'X-RAY DIFFRACTION' 4.524  4.769  . . 16 416 100.0000 . . . 0.187 . 0.125 . . . . . . . . . . . 
'X-RAY DIFFRACTION' 4.769  5.057  . . 18 390 100.0000 . . . 0.164 . 0.135 . . . . . . . . . . . 
'X-RAY DIFFRACTION' 5.057  5.406  . . 14 379 100.0000 . . . 0.163 . 0.157 . . . . . . . . . . . 
'X-RAY DIFFRACTION' 5.406  5.838  . . 21 335 100.0000 . . . 0.200 . 0.171 . . . . . . . . . . . 
'X-RAY DIFFRACTION' 5.838  6.393  . . 14 330 100.0000 . . . 0.270 . 0.203 . . . . . . . . . . . 
'X-RAY DIFFRACTION' 6.393  7.145  . . 31 280 100.0000 . . . 0.290 . 0.206 . . . . . . . . . . . 
'X-RAY DIFFRACTION' 7.145  8.245  . . 13 264 100.0000 . . . 0.174 . 0.192 . . . . . . . . . . . 
'X-RAY DIFFRACTION' 8.245  10.086 . . 12 226 100.0000 . . . 0.114 . 0.154 . . . . . . . . . . . 
'X-RAY DIFFRACTION' 10.086 14.209 . . 7  190 100.0000 . . . 0.118 . 0.157 . . . . . . . . . . . 
'X-RAY DIFFRACTION' 14.209 115.24 . . 8  121 97.7273  . . . 0.345 . 0.381 . . . . . . . . . . . 
# 
_struct.entry_id                     6TPR 
_struct.title                        'PqsR (MvfR) bound to inhibitory compound 40' 
_struct.pdbx_model_details           ? 
_struct.pdbx_formula_weight          ? 
_struct.pdbx_formula_weight_method   ? 
_struct.pdbx_model_type_details      ? 
_struct.pdbx_CASP_flag               N 
# 
_struct_keywords.entry_id        6TPR 
_struct_keywords.text            'Pseudomonas aeruginosa, Quorum sensing, DNA BINDING PROTEIN' 
_struct_keywords.pdbx_keywords   'DNA BINDING PROTEIN' 
# 
loop_
_struct_asym.id 
_struct_asym.pdbx_blank_PDB_chainid_flag 
_struct_asym.pdbx_modified 
_struct_asym.entity_id 
_struct_asym.details 
A N N 1 ? 
B N N 2 ? 
C N N 3 ? 
# 
_struct_ref.id                         1 
_struct_ref.db_name                    UNP 
_struct_ref.db_code                    A0A0H2Z7A6_PSEAB 
_struct_ref.pdbx_db_accession          A0A0H2Z7A6 
_struct_ref.pdbx_db_isoform            ? 
_struct_ref.entity_id                  1 
_struct_ref.pdbx_seq_one_letter_code   
;NLRVLLDTAIPPSFCDTVSSVLLDDFNMVSLIRTSPADSLATIKQDNAEIDIAITIDEELKISRFNQCVLGYTKAFVVAH
PQHPLCNASLHSIASLANYRQISLGSRSGQHSNLLRPVSDKVLFVENFDDMLRLVEAGVGWGIAPHYFVEERLRNGTLAV
LSELYEPGGIDTKVYCYYNTALESERSFLRFLESARQRLRELGRQRFDDAPAWQPS
;
_struct_ref.pdbx_align_begin           94 
# 
_struct_ref_seq.align_id                      1 
_struct_ref_seq.ref_id                        1 
_struct_ref_seq.pdbx_PDB_id_code              6TPR 
_struct_ref_seq.pdbx_strand_id                A 
_struct_ref_seq.seq_align_beg                 24 
_struct_ref_seq.pdbx_seq_align_beg_ins_code   ? 
_struct_ref_seq.seq_align_end                 239 
_struct_ref_seq.pdbx_seq_align_end_ins_code   ? 
_struct_ref_seq.pdbx_db_accession             A0A0H2Z7A6 
_struct_ref_seq.db_align_beg                  94 
_struct_ref_seq.pdbx_db_align_beg_ins_code    ? 
_struct_ref_seq.db_align_end                  309 
_struct_ref_seq.pdbx_db_align_end_ins_code    ? 
_struct_ref_seq.pdbx_auth_seq_align_beg       94 
_struct_ref_seq.pdbx_auth_seq_align_end       309 
# 
loop_
_struct_ref_seq_dif.align_id 
_struct_ref_seq_dif.pdbx_pdb_id_code 
_struct_ref_seq_dif.mon_id 
_struct_ref_seq_dif.pdbx_pdb_strand_id 
_struct_ref_seq_dif.seq_num 
_struct_ref_seq_dif.pdbx_pdb_ins_code 
_struct_ref_seq_dif.pdbx_seq_db_name 
_struct_ref_seq_dif.pdbx_seq_db_accession_code 
_struct_ref_seq_dif.db_mon_id 
_struct_ref_seq_dif.pdbx_seq_db_seq_num 
_struct_ref_seq_dif.details 
_struct_ref_seq_dif.pdbx_auth_seq_num 
_struct_ref_seq_dif.pdbx_ordinal 
1 6TPR MET A 1  ? UNP A0A0H2Z7A6 ? ? 'initiating methionine' 71 1  
1 6TPR GLY A 2  ? UNP A0A0H2Z7A6 ? ? 'expression tag'        72 2  
1 6TPR SER A 3  ? UNP A0A0H2Z7A6 ? ? 'expression tag'        73 3  
1 6TPR SER A 4  ? UNP A0A0H2Z7A6 ? ? 'expression tag'        74 4  
1 6TPR HIS A 5  ? UNP A0A0H2Z7A6 ? ? 'expression tag'        75 5  
1 6TPR HIS A 6  ? UNP A0A0H2Z7A6 ? ? 'expression tag'        76 6  
1 6TPR HIS A 7  ? UNP A0A0H2Z7A6 ? ? 'expression tag'        77 7  
1 6TPR HIS A 8  ? UNP A0A0H2Z7A6 ? ? 'expression tag'        78 8  
1 6TPR HIS A 9  ? UNP A0A0H2Z7A6 ? ? 'expression tag'        79 9  
1 6TPR HIS A 10 ? UNP A0A0H2Z7A6 ? ? 'expression tag'        80 10 
1 6TPR SER A 11 ? UNP A0A0H2Z7A6 ? ? 'expression tag'        81 11 
1 6TPR SER A 12 ? UNP A0A0H2Z7A6 ? ? 'expression tag'        82 12 
1 6TPR GLY A 13 ? UNP A0A0H2Z7A6 ? ? 'expression tag'        83 13 
1 6TPR LEU A 14 ? UNP A0A0H2Z7A6 ? ? 'expression tag'        84 14 
1 6TPR VAL A 15 ? UNP A0A0H2Z7A6 ? ? 'expression tag'        85 15 
1 6TPR PRO A 16 ? UNP A0A0H2Z7A6 ? ? 'expression tag'        86 16 
1 6TPR ARG A 17 ? UNP A0A0H2Z7A6 ? ? 'expression tag'        87 17 
1 6TPR GLY A 18 ? UNP A0A0H2Z7A6 ? ? 'expression tag'        88 18 
1 6TPR SER A 19 ? UNP A0A0H2Z7A6 ? ? 'expression tag'        89 19 
1 6TPR HIS A 20 ? UNP A0A0H2Z7A6 ? ? 'expression tag'        90 20 
1 6TPR MET A 21 ? UNP A0A0H2Z7A6 ? ? 'expression tag'        91 21 
1 6TPR ALA A 22 ? UNP A0A0H2Z7A6 ? ? 'expression tag'        92 22 
1 6TPR SER A 23 ? UNP A0A0H2Z7A6 ? ? 'expression tag'        93 23 
# 
_pdbx_struct_assembly.id                   1 
_pdbx_struct_assembly.details              author_and_software_defined_assembly 
_pdbx_struct_assembly.method_details       PISA 
_pdbx_struct_assembly.oligomeric_details   dimeric 
_pdbx_struct_assembly.oligomeric_count     2 
# 
loop_
_pdbx_struct_assembly_prop.biol_id 
_pdbx_struct_assembly_prop.type 
_pdbx_struct_assembly_prop.value 
_pdbx_struct_assembly_prop.details 
1 'ABSA (A^2)' 2180  ? 
1 MORE         -4    ? 
1 'SSA (A^2)'  18000 ? 
# 
_pdbx_struct_assembly_gen.assembly_id       1 
_pdbx_struct_assembly_gen.oper_expression   1,2 
_pdbx_struct_assembly_gen.asym_id_list      A,B,C 
# 
_pdbx_struct_assembly_auth_evidence.id                     1 
_pdbx_struct_assembly_auth_evidence.assembly_id            1 
_pdbx_struct_assembly_auth_evidence.experimental_support   'gel filtration' 
_pdbx_struct_assembly_auth_evidence.details                ? 
# 
loop_
_pdbx_struct_oper_list.id 
_pdbx_struct_oper_list.type 
_pdbx_struct_oper_list.name 
_pdbx_struct_oper_list.symmetry_operation 
_pdbx_struct_oper_list.matrix[1][1] 
_pdbx_struct_oper_list.matrix[1][2] 
_pdbx_struct_oper_list.matrix[1][3] 
_pdbx_struct_oper_list.vector[1] 
_pdbx_struct_oper_list.matrix[2][1] 
_pdbx_struct_oper_list.matrix[2][2] 
_pdbx_struct_oper_list.matrix[2][3] 
_pdbx_struct_oper_list.vector[2] 
_pdbx_struct_oper_list.matrix[3][1] 
_pdbx_struct_oper_list.matrix[3][2] 
_pdbx_struct_oper_list.matrix[3][3] 
_pdbx_struct_oper_list.vector[3] 
1 'identity operation'         1_555 x,y,z              1.0000000000  0.0000000000  0.0000000000  0.0000000000   0.0000000000  1.0000000000 0.0000000000 0.0000000000  0.0000000000  0.0000000000 1.0000000000  0.0000000000  
2 'crystal symmetry operation' 9_765 -x+2,-x+y+1,-z+1/3 -0.9752972151 -0.2185998309 -0.0317719378 -21.6012220968 -0.2185998309 0.9344331571 0.2811561646 -4.2738082918 -0.0317719378 0.2811561646 -0.9591359419 12.6099777026 
# 
loop_
_struct_conf.conf_type_id 
_struct_conf.id 
_struct_conf.pdbx_PDB_helix_id 
_struct_conf.beg_label_comp_id 
_struct_conf.beg_label_asym_id 
_struct_conf.beg_label_seq_id 
_struct_conf.pdbx_beg_PDB_ins_code 
_struct_conf.end_label_comp_id 
_struct_conf.end_label_asym_id 
_struct_conf.end_label_seq_id 
_struct_conf.pdbx_end_PDB_ins_code 
_struct_conf.beg_auth_comp_id 
_struct_conf.beg_auth_asym_id 
_struct_conf.beg_auth_seq_id 
_struct_conf.end_auth_comp_id 
_struct_conf.end_auth_asym_id 
_struct_conf.end_auth_seq_id 
_struct_conf.pdbx_PDB_helix_class 
_struct_conf.details 
_struct_conf.pdbx_PDB_helix_length 
HELX_P HELX_P1 AA1 PRO A 34  ? ASP A 47  ? PRO A 104 ASP A 117 1 ? 14 
HELX_P HELX_P2 AA2 ASP A 61  ? LYS A 67  ? ASP A 131 LYS A 137 1 ? 7  
HELX_P HELX_P3 AA3 GLN A 68  ? GLU A 72  ? GLN A 138 GLU A 142 5 ? 5  
HELX_P HELX_P4 AA4 HIS A 106 ? ALA A 111 ? HIS A 176 ALA A 181 5 ? 6  
HELX_P HELX_P5 AA5 HIS A 114 ? LEU A 119 ? HIS A 184 LEU A 189 1 ? 6  
HELX_P HELX_P6 AA6 ASN A 150 ? ALA A 160 ? ASN A 220 ALA A 230 1 ? 11 
HELX_P HELX_P7 AA7 HIS A 169 ? ASN A 178 ? HIS A 239 ASN A 248 1 ? 10 
HELX_P HELX_P8 AA8 ALA A 204 ? SER A 207 ? ALA A 274 SER A 277 5 ? 4  
HELX_P HELX_P9 AA9 GLU A 208 ? GLU A 224 ? GLU A 278 GLU A 294 1 ? 17 
# 
_struct_conf_type.id          HELX_P 
_struct_conf_type.criteria    ? 
_struct_conf_type.reference   ? 
# 
loop_
_struct_sheet.id 
_struct_sheet.type 
_struct_sheet.number_strands 
_struct_sheet.details 
AA1 ? 5 ? 
AA2 ? 3 ? 
AA3 ? 2 ? 
# 
loop_
_struct_sheet_order.sheet_id 
_struct_sheet_order.range_id_1 
_struct_sheet_order.range_id_2 
_struct_sheet_order.offset 
_struct_sheet_order.sense 
AA1 1 2 ? parallel      
AA1 2 3 ? parallel      
AA1 3 4 ? anti-parallel 
AA1 4 5 ? anti-parallel 
AA2 1 2 ? anti-parallel 
AA2 2 3 ? anti-parallel 
AA3 1 2 ? parallel      
# 
loop_
_struct_sheet_range.sheet_id 
_struct_sheet_range.id 
_struct_sheet_range.beg_label_comp_id 
_struct_sheet_range.beg_label_asym_id 
_struct_sheet_range.beg_label_seq_id 
_struct_sheet_range.pdbx_beg_PDB_ins_code 
_struct_sheet_range.end_label_comp_id 
_struct_sheet_range.end_label_asym_id 
_struct_sheet_range.end_label_seq_id 
_struct_sheet_range.pdbx_end_PDB_ins_code 
_struct_sheet_range.beg_auth_comp_id 
_struct_sheet_range.beg_auth_asym_id 
_struct_sheet_range.beg_auth_seq_id 
_struct_sheet_range.end_auth_comp_id 
_struct_sheet_range.end_auth_asym_id 
_struct_sheet_range.end_auth_seq_id 
AA1 1 VAL A 52  ? THR A 57  ? VAL A 122 THR A 127 
AA1 2 LEU A 25  ? ASP A 30  ? LEU A 95  ASP A 100 
AA1 3 ILE A 75  ? THR A 78  ? ILE A 145 THR A 148 
AA1 4 THR A 195 ? ASN A 202 ? THR A 265 ASN A 272 
AA1 5 PHE A 88  ? THR A 96  ? PHE A 158 THR A 166 
AA2 1 GLY A 165 ? PRO A 168 ? GLY A 235 PRO A 238 
AA2 2 ALA A 98  ? ALA A 102 ? ALA A 168 ALA A 172 
AA2 3 ALA A 182 ? VAL A 183 ? ALA A 252 VAL A 253 
AA3 1 ARG A 123 ? GLN A 124 ? ARG A 193 GLN A 194 
AA3 2 LYS A 144 ? VAL A 145 ? LYS A 214 VAL A 215 
# 
loop_
_pdbx_struct_sheet_hbond.sheet_id 
_pdbx_struct_sheet_hbond.range_id_1 
_pdbx_struct_sheet_hbond.range_id_2 
_pdbx_struct_sheet_hbond.range_1_label_atom_id 
_pdbx_struct_sheet_hbond.range_1_label_comp_id 
_pdbx_struct_sheet_hbond.range_1_label_asym_id 
_pdbx_struct_sheet_hbond.range_1_label_seq_id 
_pdbx_struct_sheet_hbond.range_1_PDB_ins_code 
_pdbx_struct_sheet_hbond.range_1_auth_atom_id 
_pdbx_struct_sheet_hbond.range_1_auth_comp_id 
_pdbx_struct_sheet_hbond.range_1_auth_asym_id 
_pdbx_struct_sheet_hbond.range_1_auth_seq_id 
_pdbx_struct_sheet_hbond.range_2_label_atom_id 
_pdbx_struct_sheet_hbond.range_2_label_comp_id 
_pdbx_struct_sheet_hbond.range_2_label_asym_id 
_pdbx_struct_sheet_hbond.range_2_label_seq_id 
_pdbx_struct_sheet_hbond.range_2_PDB_ins_code 
_pdbx_struct_sheet_hbond.range_2_auth_atom_id 
_pdbx_struct_sheet_hbond.range_2_auth_comp_id 
_pdbx_struct_sheet_hbond.range_2_auth_asym_id 
_pdbx_struct_sheet_hbond.range_2_auth_seq_id 
AA1 1 2 O ILE A 55  ? O ILE A 125 N LEU A 29  ? N LEU A 99  
AA1 2 3 N LEU A 28  ? N LEU A 98  O ILE A 77  ? O ILE A 147 
AA1 3 4 N THR A 78  ? N THR A 148 O TYR A 198 ? O TYR A 268 
AA1 4 5 O VAL A 197 ? O VAL A 267 N GLY A 94  ? N GLY A 164 
AA2 1 2 O GLY A 165 ? O GLY A 235 N VAL A 101 ? N VAL A 171 
AA2 2 3 N ALA A 102 ? N ALA A 172 O ALA A 182 ? O ALA A 252 
AA3 1 2 N GLN A 124 ? N GLN A 194 O LYS A 144 ? O LYS A 214 
# 
loop_
_pdbx_validate_torsion.id 
_pdbx_validate_torsion.PDB_model_num 
_pdbx_validate_torsion.auth_comp_id 
_pdbx_validate_torsion.auth_asym_id 
_pdbx_validate_torsion.auth_seq_id 
_pdbx_validate_torsion.PDB_ins_code 
_pdbx_validate_torsion.label_alt_id 
_pdbx_validate_torsion.phi 
_pdbx_validate_torsion.psi 
1 1 LEU A 153 ? ? -74.78 -71.17 
2 1 ARG A 157 ? ? 89.00  -20.29 
3 1 CYS A 179 ? ? -21.17 -42.62 
4 1 ALA A 181 ? ? 77.44  -36.82 
5 1 LEU A 257 ? ? -67.19 2.51   
6 1 THR A 273 ? ? -38.47 -37.67 
7 1 ALA A 288 ? ? -55.68 -71.93 
8 1 GLN A 290 ? ? -51.13 -71.42 
# 
_pdbx_entry_details.entry_id                 6TPR 
_pdbx_entry_details.has_ligand_of_interest   Y 
_pdbx_entry_details.compound_details         ? 
_pdbx_entry_details.source_details           ? 
_pdbx_entry_details.nonpolymer_details       ? 
_pdbx_entry_details.sequence_details         ? 
# 
loop_
_pdbx_unobs_or_zero_occ_residues.id 
_pdbx_unobs_or_zero_occ_residues.PDB_model_num 
_pdbx_unobs_or_zero_occ_residues.polymer_flag 
_pdbx_unobs_or_zero_occ_residues.occupancy_flag 
_pdbx_unobs_or_zero_occ_residues.auth_asym_id 
_pdbx_unobs_or_zero_occ_residues.auth_comp_id 
_pdbx_unobs_or_zero_occ_residues.auth_seq_id 
_pdbx_unobs_or_zero_occ_residues.PDB_ins_code 
_pdbx_unobs_or_zero_occ_residues.label_asym_id 
_pdbx_unobs_or_zero_occ_residues.label_comp_id 
_pdbx_unobs_or_zero_occ_residues.label_seq_id 
1  1 Y 1 A MET 71  ? A MET 1   
2  1 Y 1 A GLY 72  ? A GLY 2   
3  1 Y 1 A SER 73  ? A SER 3   
4  1 Y 1 A SER 74  ? A SER 4   
5  1 Y 1 A HIS 75  ? A HIS 5   
6  1 Y 1 A HIS 76  ? A HIS 6   
7  1 Y 1 A HIS 77  ? A HIS 7   
8  1 Y 1 A HIS 78  ? A HIS 8   
9  1 Y 1 A HIS 79  ? A HIS 9   
10 1 Y 1 A HIS 80  ? A HIS 10  
11 1 Y 1 A SER 81  ? A SER 11  
12 1 Y 1 A SER 82  ? A SER 12  
13 1 Y 1 A GLY 83  ? A GLY 13  
14 1 Y 1 A LEU 84  ? A LEU 14  
15 1 Y 1 A VAL 85  ? A VAL 15  
16 1 Y 1 A PRO 86  ? A PRO 16  
17 1 Y 1 A ARG 87  ? A ARG 17  
18 1 Y 1 A GLY 88  ? A GLY 18  
19 1 Y 1 A SER 89  ? A SER 19  
20 1 Y 1 A HIS 90  ? A HIS 20  
21 1 Y 1 A MET 91  ? A MET 21  
22 1 Y 1 A ALA 92  ? A ALA 22  
23 1 Y 1 A SER 93  ? A SER 23  
24 1 Y 1 A ARG 297 ? A ARG 227 
25 1 Y 1 A GLN 298 ? A GLN 228 
26 1 Y 1 A ARG 299 ? A ARG 229 
27 1 Y 1 A PHE 300 ? A PHE 230 
28 1 Y 1 A ASP 301 ? A ASP 231 
29 1 Y 1 A ASP 302 ? A ASP 232 
30 1 Y 1 A ALA 303 ? A ALA 233 
31 1 Y 1 A PRO 304 ? A PRO 234 
32 1 Y 1 A ALA 305 ? A ALA 235 
33 1 Y 1 A TRP 306 ? A TRP 236 
34 1 Y 1 A GLN 307 ? A GLN 237 
35 1 Y 1 A PRO 308 ? A PRO 238 
36 1 Y 1 A SER 309 ? A SER 239 
# 
loop_
_chem_comp_atom.comp_id 
_chem_comp_atom.atom_id 
_chem_comp_atom.type_symbol 
_chem_comp_atom.pdbx_aromatic_flag 
_chem_comp_atom.pdbx_stereo_config 
_chem_comp_atom.pdbx_ordinal 
ALA N    N N N 1   
ALA CA   C N S 2   
ALA C    C N N 3   
ALA O    O N N 4   
ALA CB   C N N 5   
ALA OXT  O N N 6   
ALA H    H N N 7   
ALA H2   H N N 8   
ALA HA   H N N 9   
ALA HB1  H N N 10  
ALA HB2  H N N 11  
ALA HB3  H N N 12  
ALA HXT  H N N 13  
ARG N    N N N 14  
ARG CA   C N S 15  
ARG C    C N N 16  
ARG O    O N N 17  
ARG CB   C N N 18  
ARG CG   C N N 19  
ARG CD   C N N 20  
ARG NE   N N N 21  
ARG CZ   C N N 22  
ARG NH1  N N N 23  
ARG NH2  N N N 24  
ARG OXT  O N N 25  
ARG H    H N N 26  
ARG H2   H N N 27  
ARG HA   H N N 28  
ARG HB2  H N N 29  
ARG HB3  H N N 30  
ARG HG2  H N N 31  
ARG HG3  H N N 32  
ARG HD2  H N N 33  
ARG HD3  H N N 34  
ARG HE   H N N 35  
ARG HH11 H N N 36  
ARG HH12 H N N 37  
ARG HH21 H N N 38  
ARG HH22 H N N 39  
ARG HXT  H N N 40  
ASN N    N N N 41  
ASN CA   C N S 42  
ASN C    C N N 43  
ASN O    O N N 44  
ASN CB   C N N 45  
ASN CG   C N N 46  
ASN OD1  O N N 47  
ASN ND2  N N N 48  
ASN OXT  O N N 49  
ASN H    H N N 50  
ASN H2   H N N 51  
ASN HA   H N N 52  
ASN HB2  H N N 53  
ASN HB3  H N N 54  
ASN HD21 H N N 55  
ASN HD22 H N N 56  
ASN HXT  H N N 57  
ASP N    N N N 58  
ASP CA   C N S 59  
ASP C    C N N 60  
ASP O    O N N 61  
ASP CB   C N N 62  
ASP CG   C N N 63  
ASP OD1  O N N 64  
ASP OD2  O N N 65  
ASP OXT  O N N 66  
ASP H    H N N 67  
ASP H2   H N N 68  
ASP HA   H N N 69  
ASP HB2  H N N 70  
ASP HB3  H N N 71  
ASP HD2  H N N 72  
ASP HXT  H N N 73  
CYS N    N N N 74  
CYS CA   C N R 75  
CYS C    C N N 76  
CYS O    O N N 77  
CYS CB   C N N 78  
CYS SG   S N N 79  
CYS OXT  O N N 80  
CYS H    H N N 81  
CYS H2   H N N 82  
CYS HA   H N N 83  
CYS HB2  H N N 84  
CYS HB3  H N N 85  
CYS HG   H N N 86  
CYS HXT  H N N 87  
GLN N    N N N 88  
GLN CA   C N S 89  
GLN C    C N N 90  
GLN O    O N N 91  
GLN CB   C N N 92  
GLN CG   C N N 93  
GLN CD   C N N 94  
GLN OE1  O N N 95  
GLN NE2  N N N 96  
GLN OXT  O N N 97  
GLN H    H N N 98  
GLN H2   H N N 99  
GLN HA   H N N 100 
GLN HB2  H N N 101 
GLN HB3  H N N 102 
GLN HG2  H N N 103 
GLN HG3  H N N 104 
GLN HE21 H N N 105 
GLN HE22 H N N 106 
GLN HXT  H N N 107 
GLU N    N N N 108 
GLU CA   C N S 109 
GLU C    C N N 110 
GLU O    O N N 111 
GLU CB   C N N 112 
GLU CG   C N N 113 
GLU CD   C N N 114 
GLU OE1  O N N 115 
GLU OE2  O N N 116 
GLU OXT  O N N 117 
GLU H    H N N 118 
GLU H2   H N N 119 
GLU HA   H N N 120 
GLU HB2  H N N 121 
GLU HB3  H N N 122 
GLU HG2  H N N 123 
GLU HG3  H N N 124 
GLU HE2  H N N 125 
GLU HXT  H N N 126 
GLY N    N N N 127 
GLY CA   C N N 128 
GLY C    C N N 129 
GLY O    O N N 130 
GLY OXT  O N N 131 
GLY H    H N N 132 
GLY H2   H N N 133 
GLY HA2  H N N 134 
GLY HA3  H N N 135 
GLY HXT  H N N 136 
HIS N    N N N 137 
HIS CA   C N S 138 
HIS C    C N N 139 
HIS O    O N N 140 
HIS CB   C N N 141 
HIS CG   C Y N 142 
HIS ND1  N Y N 143 
HIS CD2  C Y N 144 
HIS CE1  C Y N 145 
HIS NE2  N Y N 146 
HIS OXT  O N N 147 
HIS H    H N N 148 
HIS H2   H N N 149 
HIS HA   H N N 150 
HIS HB2  H N N 151 
HIS HB3  H N N 152 
HIS HD1  H N N 153 
HIS HD2  H N N 154 
HIS HE1  H N N 155 
HIS HE2  H N N 156 
HIS HXT  H N N 157 
HOH O    O N N 158 
HOH H1   H N N 159 
HOH H2   H N N 160 
ILE N    N N N 161 
ILE CA   C N S 162 
ILE C    C N N 163 
ILE O    O N N 164 
ILE CB   C N S 165 
ILE CG1  C N N 166 
ILE CG2  C N N 167 
ILE CD1  C N N 168 
ILE OXT  O N N 169 
ILE H    H N N 170 
ILE H2   H N N 171 
ILE HA   H N N 172 
ILE HB   H N N 173 
ILE HG12 H N N 174 
ILE HG13 H N N 175 
ILE HG21 H N N 176 
ILE HG22 H N N 177 
ILE HG23 H N N 178 
ILE HD11 H N N 179 
ILE HD12 H N N 180 
ILE HD13 H N N 181 
ILE HXT  H N N 182 
LEU N    N N N 183 
LEU CA   C N S 184 
LEU C    C N N 185 
LEU O    O N N 186 
LEU CB   C N N 187 
LEU CG   C N N 188 
LEU CD1  C N N 189 
LEU CD2  C N N 190 
LEU OXT  O N N 191 
LEU H    H N N 192 
LEU H2   H N N 193 
LEU HA   H N N 194 
LEU HB2  H N N 195 
LEU HB3  H N N 196 
LEU HG   H N N 197 
LEU HD11 H N N 198 
LEU HD12 H N N 199 
LEU HD13 H N N 200 
LEU HD21 H N N 201 
LEU HD22 H N N 202 
LEU HD23 H N N 203 
LEU HXT  H N N 204 
LYS N    N N N 205 
LYS CA   C N S 206 
LYS C    C N N 207 
LYS O    O N N 208 
LYS CB   C N N 209 
LYS CG   C N N 210 
LYS CD   C N N 211 
LYS CE   C N N 212 
LYS NZ   N N N 213 
LYS OXT  O N N 214 
LYS H    H N N 215 
LYS H2   H N N 216 
LYS HA   H N N 217 
LYS HB2  H N N 218 
LYS HB3  H N N 219 
LYS HG2  H N N 220 
LYS HG3  H N N 221 
LYS HD2  H N N 222 
LYS HD3  H N N 223 
LYS HE2  H N N 224 
LYS HE3  H N N 225 
LYS HZ1  H N N 226 
LYS HZ2  H N N 227 
LYS HZ3  H N N 228 
LYS HXT  H N N 229 
MET N    N N N 230 
MET CA   C N S 231 
MET C    C N N 232 
MET O    O N N 233 
MET CB   C N N 234 
MET CG   C N N 235 
MET SD   S N N 236 
MET CE   C N N 237 
MET OXT  O N N 238 
MET H    H N N 239 
MET H2   H N N 240 
MET HA   H N N 241 
MET HB2  H N N 242 
MET HB3  H N N 243 
MET HG2  H N N 244 
MET HG3  H N N 245 
MET HE1  H N N 246 
MET HE2  H N N 247 
MET HE3  H N N 248 
MET HXT  H N N 249 
NV5 C4   C Y N 250 
NV5 C5   C Y N 251 
NV5 C6   C Y N 252 
NV5 C7   C Y N 253 
NV5 C10  C N N 254 
NV5 C13  C Y N 255 
NV5 C15  C Y N 256 
NV5 C17  C Y N 257 
NV5 C20  C Y N 258 
NV5 C21  C Y N 259 
NV5 C22  C Y N 260 
NV5 C1   C N N 261 
NV5 C3   C Y N 262 
NV5 C9   C Y N 263 
NV5 C19  C Y N 264 
NV5 C2   C Y N 265 
NV5 C11  C N N 266 
NV5 C16  C Y N 267 
NV5 C14  C Y N 268 
NV5 C12  C Y N 269 
NV5 N1   N Y N 270 
NV5 C8   C Y N 271 
NV5 N2   N Y N 272 
NV5 N3   N Y N 273 
NV5 S1   S N N 274 
NV5 O1   O N N 275 
NV5 N4   N N N 276 
NV5 O2   O N N 277 
NV5 C18  C Y N 278 
NV5 N5   N Y N 279 
NV5 N6   N Y N 280 
NV5 C23  C Y N 281 
NV5 H1   H N N 282 
NV5 H2   H N N 283 
NV5 H3   H N N 284 
NV5 H4   H N N 285 
NV5 H5   H N N 286 
NV5 H6   H N N 287 
NV5 H7   H N N 288 
NV5 H8   H N N 289 
NV5 H9   H N N 290 
NV5 H10  H N N 291 
NV5 H11  H N N 292 
NV5 H12  H N N 293 
NV5 H13  H N N 294 
NV5 H14  H N N 295 
NV5 H15  H N N 296 
NV5 H16  H N N 297 
NV5 H17  H N N 298 
NV5 H18  H N N 299 
PHE N    N N N 300 
PHE CA   C N S 301 
PHE C    C N N 302 
PHE O    O N N 303 
PHE CB   C N N 304 
PHE CG   C Y N 305 
PHE CD1  C Y N 306 
PHE CD2  C Y N 307 
PHE CE1  C Y N 308 
PHE CE2  C Y N 309 
PHE CZ   C Y N 310 
PHE OXT  O N N 311 
PHE H    H N N 312 
PHE H2   H N N 313 
PHE HA   H N N 314 
PHE HB2  H N N 315 
PHE HB3  H N N 316 
PHE HD1  H N N 317 
PHE HD2  H N N 318 
PHE HE1  H N N 319 
PHE HE2  H N N 320 
PHE HZ   H N N 321 
PHE HXT  H N N 322 
PRO N    N N N 323 
PRO CA   C N S 324 
PRO C    C N N 325 
PRO O    O N N 326 
PRO CB   C N N 327 
PRO CG   C N N 328 
PRO CD   C N N 329 
PRO OXT  O N N 330 
PRO H    H N N 331 
PRO HA   H N N 332 
PRO HB2  H N N 333 
PRO HB3  H N N 334 
PRO HG2  H N N 335 
PRO HG3  H N N 336 
PRO HD2  H N N 337 
PRO HD3  H N N 338 
PRO HXT  H N N 339 
SER N    N N N 340 
SER CA   C N S 341 
SER C    C N N 342 
SER O    O N N 343 
SER CB   C N N 344 
SER OG   O N N 345 
SER OXT  O N N 346 
SER H    H N N 347 
SER H2   H N N 348 
SER HA   H N N 349 
SER HB2  H N N 350 
SER HB3  H N N 351 
SER HG   H N N 352 
SER HXT  H N N 353 
THR N    N N N 354 
THR CA   C N S 355 
THR C    C N N 356 
THR O    O N N 357 
THR CB   C N R 358 
THR OG1  O N N 359 
THR CG2  C N N 360 
THR OXT  O N N 361 
THR H    H N N 362 
THR H2   H N N 363 
THR HA   H N N 364 
THR HB   H N N 365 
THR HG1  H N N 366 
THR HG21 H N N 367 
THR HG22 H N N 368 
THR HG23 H N N 369 
THR HXT  H N N 370 
TRP N    N N N 371 
TRP CA   C N S 372 
TRP C    C N N 373 
TRP O    O N N 374 
TRP CB   C N N 375 
TRP CG   C Y N 376 
TRP CD1  C Y N 377 
TRP CD2  C Y N 378 
TRP NE1  N Y N 379 
TRP CE2  C Y N 380 
TRP CE3  C Y N 381 
TRP CZ2  C Y N 382 
TRP CZ3  C Y N 383 
TRP CH2  C Y N 384 
TRP OXT  O N N 385 
TRP H    H N N 386 
TRP H2   H N N 387 
TRP HA   H N N 388 
TRP HB2  H N N 389 
TRP HB3  H N N 390 
TRP HD1  H N N 391 
TRP HE1  H N N 392 
TRP HE3  H N N 393 
TRP HZ2  H N N 394 
TRP HZ3  H N N 395 
TRP HH2  H N N 396 
TRP HXT  H N N 397 
TYR N    N N N 398 
TYR CA   C N S 399 
TYR C    C N N 400 
TYR O    O N N 401 
TYR CB   C N N 402 
TYR CG   C Y N 403 
TYR CD1  C Y N 404 
TYR CD2  C Y N 405 
TYR CE1  C Y N 406 
TYR CE2  C Y N 407 
TYR CZ   C Y N 408 
TYR OH   O N N 409 
TYR OXT  O N N 410 
TYR H    H N N 411 
TYR H2   H N N 412 
TYR HA   H N N 413 
TYR HB2  H N N 414 
TYR HB3  H N N 415 
TYR HD1  H N N 416 
TYR HD2  H N N 417 
TYR HE1  H N N 418 
TYR HE2  H N N 419 
TYR HH   H N N 420 
TYR HXT  H N N 421 
VAL N    N N N 422 
VAL CA   C N S 423 
VAL C    C N N 424 
VAL O    O N N 425 
VAL CB   C N N 426 
VAL CG1  C N N 427 
VAL CG2  C N N 428 
VAL OXT  O N N 429 
VAL H    H N N 430 
VAL H2   H N N 431 
VAL HA   H N N 432 
VAL HB   H N N 433 
VAL HG11 H N N 434 
VAL HG12 H N N 435 
VAL HG13 H N N 436 
VAL HG21 H N N 437 
VAL HG22 H N N 438 
VAL HG23 H N N 439 
VAL HXT  H N N 440 
# 
loop_
_chem_comp_bond.comp_id 
_chem_comp_bond.atom_id_1 
_chem_comp_bond.atom_id_2 
_chem_comp_bond.value_order 
_chem_comp_bond.pdbx_aromatic_flag 
_chem_comp_bond.pdbx_stereo_config 
_chem_comp_bond.pdbx_ordinal 
ALA N   CA   sing N N 1   
ALA N   H    sing N N 2   
ALA N   H2   sing N N 3   
ALA CA  C    sing N N 4   
ALA CA  CB   sing N N 5   
ALA CA  HA   sing N N 6   
ALA C   O    doub N N 7   
ALA C   OXT  sing N N 8   
ALA CB  HB1  sing N N 9   
ALA CB  HB2  sing N N 10  
ALA CB  HB3  sing N N 11  
ALA OXT HXT  sing N N 12  
ARG N   CA   sing N N 13  
ARG N   H    sing N N 14  
ARG N   H2   sing N N 15  
ARG CA  C    sing N N 16  
ARG CA  CB   sing N N 17  
ARG CA  HA   sing N N 18  
ARG C   O    doub N N 19  
ARG C   OXT  sing N N 20  
ARG CB  CG   sing N N 21  
ARG CB  HB2  sing N N 22  
ARG CB  HB3  sing N N 23  
ARG CG  CD   sing N N 24  
ARG CG  HG2  sing N N 25  
ARG CG  HG3  sing N N 26  
ARG CD  NE   sing N N 27  
ARG CD  HD2  sing N N 28  
ARG CD  HD3  sing N N 29  
ARG NE  CZ   sing N N 30  
ARG NE  HE   sing N N 31  
ARG CZ  NH1  sing N N 32  
ARG CZ  NH2  doub N N 33  
ARG NH1 HH11 sing N N 34  
ARG NH1 HH12 sing N N 35  
ARG NH2 HH21 sing N N 36  
ARG NH2 HH22 sing N N 37  
ARG OXT HXT  sing N N 38  
ASN N   CA   sing N N 39  
ASN N   H    sing N N 40  
ASN N   H2   sing N N 41  
ASN CA  C    sing N N 42  
ASN CA  CB   sing N N 43  
ASN CA  HA   sing N N 44  
ASN C   O    doub N N 45  
ASN C   OXT  sing N N 46  
ASN CB  CG   sing N N 47  
ASN CB  HB2  sing N N 48  
ASN CB  HB3  sing N N 49  
ASN CG  OD1  doub N N 50  
ASN CG  ND2  sing N N 51  
ASN ND2 HD21 sing N N 52  
ASN ND2 HD22 sing N N 53  
ASN OXT HXT  sing N N 54  
ASP N   CA   sing N N 55  
ASP N   H    sing N N 56  
ASP N   H2   sing N N 57  
ASP CA  C    sing N N 58  
ASP CA  CB   sing N N 59  
ASP CA  HA   sing N N 60  
ASP C   O    doub N N 61  
ASP C   OXT  sing N N 62  
ASP CB  CG   sing N N 63  
ASP CB  HB2  sing N N 64  
ASP CB  HB3  sing N N 65  
ASP CG  OD1  doub N N 66  
ASP CG  OD2  sing N N 67  
ASP OD2 HD2  sing N N 68  
ASP OXT HXT  sing N N 69  
CYS N   CA   sing N N 70  
CYS N   H    sing N N 71  
CYS N   H2   sing N N 72  
CYS CA  C    sing N N 73  
CYS CA  CB   sing N N 74  
CYS CA  HA   sing N N 75  
CYS C   O    doub N N 76  
CYS C   OXT  sing N N 77  
CYS CB  SG   sing N N 78  
CYS CB  HB2  sing N N 79  
CYS CB  HB3  sing N N 80  
CYS SG  HG   sing N N 81  
CYS OXT HXT  sing N N 82  
GLN N   CA   sing N N 83  
GLN N   H    sing N N 84  
GLN N   H2   sing N N 85  
GLN CA  C    sing N N 86  
GLN CA  CB   sing N N 87  
GLN CA  HA   sing N N 88  
GLN C   O    doub N N 89  
GLN C   OXT  sing N N 90  
GLN CB  CG   sing N N 91  
GLN CB  HB2  sing N N 92  
GLN CB  HB3  sing N N 93  
GLN CG  CD   sing N N 94  
GLN CG  HG2  sing N N 95  
GLN CG  HG3  sing N N 96  
GLN CD  OE1  doub N N 97  
GLN CD  NE2  sing N N 98  
GLN NE2 HE21 sing N N 99  
GLN NE2 HE22 sing N N 100 
GLN OXT HXT  sing N N 101 
GLU N   CA   sing N N 102 
GLU N   H    sing N N 103 
GLU N   H2   sing N N 104 
GLU CA  C    sing N N 105 
GLU CA  CB   sing N N 106 
GLU CA  HA   sing N N 107 
GLU C   O    doub N N 108 
GLU C   OXT  sing N N 109 
GLU CB  CG   sing N N 110 
GLU CB  HB2  sing N N 111 
GLU CB  HB3  sing N N 112 
GLU CG  CD   sing N N 113 
GLU CG  HG2  sing N N 114 
GLU CG  HG3  sing N N 115 
GLU CD  OE1  doub N N 116 
GLU CD  OE2  sing N N 117 
GLU OE2 HE2  sing N N 118 
GLU OXT HXT  sing N N 119 
GLY N   CA   sing N N 120 
GLY N   H    sing N N 121 
GLY N   H2   sing N N 122 
GLY CA  C    sing N N 123 
GLY CA  HA2  sing N N 124 
GLY CA  HA3  sing N N 125 
GLY C   O    doub N N 126 
GLY C   OXT  sing N N 127 
GLY OXT HXT  sing N N 128 
HIS N   CA   sing N N 129 
HIS N   H    sing N N 130 
HIS N   H2   sing N N 131 
HIS CA  C    sing N N 132 
HIS CA  CB   sing N N 133 
HIS CA  HA   sing N N 134 
HIS C   O    doub N N 135 
HIS C   OXT  sing N N 136 
HIS CB  CG   sing N N 137 
HIS CB  HB2  sing N N 138 
HIS CB  HB3  sing N N 139 
HIS CG  ND1  sing Y N 140 
HIS CG  CD2  doub Y N 141 
HIS ND1 CE1  doub Y N 142 
HIS ND1 HD1  sing N N 143 
HIS CD2 NE2  sing Y N 144 
HIS CD2 HD2  sing N N 145 
HIS CE1 NE2  sing Y N 146 
HIS CE1 HE1  sing N N 147 
HIS NE2 HE2  sing N N 148 
HIS OXT HXT  sing N N 149 
HOH O   H1   sing N N 150 
HOH O   H2   sing N N 151 
ILE N   CA   sing N N 152 
ILE N   H    sing N N 153 
ILE N   H2   sing N N 154 
ILE CA  C    sing N N 155 
ILE CA  CB   sing N N 156 
ILE CA  HA   sing N N 157 
ILE C   O    doub N N 158 
ILE C   OXT  sing N N 159 
ILE CB  CG1  sing N N 160 
ILE CB  CG2  sing N N 161 
ILE CB  HB   sing N N 162 
ILE CG1 CD1  sing N N 163 
ILE CG1 HG12 sing N N 164 
ILE CG1 HG13 sing N N 165 
ILE CG2 HG21 sing N N 166 
ILE CG2 HG22 sing N N 167 
ILE CG2 HG23 sing N N 168 
ILE CD1 HD11 sing N N 169 
ILE CD1 HD12 sing N N 170 
ILE CD1 HD13 sing N N 171 
ILE OXT HXT  sing N N 172 
LEU N   CA   sing N N 173 
LEU N   H    sing N N 174 
LEU N   H2   sing N N 175 
LEU CA  C    sing N N 176 
LEU CA  CB   sing N N 177 
LEU CA  HA   sing N N 178 
LEU C   O    doub N N 179 
LEU C   OXT  sing N N 180 
LEU CB  CG   sing N N 181 
LEU CB  HB2  sing N N 182 
LEU CB  HB3  sing N N 183 
LEU CG  CD1  sing N N 184 
LEU CG  CD2  sing N N 185 
LEU CG  HG   sing N N 186 
LEU CD1 HD11 sing N N 187 
LEU CD1 HD12 sing N N 188 
LEU CD1 HD13 sing N N 189 
LEU CD2 HD21 sing N N 190 
LEU CD2 HD22 sing N N 191 
LEU CD2 HD23 sing N N 192 
LEU OXT HXT  sing N N 193 
LYS N   CA   sing N N 194 
LYS N   H    sing N N 195 
LYS N   H2   sing N N 196 
LYS CA  C    sing N N 197 
LYS CA  CB   sing N N 198 
LYS CA  HA   sing N N 199 
LYS C   O    doub N N 200 
LYS C   OXT  sing N N 201 
LYS CB  CG   sing N N 202 
LYS CB  HB2  sing N N 203 
LYS CB  HB3  sing N N 204 
LYS CG  CD   sing N N 205 
LYS CG  HG2  sing N N 206 
LYS CG  HG3  sing N N 207 
LYS CD  CE   sing N N 208 
LYS CD  HD2  sing N N 209 
LYS CD  HD3  sing N N 210 
LYS CE  NZ   sing N N 211 
LYS CE  HE2  sing N N 212 
LYS CE  HE3  sing N N 213 
LYS NZ  HZ1  sing N N 214 
LYS NZ  HZ2  sing N N 215 
LYS NZ  HZ3  sing N N 216 
LYS OXT HXT  sing N N 217 
MET N   CA   sing N N 218 
MET N   H    sing N N 219 
MET N   H2   sing N N 220 
MET CA  C    sing N N 221 
MET CA  CB   sing N N 222 
MET CA  HA   sing N N 223 
MET C   O    doub N N 224 
MET C   OXT  sing N N 225 
MET CB  CG   sing N N 226 
MET CB  HB2  sing N N 227 
MET CB  HB3  sing N N 228 
MET CG  SD   sing N N 229 
MET CG  HG2  sing N N 230 
MET CG  HG3  sing N N 231 
MET SD  CE   sing N N 232 
MET CE  HE1  sing N N 233 
MET CE  HE2  sing N N 234 
MET CE  HE3  sing N N 235 
MET OXT HXT  sing N N 236 
NV5 N3  N2   doub Y N 237 
NV5 N3  C9   sing Y N 238 
NV5 C10 S1   sing N N 239 
NV5 C10 C11  sing N N 240 
NV5 S1  C9   sing N N 241 
NV5 N2  C8   sing Y N 242 
NV5 C18 C17  doub Y N 243 
NV5 C18 C19  sing Y N 244 
NV5 C9  N6   doub Y N 245 
NV5 C21 C22  doub Y N 246 
NV5 C21 C15  sing Y N 247 
NV5 C17 C16  sing Y N 248 
NV5 C22 C12  sing Y N 249 
NV5 C19 C20  doub Y N 250 
NV5 C8  C7   sing Y N 251 
NV5 C8  C23  doub Y N 252 
NV5 C11 O1   doub N N 253 
NV5 C11 N4   sing N N 254 
NV5 C6  C7   doub Y N 255 
NV5 C6  C5   sing Y N 256 
NV5 C16 O2   sing N N 257 
NV5 C16 N5   doub Y N 258 
NV5 N6  C23  sing Y N 259 
NV5 C20 N5   sing Y N 260 
NV5 C7  C2   sing Y N 261 
NV5 O2  C15  sing N N 262 
NV5 C15 C14  doub Y N 263 
NV5 C23 N1   sing Y N 264 
NV5 C12 N4   sing N N 265 
NV5 C12 C13  doub Y N 266 
NV5 C5  C4   doub Y N 267 
NV5 C2  N1   sing Y N 268 
NV5 C2  C3   doub Y N 269 
NV5 N1  C1   sing N N 270 
NV5 C14 C13  sing Y N 271 
NV5 C4  C3   sing Y N 272 
NV5 C4  H1   sing N N 273 
NV5 C5  H2   sing N N 274 
NV5 C6  H3   sing N N 275 
NV5 C10 H4   sing N N 276 
NV5 C10 H5   sing N N 277 
NV5 C13 H6   sing N N 278 
NV5 C17 H7   sing N N 279 
NV5 C20 H8   sing N N 280 
NV5 C21 H9   sing N N 281 
NV5 C22 H10  sing N N 282 
NV5 C1  H11  sing N N 283 
NV5 C1  H12  sing N N 284 
NV5 C1  H13  sing N N 285 
NV5 C3  H14  sing N N 286 
NV5 C19 H15  sing N N 287 
NV5 C14 H16  sing N N 288 
NV5 N4  H17  sing N N 289 
NV5 C18 H18  sing N N 290 
PHE N   CA   sing N N 291 
PHE N   H    sing N N 292 
PHE N   H2   sing N N 293 
PHE CA  C    sing N N 294 
PHE CA  CB   sing N N 295 
PHE CA  HA   sing N N 296 
PHE C   O    doub N N 297 
PHE C   OXT  sing N N 298 
PHE CB  CG   sing N N 299 
PHE CB  HB2  sing N N 300 
PHE CB  HB3  sing N N 301 
PHE CG  CD1  doub Y N 302 
PHE CG  CD2  sing Y N 303 
PHE CD1 CE1  sing Y N 304 
PHE CD1 HD1  sing N N 305 
PHE CD2 CE2  doub Y N 306 
PHE CD2 HD2  sing N N 307 
PHE CE1 CZ   doub Y N 308 
PHE CE1 HE1  sing N N 309 
PHE CE2 CZ   sing Y N 310 
PHE CE2 HE2  sing N N 311 
PHE CZ  HZ   sing N N 312 
PHE OXT HXT  sing N N 313 
PRO N   CA   sing N N 314 
PRO N   CD   sing N N 315 
PRO N   H    sing N N 316 
PRO CA  C    sing N N 317 
PRO CA  CB   sing N N 318 
PRO CA  HA   sing N N 319 
PRO C   O    doub N N 320 
PRO C   OXT  sing N N 321 
PRO CB  CG   sing N N 322 
PRO CB  HB2  sing N N 323 
PRO CB  HB3  sing N N 324 
PRO CG  CD   sing N N 325 
PRO CG  HG2  sing N N 326 
PRO CG  HG3  sing N N 327 
PRO CD  HD2  sing N N 328 
PRO CD  HD3  sing N N 329 
PRO OXT HXT  sing N N 330 
SER N   CA   sing N N 331 
SER N   H    sing N N 332 
SER N   H2   sing N N 333 
SER CA  C    sing N N 334 
SER CA  CB   sing N N 335 
SER CA  HA   sing N N 336 
SER C   O    doub N N 337 
SER C   OXT  sing N N 338 
SER CB  OG   sing N N 339 
SER CB  HB2  sing N N 340 
SER CB  HB3  sing N N 341 
SER OG  HG   sing N N 342 
SER OXT HXT  sing N N 343 
THR N   CA   sing N N 344 
THR N   H    sing N N 345 
THR N   H2   sing N N 346 
THR CA  C    sing N N 347 
THR CA  CB   sing N N 348 
THR CA  HA   sing N N 349 
THR C   O    doub N N 350 
THR C   OXT  sing N N 351 
THR CB  OG1  sing N N 352 
THR CB  CG2  sing N N 353 
THR CB  HB   sing N N 354 
THR OG1 HG1  sing N N 355 
THR CG2 HG21 sing N N 356 
THR CG2 HG22 sing N N 357 
THR CG2 HG23 sing N N 358 
THR OXT HXT  sing N N 359 
TRP N   CA   sing N N 360 
TRP N   H    sing N N 361 
TRP N   H2   sing N N 362 
TRP CA  C    sing N N 363 
TRP CA  CB   sing N N 364 
TRP CA  HA   sing N N 365 
TRP C   O    doub N N 366 
TRP C   OXT  sing N N 367 
TRP CB  CG   sing N N 368 
TRP CB  HB2  sing N N 369 
TRP CB  HB3  sing N N 370 
TRP CG  CD1  doub Y N 371 
TRP CG  CD2  sing Y N 372 
TRP CD1 NE1  sing Y N 373 
TRP CD1 HD1  sing N N 374 
TRP CD2 CE2  doub Y N 375 
TRP CD2 CE3  sing Y N 376 
TRP NE1 CE2  sing Y N 377 
TRP NE1 HE1  sing N N 378 
TRP CE2 CZ2  sing Y N 379 
TRP CE3 CZ3  doub Y N 380 
TRP CE3 HE3  sing N N 381 
TRP CZ2 CH2  doub Y N 382 
TRP CZ2 HZ2  sing N N 383 
TRP CZ3 CH2  sing Y N 384 
TRP CZ3 HZ3  sing N N 385 
TRP CH2 HH2  sing N N 386 
TRP OXT HXT  sing N N 387 
TYR N   CA   sing N N 388 
TYR N   H    sing N N 389 
TYR N   H2   sing N N 390 
TYR CA  C    sing N N 391 
TYR CA  CB   sing N N 392 
TYR CA  HA   sing N N 393 
TYR C   O    doub N N 394 
TYR C   OXT  sing N N 395 
TYR CB  CG   sing N N 396 
TYR CB  HB2  sing N N 397 
TYR CB  HB3  sing N N 398 
TYR CG  CD1  doub Y N 399 
TYR CG  CD2  sing Y N 400 
TYR CD1 CE1  sing Y N 401 
TYR CD1 HD1  sing N N 402 
TYR CD2 CE2  doub Y N 403 
TYR CD2 HD2  sing N N 404 
TYR CE1 CZ   doub Y N 405 
TYR CE1 HE1  sing N N 406 
TYR CE2 CZ   sing Y N 407 
TYR CE2 HE2  sing N N 408 
TYR CZ  OH   sing N N 409 
TYR OH  HH   sing N N 410 
TYR OXT HXT  sing N N 411 
VAL N   CA   sing N N 412 
VAL N   H    sing N N 413 
VAL N   H2   sing N N 414 
VAL CA  C    sing N N 415 
VAL CA  CB   sing N N 416 
VAL CA  HA   sing N N 417 
VAL C   O    doub N N 418 
VAL C   OXT  sing N N 419 
VAL CB  CG1  sing N N 420 
VAL CB  CG2  sing N N 421 
VAL CB  HB   sing N N 422 
VAL CG1 HG11 sing N N 423 
VAL CG1 HG12 sing N N 424 
VAL CG1 HG13 sing N N 425 
VAL CG2 HG21 sing N N 426 
VAL CG2 HG22 sing N N 427 
VAL CG2 HG23 sing N N 428 
VAL OXT HXT  sing N N 429 
# 
_pdbx_audit_support.funding_organization   'Wellcome Trust' 
_pdbx_audit_support.country                'United Kingdom' 
_pdbx_audit_support.grant_number           ? 
_pdbx_audit_support.ordinal                1 
# 
_pdbx_entity_instance_feature.ordinal        1 
_pdbx_entity_instance_feature.comp_id        NV5 
_pdbx_entity_instance_feature.asym_id        ? 
_pdbx_entity_instance_feature.seq_num        ? 
_pdbx_entity_instance_feature.auth_comp_id   NV5 
_pdbx_entity_instance_feature.auth_asym_id   ? 
_pdbx_entity_instance_feature.auth_seq_num   ? 
_pdbx_entity_instance_feature.feature_type   'SUBJECT OF INVESTIGATION' 
_pdbx_entity_instance_feature.details        ? 
# 
loop_
_pdbx_initial_refinement_model.id 
_pdbx_initial_refinement_model.entity_id_list 
_pdbx_initial_refinement_model.type 
_pdbx_initial_refinement_model.source_name 
_pdbx_initial_refinement_model.accession_code 
_pdbx_initial_refinement_model.details 
1 ? 'experimental model' PDB 6Q7W '6q7w, 4jvc' 
2 ? 'experimental model' PDB 4JVC '6q7w, 4jvc' 
# 
_atom_sites.entry_id                    6TPR 
_atom_sites.Cartn_transf_matrix[1][1]   ? 
_atom_sites.Cartn_transf_matrix[1][2]   ? 
_atom_sites.Cartn_transf_matrix[1][3]   ? 
_atom_sites.Cartn_transf_matrix[2][1]   ? 
_atom_sites.Cartn_transf_matrix[2][2]   ? 
_atom_sites.Cartn_transf_matrix[2][3]   ? 
_atom_sites.Cartn_transf_matrix[3][1]   ? 
_atom_sites.Cartn_transf_matrix[3][2]   ? 
_atom_sites.Cartn_transf_matrix[3][3]   ? 
_atom_sites.Cartn_transf_vector[1]      ? 
_atom_sites.Cartn_transf_vector[2]      ? 
_atom_sites.Cartn_transf_vector[3]      ? 
_atom_sites.fract_transf_matrix[1][1]   -0.00149910 
_atom_sites.fract_transf_matrix[1][2]   -0.00154744 
_atom_sites.fract_transf_matrix[1][3]   0.00948211 
_atom_sites.fract_transf_matrix[2][1]   -0.00168529 
_atom_sites.fract_transf_matrix[2][2]   0.00750748 
_atom_sites.fract_transf_matrix[2][3]   0.00594427 
_atom_sites.fract_transf_matrix[3][1]   -0.00851886 
_atom_sites.fract_transf_matrix[3][2]   -0.00074915 
_atom_sites.fract_transf_matrix[3][3]   -0.00146907 
_atom_sites.fract_transf_vector[1]      0.920751 
_atom_sites.fract_transf_vector[2]      0.385419 
_atom_sites.fract_transf_vector[3]      0.082312 
_atom_sites.solution_primary            ? 
_atom_sites.solution_secondary          ? 
_atom_sites.solution_hydrogens          ? 
_atom_sites.special_details             ? 
# 
loop_
_atom_type.symbol 
_atom_type.pdbx_scat_Z 
_atom_type.pdbx_N_electrons 
_atom_type.scat_Cromer_Mann_a1 
_atom_type.scat_Cromer_Mann_b1 
_atom_type.scat_Cromer_Mann_a2 
_atom_type.scat_Cromer_Mann_b2 
_atom_type.scat_Cromer_Mann_a3 
_atom_type.scat_Cromer_Mann_b3 
_atom_type.scat_Cromer_Mann_a4 
_atom_type.scat_Cromer_Mann_b4 
C 6  6  2.310  20.844 1.020 10.208 1.589 0.569  0.865 51.651 
N 7  7  12.222 0.006  3.135 9.893  2.014 28.997 1.167 0.583  
O 8  8  3.049  13.277 2.287 5.701  1.546 0.324  0.867 32.909 
S 16 16 6.905  1.468  5.203 22.215 1.438 0.254  1.586 56.172 
# 
loop_
_atom_site.group_PDB 
_atom_site.id 
_atom_site.type_symbol 
_atom_site.label_atom_id 
_atom_site.label_alt_id 
_atom_site.label_comp_id 
_atom_site.label_asym_id 
_atom_site.label_entity_id 
_atom_site.label_seq_id 
_atom_site.pdbx_PDB_ins_code 
_atom_site.Cartn_x 
_atom_site.Cartn_y 
_atom_site.Cartn_z 
_atom_site.occupancy 
_atom_site.B_iso_or_equiv 
_atom_site.pdbx_formal_charge 
_atom_site.auth_seq_id 
_atom_site.auth_comp_id 
_atom_site.auth_asym_id 
_atom_site.auth_atom_id 
_atom_site.pdbx_PDB_model_num 
ATOM   1    N N   . ASN A 1 24  ? -4.216  3.862   -25.601 1.000 110.723 ? 94  ASN A N   1 
ATOM   2    C CA  . ASN A 1 24  ? -3.397  3.968   -24.352 1.000 122.185 ? 94  ASN A CA  1 
ATOM   3    C C   . ASN A 1 24  ? -4.294  3.855   -23.119 1.000 128.729 ? 94  ASN A C   1 
ATOM   4    O O   . ASN A 1 24  ? -5.291  4.563   -23.012 1.000 153.049 ? 94  ASN A O   1 
ATOM   5    C CB  . ASN A 1 24  ? -2.589  5.268   -24.291 1.000 125.483 ? 94  ASN A CB  1 
ATOM   6    C CG  . ASN A 1 24  ? -1.562  5.274   -23.173 1.000 138.010 ? 94  ASN A CG  1 
ATOM   7    O OD1 . ASN A 1 24  ? -1.299  4.243   -22.555 1.000 132.202 ? 94  ASN A OD1 1 
ATOM   8    N ND2 . ASN A 1 24  ? -0.964  6.426   -22.912 1.000 155.168 ? 94  ASN A ND2 1 
ATOM   9    N N   . LEU A 1 25  ? -3.911  2.972   -22.185 1.000 119.151 ? 95  LEU A N   1 
ATOM   10   C CA  . LEU A 1 25  ? -4.543  2.838   -20.879 1.000 105.903 ? 95  LEU A CA  1 
ATOM   11   C C   . LEU A 1 25  ? -3.485  3.060   -19.799 1.000 108.570 ? 95  LEU A C   1 
ATOM   12   O O   . LEU A 1 25  ? -2.587  2.234   -19.666 1.000 109.078 ? 95  LEU A O   1 
ATOM   13   C CB  . LEU A 1 25  ? -5.132  1.427   -20.764 1.000 101.243 ? 95  LEU A CB  1 
ATOM   14   C CG  . LEU A 1 25  ? -5.672  1.047   -19.385 1.000 103.028 ? 95  LEU A CG  1 
ATOM   15   C CD1 . LEU A 1 25  ? -6.987  1.755   -19.106 1.000 106.654 ? 95  LEU A CD1 1 
ATOM   16   C CD2 . LEU A 1 25  ? -5.843  -0.458  -19.251 1.000 100.031 ? 95  LEU A CD2 1 
ATOM   17   N N   . ARG A 1 26  ? -3.596  4.166   -19.041 1.000 113.276 ? 96  ARG A N   1 
ATOM   18   C CA  . ARG A 1 26  ? -2.642  4.560   -18.004 1.000 107.363 ? 96  ARG A CA  1 
ATOM   19   C C   . ARG A 1 26  ? -3.069  3.978   -16.652 1.000 100.168 ? 96  ARG A C   1 
ATOM   20   O O   . ARG A 1 26  ? -4.243  4.055   -16.300 1.000 98.862  ? 96  ARG A O   1 
ATOM   21   C CB  . ARG A 1 26  ? -2.540  6.089   -17.940 1.000 107.337 ? 96  ARG A CB  1 
ATOM   22   C CG  . ARG A 1 26  ? -2.035  6.733   -19.223 1.000 119.971 ? 96  ARG A CG  1 
ATOM   23   C CD  . ARG A 1 26  ? -1.985  8.252   -19.197 1.000 137.528 ? 96  ARG A CD  1 
ATOM   24   N NE  . ARG A 1 26  ? -1.402  8.846   -17.995 1.000 143.125 ? 96  ARG A NE  1 
ATOM   25   C CZ  . ARG A 1 26  ? -0.109  8.827   -17.670 1.000 138.858 ? 96  ARG A CZ  1 
ATOM   26   N NH1 . ARG A 1 26  ? 0.774   8.224   -18.449 1.000 144.396 ? 96  ARG A NH1 1 
ATOM   27   N NH2 . ARG A 1 26  ? 0.299   9.404   -16.555 1.000 123.368 ? 96  ARG A NH2 1 
ATOM   28   N N   . VAL A 1 27  ? -2.114  3.405   -15.891 1.000 96.740  ? 97  VAL A N   1 
ATOM   29   C CA  . VAL A 1 27  ? -2.402  2.605   -14.698 1.000 92.693  ? 97  VAL A CA  1 
ATOM   30   C C   . VAL A 1 27  ? -1.439  2.928   -13.548 1.000 100.827 ? 97  VAL A C   1 
ATOM   31   O O   . VAL A 1 27  ? -0.226  3.009   -13.739 1.000 105.148 ? 97  VAL A O   1 
ATOM   32   C CB  . VAL A 1 27  ? -2.406  1.093   -15.003 1.000 78.734  ? 97  VAL A CB  1 
ATOM   33   C CG1 . VAL A 1 27  ? -2.608  0.265   -13.743 1.000 72.622  ? 97  VAL A CG1 1 
ATOM   34   C CG2 . VAL A 1 27  ? -3.445  0.730   -16.050 1.000 74.230  ? 97  VAL A CG2 1 
ATOM   35   N N   . LEU A 1 28  ? -2.000  3.058   -12.336 1.000 98.162  ? 98  LEU A N   1 
ATOM   36   C CA  . LEU A 1 28  ? -1.260  3.417   -11.138 1.000 97.582  ? 98  LEU A CA  1 
ATOM   37   C C   . LEU A 1 28  ? -1.335  2.254   -10.157 1.000 97.110  ? 98  LEU A C   1 
ATOM   38   O O   . LEU A 1 28  ? -2.427  1.797   -9.835  1.000 106.679 ? 98  LEU A O   1 
ATOM   39   C CB  . LEU A 1 28  ? -1.910  4.665   -10.533 1.000 102.110 ? 98  LEU A CB  1 
ATOM   40   C CG  . LEU A 1 28  ? -1.116  5.355   -9.427  1.000 106.689 ? 98  LEU A CG  1 
ATOM   41   C CD1 . LEU A 1 28  ? 0.092   6.067   -10.011 1.000 122.630 ? 98  LEU A CD1 1 
ATOM   42   C CD2 . LEU A 1 28  ? -1.990  6.344   -8.679  1.000 117.072 ? 98  LEU A CD2 1 
ATOM   43   N N   . LEU A 1 29  ? -0.171  1.760   -9.725  1.000 89.224  ? 99  LEU A N   1 
ATOM   44   C CA  . LEU A 1 29  ? -0.087  0.864   -8.583  1.000 94.452  ? 99  LEU A CA  1 
ATOM   45   C C   . LEU A 1 29  ? 0.759   1.565   -7.532  1.000 97.661  ? 99  LEU A C   1 
ATOM   46   O O   . LEU A 1 29  ? 1.880   1.962   -7.837  1.000 108.354 ? 99  LEU A O   1 
ATOM   47   C CB  . LEU A 1 29  ? 0.606   -0.439  -8.992  1.000 94.983  ? 99  LEU A CB  1 
ATOM   48   C CG  . LEU A 1 29  ? -0.074  -1.257  -10.081 1.000 95.181  ? 99  LEU A CG  1 
ATOM   49   C CD1 . LEU A 1 29  ? 0.283   -0.699  -11.446 1.000 99.022  ? 99  LEU A CD1 1 
ATOM   50   C CD2 . LEU A 1 29  ? 0.345   -2.716  -9.989  1.000 103.852 ? 99  LEU A CD2 1 
ATOM   51   N N   . ASP A 1 30  ? 0.228   1.723   -6.311  1.000 95.898  ? 100 ASP A N   1 
ATOM   52   C CA  . ASP A 1 30  ? 1.026   2.266   -5.222  1.000 93.625  ? 100 ASP A CA  1 
ATOM   53   C C   . ASP A 1 30  ? 2.052   1.205   -4.826  1.000 86.293  ? 100 ASP A C   1 
ATOM   54   O O   . ASP A 1 30  ? 1.866   0.034   -5.166  1.000 71.148  ? 100 ASP A O   1 
ATOM   55   C CB  . ASP A 1 30  ? 0.158   2.776   -4.066  1.000 102.170 ? 100 ASP A CB  1 
ATOM   56   C CG  . ASP A 1 30  ? -0.494  1.676   -3.242  1.000 103.852 ? 100 ASP A CG  1 
ATOM   57   O OD1 . ASP A 1 30  ? 0.038   0.551   -3.237  1.000 105.007 ? 100 ASP A OD1 1 
ATOM   58   O OD2 . ASP A 1 30  ? -1.530  1.957   -2.609  1.000 99.874  ? 100 ASP A OD2 1 
ATOM   59   N N   . THR A 1 31  ? 3.106   1.629   -4.109  1.000 80.941  ? 101 THR A N   1 
ATOM   60   C CA  . THR A 1 31  ? 4.233   0.779   -3.757  1.000 82.493  ? 101 THR A CA  1 
ATOM   61   C C   . THR A 1 31  ? 3.836   -0.274  -2.719  1.000 89.114  ? 101 THR A C   1 
ATOM   62   O O   . THR A 1 31  ? 4.586   -1.216  -2.471  1.000 92.176  ? 101 THR A O   1 
ATOM   63   C CB  . THR A 1 31  ? 5.473   1.619   -3.421  1.000 92.069  ? 101 THR A CB  1 
ATOM   64   O OG1 . THR A 1 31  ? 5.375   2.215   -2.127  1.000 104.649 ? 101 THR A OG1 1 
ATOM   65   C CG2 . THR A 1 31  ? 5.721   2.706   -4.440  1.000 98.481  ? 101 THR A CG2 1 
ATOM   66   N N   . ALA A 1 32  ? 2.635   -0.137  -2.139  1.000 93.792  ? 102 ALA A N   1 
ATOM   67   C CA  . ALA A 1 32  ? 2.124   -1.076  -1.150  1.000 93.497  ? 102 ALA A CA  1 
ATOM   68   C C   . ALA A 1 32  ? 1.631   -2.367  -1.804  1.000 98.478  ? 102 ALA A C   1 
ATOM   69   O O   . ALA A 1 32  ? 1.621   -3.412  -1.154  1.000 96.802  ? 102 ALA A O   1 
ATOM   70   C CB  . ALA A 1 32  ? 1.032   -0.428  -0.340  1.000 95.737  ? 102 ALA A CB  1 
ATOM   71   N N   . ILE A 1 33  ? 1.189   -2.268  -3.069  1.000 108.856 ? 103 ILE A N   1 
ATOM   72   C CA  . ILE A 1 33  ? 0.784   -3.401  -3.894  1.000 106.832 ? 103 ILE A CA  1 
ATOM   73   C C   . ILE A 1 33  ? 2.020   -4.254  -4.158  1.000 111.133 ? 103 ILE A C   1 
ATOM   74   O O   . ILE A 1 33  ? 3.053   -3.728  -4.572  1.000 118.765 ? 103 ILE A O   1 
ATOM   75   C CB  . ILE A 1 33  ? 0.155   -2.924  -5.222  1.000 109.399 ? 103 ILE A CB  1 
ATOM   76   C CG1 . ILE A 1 33  ? -1.139  -2.139  -5.007  1.000 110.817 ? 103 ILE A CG1 1 
ATOM   77   C CG2 . ILE A 1 33  ? -0.061  -4.084  -6.177  1.000 116.314 ? 103 ILE A CG2 1 
ATOM   78   C CD1 . ILE A 1 33  ? -2.145  -2.853  -4.139  1.000 109.349 ? 103 ILE A CD1 1 
ATOM   79   N N   . PRO A 1 34  ? 1.957   -5.585  -3.917  1.000 108.433 ? 104 PRO A N   1 
ATOM   80   C CA  . PRO A 1 34  ? 3.089   -6.476  -4.184  1.000 108.074 ? 104 PRO A CA  1 
ATOM   81   C C   . PRO A 1 34  ? 3.558   -6.432  -5.634  1.000 119.034 ? 104 PRO A C   1 
ATOM   82   O O   . PRO A 1 34  ? 2.771   -6.170  -6.539  1.000 121.336 ? 104 PRO A O   1 
ATOM   83   C CB  . PRO A 1 34  ? 2.532   -7.867  -3.870  1.000 104.859 ? 104 PRO A CB  1 
ATOM   84   C CG  . PRO A 1 34  ? 1.443   -7.592  -2.856  1.000 110.369 ? 104 PRO A CG  1 
ATOM   85   C CD  . PRO A 1 34  ? 0.813   -6.293  -3.322  1.000 106.563 ? 104 PRO A CD  1 
ATOM   86   N N   . PRO A 1 35  ? 4.856   -6.702  -5.891  1.000 133.251 ? 105 PRO A N   1 
ATOM   87   C CA  . PRO A 1 35  ? 5.409   -6.602  -7.240  1.000 141.138 ? 105 PRO A CA  1 
ATOM   88   C C   . PRO A 1 35  ? 4.907   -7.739  -8.128  1.000 148.445 ? 105 PRO A C   1 
ATOM   89   O O   . PRO A 1 35  ? 4.982   -7.633  -9.351  1.000 153.256 ? 105 PRO A O   1 
ATOM   90   C CB  . PRO A 1 35  ? 6.919   -6.711  -6.999  1.000 147.879 ? 105 PRO A CB  1 
ATOM   91   C CG  . PRO A 1 35  ? 7.015   -7.580  -5.763  1.000 150.691 ? 105 PRO A CG  1 
ATOM   92   C CD  . PRO A 1 35  ? 5.845   -7.153  -4.901  1.000 134.351 ? 105 PRO A CD  1 
ATOM   93   N N   . SER A 1 36  ? 4.395   -8.807  -7.493  1.000 130.877 ? 106 SER A N   1 
ATOM   94   C CA  . SER A 1 36  ? 3.830   -9.960  -8.176  1.000 130.557 ? 106 SER A CA  1 
ATOM   95   C C   . SER A 1 36  ? 2.481   -9.602  -8.798  1.000 132.794 ? 106 SER A C   1 
ATOM   96   O O   . SER A 1 36  ? 2.229   -9.918  -9.956  1.000 149.437 ? 106 SER A O   1 
ATOM   97   C CB  . SER A 1 36  ? 3.704   -11.120 -7.236  1.000 130.809 ? 106 SER A CB  1 
ATOM   98   O OG  . SER A 1 36  ? 2.798   -10.795 -6.196  1.000 151.641 ? 106 SER A OG  1 
ATOM   99   N N   . PHE A 1 37  ? 1.617   -8.950  -8.011  1.000 127.425 ? 107 PHE A N   1 
ATOM   100  C CA  . PHE A 1 37  ? 0.356   -8.403  -8.489  1.000 121.237 ? 107 PHE A CA  1 
ATOM   101  C C   . PHE A 1 37  ? 0.601   -7.653  -9.794  1.000 120.287 ? 107 PHE A C   1 
ATOM   102  O O   . PHE A 1 37  ? -0.121  -7.816  -10.771 1.000 122.954 ? 107 PHE A O   1 
ATOM   103  C CB  . PHE A 1 37  ? -0.212  -7.458  -7.430  1.000 120.767 ? 107 PHE A CB  1 
ATOM   104  C CG  . PHE A 1 37  ? -1.679  -7.141  -7.554  1.000 136.552 ? 107 PHE A CG  1 
ATOM   105  C CD1 . PHE A 1 37  ? -2.193  -6.571  -8.712  1.000 138.714 ? 107 PHE A CD1 1 
ATOM   106  C CD2 . PHE A 1 37  ? -2.540  -7.382  -6.489  1.000 149.859 ? 107 PHE A CD2 1 
ATOM   107  C CE1 . PHE A 1 37  ? -3.544  -6.271  -8.812  1.000 163.238 ? 107 PHE A CE1 1 
ATOM   108  C CE2 . PHE A 1 37  ? -3.889  -7.075  -6.585  1.000 173.804 ? 107 PHE A CE2 1 
ATOM   109  C CZ  . PHE A 1 37  ? -4.386  -6.516  -7.746  1.000 190.925 ? 107 PHE A CZ  1 
ATOM   110  N N   . CYS A 1 38  ? 1.661   -6.845  -9.793  1.000 140.892 ? 108 CYS A N   1 
ATOM   111  C CA  . CYS A 1 38  ? 2.109   -6.085  -10.948 1.000 156.510 ? 108 CYS A CA  1 
ATOM   112  C C   . CYS A 1 38  ? 2.193   -6.987  -12.188 1.000 144.492 ? 108 CYS A C   1 
ATOM   113  O O   . CYS A 1 38  ? 1.814   -6.563  -13.278 1.000 124.715 ? 108 CYS A O   1 
ATOM   114  C CB  . CYS A 1 38  ? 3.426   -5.381  -10.623 1.000 174.847 ? 108 CYS A CB  1 
ATOM   115  S SG  . CYS A 1 38  ? 3.483   -4.636  -8.965  1.000 176.325 ? 108 CYS A SG  1 
ATOM   116  N N   . ASP A 1 39  ? 2.646   -8.241  -12.008 1.000 144.512 ? 109 ASP A N   1 
ATOM   117  C CA  . ASP A 1 39  ? 2.797   -9.205  -13.094 1.000 151.127 ? 109 ASP A CA  1 
ATOM   118  C C   . ASP A 1 39  ? 1.433   -9.721  -13.537 1.000 138.099 ? 109 ASP A C   1 
ATOM   119  O O   . ASP A 1 39  ? 1.245   -10.048 -14.704 1.000 142.823 ? 109 ASP A O   1 
ATOM   120  C CB  . ASP A 1 39  ? 3.576   -10.468 -12.704 1.000 164.890 ? 109 ASP A CB  1 
ATOM   121  C CG  . ASP A 1 39  ? 4.765   -10.257 -11.785 1.000 180.973 ? 109 ASP A CG  1 
ATOM   122  O OD1 . ASP A 1 39  ? 4.873   -9.162  -11.203 1.000 183.633 ? 109 ASP A OD1 1 
ATOM   123  O OD2 . ASP A 1 39  ? 5.577   -11.199 -11.661 1.000 187.864 ? 109 ASP A OD2 1 
ATOM   124  N N   . THR A 1 40  ? 0.509   -9.835  -12.577 1.000 137.475 ? 110 THR A N   1 
ATOM   125  C CA  . THR A 1 40  ? -0.801  -10.426 -12.801 1.000 151.544 ? 110 THR A CA  1 
ATOM   126  C C   . THR A 1 40  ? -1.618  -9.505  -13.707 1.000 148.497 ? 110 THR A C   1 
ATOM   127  O O   . THR A 1 40  ? -2.020  -9.883  -14.806 1.000 134.749 ? 110 THR A O   1 
ATOM   128  C CB  . THR A 1 40  ? -1.492  -10.729 -11.462 1.000 154.968 ? 110 THR A CB  1 
ATOM   129  O OG1 . THR A 1 40  ? -0.697  -11.647 -10.708 1.000 154.813 ? 110 THR A OG1 1 
ATOM   130  C CG2 . THR A 1 40  ? -2.887  -11.289 -11.630 1.000 158.580 ? 110 THR A CG2 1 
ATOM   131  N N   . VAL A 1 41  ? -1.839  -8.282  -13.219 1.000 153.366 ? 111 VAL A N   1 
ATOM   132  C CA  . VAL A 1 41  ? -2.499  -7.204  -13.934 1.000 155.477 ? 111 VAL A CA  1 
ATOM   133  C C   . VAL A 1 41  ? -1.998  -7.144  -15.382 1.000 151.079 ? 111 VAL A C   1 
ATOM   134  O O   . VAL A 1 41  ? -2.779  -7.348  -16.311 1.000 132.255 ? 111 VAL A O   1 
ATOM   135  C CB  . VAL A 1 41  ? -2.280  -5.874  -13.182 1.000 170.434 ? 111 VAL A CB  1 
ATOM   136  C CG1 . VAL A 1 41  ? -2.691  -4.665  -14.002 1.000 194.902 ? 111 VAL A CG1 1 
ATOM   137  C CG2 . VAL A 1 41  ? -2.976  -5.858  -11.829 1.000 154.734 ? 111 VAL A CG2 1 
ATOM   138  N N   . SER A 1 42  ? -0.686  -6.898  -15.551 1.000 148.696 ? 112 SER A N   1 
ATOM   139  C CA  . SER A 1 42  ? -0.068  -6.479  -16.805 1.000 141.556 ? 112 SER A CA  1 
ATOM   140  C C   . SER A 1 42  ? -0.399  -7.445  -17.941 1.000 145.871 ? 112 SER A C   1 
ATOM   141  O O   . SER A 1 42  ? -0.978  -7.046  -18.953 1.000 145.759 ? 112 SER A O   1 
ATOM   142  C CB  . SER A 1 42  ? 1.421   -6.307  -16.648 1.000 129.033 ? 112 SER A CB  1 
ATOM   143  O OG  . SER A 1 42  ? 2.058   -7.569  -16.536 1.000 147.873 ? 112 SER A OG  1 
ATOM   144  N N   . SER A 1 43  ? -0.015  -8.713  -17.753 1.000 147.769 ? 113 SER A N   1 
ATOM   145  C CA  . SER A 1 43  ? -0.386  -9.818  -18.622 1.000 149.922 ? 113 SER A CA  1 
ATOM   146  C C   . SER A 1 43  ? -1.817  -9.652  -19.128 1.000 149.564 ? 113 SER A C   1 
ATOM   147  O O   . SER A 1 43  ? -2.059  -9.610  -20.335 1.000 129.778 ? 113 SER A O   1 
ATOM   148  C CB  . SER A 1 43  ? -0.261  -11.115 -17.876 1.000 146.060 ? 113 SER A CB  1 
ATOM   149  O OG  . SER A 1 43  ? -1.041  -11.099 -16.690 1.000 147.831 ? 113 SER A OG  1 
ATOM   150  N N   . VAL A 1 44  ? -2.749  -9.544  -18.168 1.000 147.770 ? 114 VAL A N   1 
ATOM   151  C CA  . VAL A 1 44  ? -4.185  -9.630  -18.386 1.000 138.058 ? 114 VAL A CA  1 
ATOM   152  C C   . VAL A 1 44  ? -4.626  -8.508  -19.324 1.000 131.568 ? 114 VAL A C   1 
ATOM   153  O O   . VAL A 1 44  ? -5.431  -8.733  -20.230 1.000 116.265 ? 114 VAL A O   1 
ATOM   154  C CB  . VAL A 1 44  ? -4.961  -9.582  -17.053 1.000 132.653 ? 114 VAL A CB  1 
ATOM   155  C CG1 . VAL A 1 44  ? -6.465  -9.584  -17.270 1.000 125.392 ? 114 VAL A CG1 1 
ATOM   156  C CG2 . VAL A 1 44  ? -4.566  -10.707 -16.109 1.000 129.841 ? 114 VAL A CG2 1 
ATOM   157  N N   . LEU A 1 45  ? -4.078  -7.309  -19.086 1.000 126.092 ? 115 LEU A N   1 
ATOM   158  C CA  . LEU A 1 45  ? -4.554  -6.082  -19.702 1.000 128.828 ? 115 LEU A CA  1 
ATOM   159  C C   . LEU A 1 45  ? -4.190  -6.066  -21.182 1.000 131.782 ? 115 LEU A C   1 
ATOM   160  O O   . LEU A 1 45  ? -4.948  -5.541  -22.000 1.000 126.036 ? 115 LEU A O   1 
ATOM   161  C CB  . LEU A 1 45  ? -3.937  -4.883  -18.977 1.000 124.670 ? 115 LEU A CB  1 
ATOM   162  C CG  . LEU A 1 45  ? -4.607  -4.472  -17.666 1.000 121.894 ? 115 LEU A CG  1 
ATOM   163  C CD1 . LEU A 1 45  ? -3.740  -3.465  -16.934 1.000 121.165 ? 115 LEU A CD1 1 
ATOM   164  C CD2 . LEU A 1 45  ? -5.991  -3.885  -17.914 1.000 120.100 ? 115 LEU A CD2 1 
ATOM   165  N N   . LEU A 1 46  ? -3.032  -6.661  -21.496 1.000 129.233 ? 116 LEU A N   1 
ATOM   166  C CA  . LEU A 1 46  ? -2.455  -6.629  -22.828 1.000 134.521 ? 116 LEU A CA  1 
ATOM   167  C C   . LEU A 1 46  ? -3.242  -7.528  -23.780 1.000 144.951 ? 116 LEU A C   1 
ATOM   168  O O   . LEU A 1 46  ? -3.120  -7.387  -24.998 1.000 144.597 ? 116 LEU A O   1 
ATOM   169  C CB  . LEU A 1 46  ? -0.991  -7.054  -22.729 1.000 128.267 ? 116 LEU A CB  1 
ATOM   170  C CG  . LEU A 1 46  ? -0.078  -6.032  -22.059 1.000 134.156 ? 116 LEU A CG  1 
ATOM   171  C CD1 . LEU A 1 46  ? 1.144   -6.703  -21.447 1.000 140.083 ? 116 LEU A CD1 1 
ATOM   172  C CD2 . LEU A 1 46  ? 0.329   -4.946  -23.047 1.000 138.092 ? 116 LEU A CD2 1 
ATOM   173  N N   . ASP A 1 47  ? -4.045  -8.437  -23.203 1.000 152.537 ? 117 ASP A N   1 
ATOM   174  C CA  . ASP A 1 47  ? -4.971  -9.288  -23.935 1.000 153.552 ? 117 ASP A CA  1 
ATOM   175  C C   . ASP A 1 47  ? -5.977  -8.432  -24.703 1.000 150.930 ? 117 ASP A C   1 
ATOM   176  O O   . ASP A 1 47  ? -6.313  -8.758  -25.839 1.000 158.078 ? 117 ASP A O   1 
ATOM   177  C CB  . ASP A 1 47  ? -5.714  -10.261 -23.010 1.000 163.782 ? 117 ASP A CB  1 
ATOM   178  C CG  . ASP A 1 47  ? -4.833  -11.294 -22.325 1.000 173.565 ? 117 ASP A CG  1 
ATOM   179  O OD1 . ASP A 1 47  ? -3.844  -11.738 -22.948 1.000 166.551 ? 117 ASP A OD1 1 
ATOM   180  O OD2 . ASP A 1 47  ? -5.152  -11.654 -21.175 1.000 182.284 ? 117 ASP A OD2 1 
ATOM   181  N N   . ASP A 1 48  ? -6.444  -7.340  -24.072 1.000 141.587 ? 118 ASP A N   1 
ATOM   182  C CA  . ASP A 1 48  ? -7.469  -6.462  -24.623 1.000 142.380 ? 118 ASP A CA  1 
ATOM   183  C C   . ASP A 1 48  ? -6.863  -5.150  -25.131 1.000 142.666 ? 118 ASP A C   1 
ATOM   184  O O   . ASP A 1 48  ? -7.347  -4.583  -26.113 1.000 150.534 ? 118 ASP A O   1 
ATOM   185  C CB  . ASP A 1 48  ? -8.582  -6.179  -23.607 1.000 140.014 ? 118 ASP A CB  1 
ATOM   186  C CG  . ASP A 1 48  ? -9.375  -7.403  -23.181 1.000 147.947 ? 118 ASP A CG  1 
ATOM   187  O OD1 . ASP A 1 48  ? -8.743  -8.410  -22.793 1.000 153.389 ? 118 ASP A OD1 1 
ATOM   188  O OD2 . ASP A 1 48  ? -10.621 -7.337  -23.232 1.000 153.068 ? 118 ASP A OD2 1 
ATOM   189  N N   . PHE A 1 49  ? -5.812  -4.667  -24.451 1.000 130.285 ? 119 PHE A N   1 
ATOM   190  C CA  . PHE A 1 49  ? -5.270  -3.332  -24.675 1.000 125.215 ? 119 PHE A CA  1 
ATOM   191  C C   . PHE A 1 49  ? -3.888  -3.396  -25.320 1.000 125.359 ? 119 PHE A C   1 
ATOM   192  O O   . PHE A 1 49  ? -3.089  -4.278  -25.005 1.000 123.266 ? 119 PHE A O   1 
ATOM   193  C CB  . PHE A 1 49  ? -5.183  -2.563  -23.357 1.000 131.285 ? 119 PHE A CB  1 
ATOM   194  C CG  . PHE A 1 49  ? -6.510  -2.182  -22.751 1.000 139.038 ? 119 PHE A CG  1 
ATOM   195  C CD1 . PHE A 1 49  ? -7.210  -1.076  -23.215 1.000 131.887 ? 119 PHE A CD1 1 
ATOM   196  C CD2 . PHE A 1 49  ? -7.052  -2.922  -21.709 1.000 138.936 ? 119 PHE A CD2 1 
ATOM   197  C CE1 . PHE A 1 49  ? -8.429  -0.724  -22.656 1.000 125.604 ? 119 PHE A CE1 1 
ATOM   198  C CE2 . PHE A 1 49  ? -8.272  -2.568  -21.154 1.000 140.861 ? 119 PHE A CE2 1 
ATOM   199  C CZ  . PHE A 1 49  ? -8.959  -1.472  -21.629 1.000 133.547 ? 119 PHE A CZ  1 
ATOM   200  N N   . ASN A 1 50  ? -3.611  -2.412  -26.189 1.000 121.388 ? 120 ASN A N   1 
ATOM   201  C CA  . ASN A 1 50  ? -2.446  -2.418  -27.061 1.000 124.144 ? 120 ASN A CA  1 
ATOM   202  C C   . ASN A 1 50  ? -1.326  -1.559  -26.480 1.000 119.896 ? 120 ASN A C   1 
ATOM   203  O O   . ASN A 1 50  ? -0.153  -1.898  -26.625 1.000 124.615 ? 120 ASN A O   1 
ATOM   204  C CB  . ASN A 1 50  ? -2.797  -1.972  -28.484 1.000 136.952 ? 120 ASN A CB  1 
ATOM   205  C CG  . ASN A 1 50  ? -3.197  -3.118  -29.391 1.000 149.550 ? 120 ASN A CG  1 
ATOM   206  O OD1 . ASN A 1 50  ? -2.786  -4.262  -29.186 1.000 144.398 ? 120 ASN A OD1 1 
ATOM   207  N ND2 . ASN A 1 50  ? -3.994  -2.812  -30.402 1.000 160.834 ? 120 ASN A ND2 1 
ATOM   208  N N   . MET A 1 51  ? -1.697  -0.433  -25.859 1.000 117.578 ? 121 MET A N   1 
ATOM   209  C CA  . MET A 1 51  ? -0.755  0.438   -25.172 1.000 119.677 ? 121 MET A CA  1 
ATOM   210  C C   . MET A 1 51  ? -1.203  0.622   -23.717 1.000 120.890 ? 121 MET A C   1 
ATOM   211  O O   . MET A 1 51  ? -2.337  1.027   -23.471 1.000 138.809 ? 121 MET A O   1 
ATOM   212  C CB  . MET A 1 51  ? -0.633  1.792   -25.883 1.000 114.389 ? 121 MET A CB  1 
ATOM   213  C CG  . MET A 1 51  ? 0.149   2.792   -25.069 1.000 123.715 ? 121 MET A CG  1 
ATOM   214  S SD  . MET A 1 51  ? 1.348   3.731   -26.024 1.000 142.792 ? 121 MET A SD  1 
ATOM   215  C CE  . MET A 1 51  ? 2.285   4.483   -24.693 1.000 124.068 ? 121 MET A CE  1 
ATOM   216  N N   . VAL A 1 52  ? -0.302  0.322   -22.759 1.000 114.578 ? 122 VAL A N   1 
ATOM   217  C CA  . VAL A 1 52  ? -0.646  0.056   -21.362 1.000 99.691  ? 122 VAL A CA  1 
ATOM   218  C C   . VAL A 1 52  ? 0.460   0.573   -20.434 1.000 102.468 ? 122 VAL A C   1 
ATOM   219  O O   . VAL A 1 52  ? 1.359   -0.181  -20.072 1.000 105.746 ? 122 VAL A O   1 
ATOM   220  C CB  . VAL A 1 52  ? -0.856  -1.457  -21.137 1.000 87.844  ? 122 VAL A CB  1 
ATOM   221  C CG1 . VAL A 1 52  ? -1.099  -1.812  -19.681 1.000 76.247  ? 122 VAL A CG1 1 
ATOM   222  C CG2 . VAL A 1 52  ? -1.952  -2.038  -22.015 1.000 93.498  ? 122 VAL A CG2 1 
ATOM   223  N N   . SER A 1 53  ? 0.371   1.841   -20.013 1.000 105.579 ? 123 SER A N   1 
ATOM   224  C CA  . SER A 1 53  ? 1.416   2.483   -19.224 1.000 109.913 ? 123 SER A CA  1 
ATOM   225  C C   . SER A 1 53  ? 1.218   2.199   -17.730 1.000 104.651 ? 123 SER A C   1 
ATOM   226  O O   . SER A 1 53  ? 0.116   2.365   -17.219 1.000 107.013 ? 123 SER A O   1 
ATOM   227  C CB  . SER A 1 53  ? 1.448   3.964   -19.524 1.000 116.253 ? 123 SER A CB  1 
ATOM   228  O OG  . SER A 1 53  ? 1.141   4.199   -20.895 1.000 118.407 ? 123 SER A OG  1 
ATOM   229  N N   . LEU A 1 54  ? 2.280   1.750   -17.032 1.000 102.505 ? 124 LEU A N   1 
ATOM   230  C CA  . LEU A 1 54  ? 2.234   1.411   -15.610 1.000 101.216 ? 124 LEU A CA  1 
ATOM   231  C C   . LEU A 1 54  ? 3.032   2.431   -14.796 1.000 109.498 ? 124 LEU A C   1 
ATOM   232  O O   . LEU A 1 54  ? 4.100   2.850   -15.238 1.000 130.892 ? 124 LEU A O   1 
ATOM   233  C CB  . LEU A 1 54  ? 2.826   0.014   -15.392 1.000 92.892  ? 124 LEU A CB  1 
ATOM   234  C CG  . LEU A 1 54  ? 2.087   -1.150  -16.043 1.000 93.811  ? 124 LEU A CG  1 
ATOM   235  C CD1 . LEU A 1 54  ? 2.407   -2.453  -15.324 1.000 96.838  ? 124 LEU A CD1 1 
ATOM   236  C CD2 . LEU A 1 54  ? 0.587   -0.909  -16.043 1.000 99.978  ? 124 LEU A CD2 1 
ATOM   237  N N   . ILE A 1 55  ? 2.526   2.800   -13.601 1.000 106.877 ? 125 ILE A N   1 
ATOM   238  C CA  . ILE A 1 55  ? 3.090   3.871   -12.779 1.000 99.980  ? 125 ILE A CA  1 
ATOM   239  C C   . ILE A 1 55  ? 3.067   3.504   -11.291 1.000 104.598 ? 125 ILE A C   1 
ATOM   240  O O   . ILE A 1 55  ? 1.987   3.374   -10.713 1.000 108.131 ? 125 ILE A O   1 
ATOM   241  C CB  . ILE A 1 55  ? 2.339   5.195   -13.014 1.000 87.305  ? 125 ILE A CB  1 
ATOM   242  C CG1 . ILE A 1 55  ? 1.950   5.368   -14.485 1.000 92.781  ? 125 ILE A CG1 1 
ATOM   243  C CG2 . ILE A 1 55  ? 3.182   6.348   -12.496 1.000 83.820  ? 125 ILE A CG2 1 
ATOM   244  C CD1 . ILE A 1 55  ? 1.178   6.625   -14.810 1.000 96.906  ? 125 ILE A CD1 1 
ATOM   245  N N   . ARG A 1 56  ? 4.255   3.370   -10.670 1.000 97.270  ? 126 ARG A N   1 
ATOM   246  C CA  . ARG A 1 56  ? 4.351   3.234   -9.222  1.000 97.957  ? 126 ARG A CA  1 
ATOM   247  C C   . ARG A 1 56  ? 4.132   4.611   -8.603  1.000 99.417  ? 126 ARG A C   1 
ATOM   248  O O   . ARG A 1 56  ? 4.351   5.622   -9.271  1.000 97.965  ? 126 ARG A O   1 
ATOM   249  C CB  . ARG A 1 56  ? 5.718   2.730   -8.739  1.000 106.580 ? 126 ARG A CB  1 
ATOM   250  C CG  . ARG A 1 56  ? 6.241   1.460   -9.393  1.000 110.605 ? 126 ARG A CG  1 
ATOM   251  C CD  . ARG A 1 56  ? 5.196   0.403   -9.683  1.000 107.827 ? 126 ARG A CD  1 
ATOM   252  N NE  . ARG A 1 56  ? 4.508   -0.141  -8.523  1.000 113.271 ? 126 ARG A NE  1 
ATOM   253  C CZ  . ARG A 1 56  ? 5.055   -0.943  -7.614  1.000 121.998 ? 126 ARG A CZ  1 
ATOM   254  N NH1 . ARG A 1 56  ? 6.333   -1.276  -7.698  1.000 124.919 ? 126 ARG A NH1 1 
ATOM   255  N NH2 . ARG A 1 56  ? 4.319   -1.398  -6.614  1.000 127.620 ? 126 ARG A NH2 1 
ATOM   256  N N   . THR A 1 57  ? 3.716   4.618   -7.326  1.000 95.923  ? 127 THR A N   1 
ATOM   257  C CA  . THR A 1 57  ? 3.485   5.810   -6.522  1.000 92.806  ? 127 THR A CA  1 
ATOM   258  C C   . THR A 1 57  ? 3.423   5.392   -5.053  1.000 96.279  ? 127 THR A C   1 
ATOM   259  O O   . THR A 1 57  ? 3.029   4.261   -4.766  1.000 86.032  ? 127 THR A O   1 
ATOM   260  C CB  . THR A 1 57  ? 2.191   6.511   -6.954  1.000 87.725  ? 127 THR A CB  1 
ATOM   261  O OG1 . THR A 1 57  ? 2.140   7.766   -6.282  1.000 108.106 ? 127 THR A OG1 1 
ATOM   262  C CG2 . THR A 1 57  ? 0.950   5.732   -6.585  1.000 95.470  ? 127 THR A CG2 1 
ATOM   263  N N   . SER A 1 58  ? 3.831   6.288   -4.133  1.000 99.677  ? 128 SER A N   1 
ATOM   264  C CA  . SER A 1 58  ? 3.621   6.074   -2.707  1.000 95.837  ? 128 SER A CA  1 
ATOM   265  C C   . SER A 1 58  ? 2.124   5.971   -2.442  1.000 98.468  ? 128 SER A C   1 
ATOM   266  O O   . SER A 1 58  ? 1.331   6.681   -3.062  1.000 105.438 ? 128 SER A O   1 
ATOM   267  C CB  . SER A 1 58  ? 4.220   7.167   -1.868  1.000 99.013  ? 128 SER A CB  1 
ATOM   268  O OG  . SER A 1 58  ? 3.919   6.953   -0.493  1.000 98.324  ? 128 SER A OG  1 
ATOM   269  N N   . PRO A 1 59  ? 1.679   5.080   -1.528  1.000 90.851  ? 129 PRO A N   1 
ATOM   270  C CA  . PRO A 1 59  ? 0.253   4.980   -1.225  1.000 86.516  ? 129 PRO A CA  1 
ATOM   271  C C   . PRO A 1 59  ? -0.287  6.340   -0.789  1.000 92.325  ? 129 PRO A C   1 
ATOM   272  O O   . PRO A 1 59  ? -1.489  6.577   -0.870  1.000 101.175 ? 129 PRO A O   1 
ATOM   273  C CB  . PRO A 1 59  ? 0.189   3.919   -0.120  1.000 79.635  ? 129 PRO A CB  1 
ATOM   274  C CG  . PRO A 1 59  ? 1.471   3.120   -0.291  1.000 78.321  ? 129 PRO A CG  1 
ATOM   275  C CD  . PRO A 1 59  ? 2.499   4.115   -0.779  1.000 79.146  ? 129 PRO A CD  1 
ATOM   276  N N   . ALA A 1 60  ? 0.618   7.248   -0.391  1.000 90.299  ? 130 ALA A N   1 
ATOM   277  C CA  . ALA A 1 60  ? 0.239   8.557   0.122   1.000 97.461  ? 130 ALA A CA  1 
ATOM   278  C C   . ALA A 1 60  ? -0.014  9.549   -1.016  1.000 102.958 ? 130 ALA A C   1 
ATOM   279  O O   . ALA A 1 60  ? -0.590  10.614  -0.799  1.000 110.722 ? 130 ALA A O   1 
ATOM   280  C CB  . ALA A 1 60  ? 1.290   9.047   1.087   1.000 100.494 ? 130 ALA A CB  1 
ATOM   281  N N   . ASP A 1 61  ? 0.393   9.183   -2.236  1.000 106.384 ? 131 ASP A N   1 
ATOM   282  C CA  . ASP A 1 61  ? 0.274   10.071  -3.379  1.000 103.699 ? 131 ASP A CA  1 
ATOM   283  C C   . ASP A 1 61  ? -0.674  9.485   -4.417  1.000 98.540  ? 131 ASP A C   1 
ATOM   284  O O   . ASP A 1 61  ? -0.976  10.137  -5.410  1.000 96.826  ? 131 ASP A O   1 
ATOM   285  C CB  . ASP A 1 61  ? 1.646   10.347  -3.986  1.000 105.156 ? 131 ASP A CB  1 
ATOM   286  C CG  . ASP A 1 61  ? 2.557   11.014  -2.982  1.000 119.900 ? 131 ASP A CG  1 
ATOM   287  O OD1 . ASP A 1 61  ? 2.098   12.000  -2.362  1.000 128.471 ? 131 ASP A OD1 1 
ATOM   288  O OD2 . ASP A 1 61  ? 3.695   10.528  -2.815  1.000 126.409 ? 131 ASP A OD2 1 
ATOM   289  N N   . SER A 1 62  ? -1.140  8.257   -4.175  1.000 93.358  ? 132 SER A N   1 
ATOM   290  C CA  . SER A 1 62  ? -1.945  7.565   -5.161  1.000 94.195  ? 132 SER A CA  1 
ATOM   291  C C   . SER A 1 62  ? -3.135  8.436   -5.555  1.000 96.726  ? 132 SER A C   1 
ATOM   292  O O   . SER A 1 62  ? -3.210  8.920   -6.685  1.000 99.297  ? 132 SER A O   1 
ATOM   293  C CB  . SER A 1 62  ? -2.368  6.227   -4.656  1.000 88.213  ? 132 SER A CB  1 
ATOM   294  O OG  . SER A 1 62  ? -3.188  6.403   -3.519  1.000 98.395  ? 132 SER A OG  1 
ATOM   295  N N   . LEU A 1 63  ? -4.042  8.675   -4.604  1.000 98.345  ? 133 LEU A N   1 
ATOM   296  C CA  . LEU A 1 63  ? -5.297  9.325   -4.940  1.000 97.413  ? 133 LEU A CA  1 
ATOM   297  C C   . LEU A 1 63  ? -5.028  10.769  -5.356  1.000 96.686  ? 133 LEU A C   1 
ATOM   298  O O   . LEU A 1 63  ? -5.618  11.251  -6.319  1.000 96.477  ? 133 LEU A O   1 
ATOM   299  C CB  . LEU A 1 63  ? -6.266  9.200   -3.760  1.000 95.111  ? 133 LEU A CB  1 
ATOM   300  C CG  . LEU A 1 63  ? -6.647  7.763   -3.398  1.000 91.028  ? 133 LEU A CG  1 
ATOM   301  C CD1 . LEU A 1 63  ? -7.358  7.679   -2.056  1.000 89.847  ? 133 LEU A CD1 1 
ATOM   302  C CD2 . LEU A 1 63  ? -7.491  7.138   -4.494  1.000 92.812  ? 133 LEU A CD2 1 
ATOM   303  N N   . ALA A 1 64  ? -4.083  11.420  -4.664  1.000 98.575  ? 134 ALA A N   1 
ATOM   304  C CA  . ALA A 1 64  ? -3.676  12.783  -4.967  1.000 104.947 ? 134 ALA A CA  1 
ATOM   305  C C   . ALA A 1 64  ? -3.379  12.950  -6.461  1.000 105.572 ? 134 ALA A C   1 
ATOM   306  O O   . ALA A 1 64  ? -3.791  13.936  -7.074  1.000 104.884 ? 134 ALA A O   1 
ATOM   307  C CB  . ALA A 1 64  ? -2.490  13.149  -4.106  1.000 112.184 ? 134 ALA A CB  1 
ATOM   308  N N   . THR A 1 65  ? -2.682  11.952  -7.028  1.000 107.703 ? 135 THR A N   1 
ATOM   309  C CA  . THR A 1 65  ? -2.222  11.898  -8.408  1.000 106.506 ? 135 THR A CA  1 
ATOM   310  C C   . THR A 1 65  ? -3.398  11.905  -9.380  1.000 114.180 ? 135 THR A C   1 
ATOM   311  O O   . THR A 1 65  ? -3.467  12.764  -10.259 1.000 132.658 ? 135 THR A O   1 
ATOM   312  C CB  . THR A 1 65  ? -1.418  10.616  -8.656  1.000 99.451  ? 135 THR A CB  1 
ATOM   313  O OG1 . THR A 1 65  ? -0.087  10.855  -8.199  1.000 97.179  ? 135 THR A OG1 1 
ATOM   314  C CG2 . THR A 1 65  ? -1.408  10.183  -10.105 1.000 97.835  ? 135 THR A CG2 1 
ATOM   315  N N   . ILE A 1 66  ? -4.299  10.927  -9.209  1.000 108.045 ? 136 ILE A N   1 
ATOM   316  C CA  . ILE A 1 66  ? -5.381  10.661  -10.147 1.000 114.045 ? 136 ILE A CA  1 
ATOM   317  C C   . ILE A 1 66  ? -6.364  11.828  -10.170 1.000 120.182 ? 136 ILE A C   1 
ATOM   318  O O   . ILE A 1 66  ? -7.159  11.945  -11.102 1.000 133.231 ? 136 ILE A O   1 
ATOM   319  C CB  . ILE A 1 66  ? -6.100  9.331   -9.829  1.000 107.710 ? 136 ILE A CB  1 
ATOM   320  C CG1 . ILE A 1 66  ? -7.112  9.475   -8.690  1.000 98.793  ? 136 ILE A CG1 1 
ATOM   321  C CG2 . ILE A 1 66  ? -5.098  8.220   -9.555  1.000 106.001 ? 136 ILE A CG2 1 
ATOM   322  C CD1 . ILE A 1 66  ? -7.961  8.254   -8.459  1.000 95.412  ? 136 ILE A CD1 1 
ATOM   323  N N   . LYS A 1 67  ? -6.318  12.666  -9.123  1.000 121.188 ? 137 LYS A N   1 
ATOM   324  C CA  . LYS A 1 67  ? -7.269  13.752  -8.948  1.000 124.898 ? 137 LYS A CA  1 
ATOM   325  C C   . LYS A 1 67  ? -6.873  14.961  -9.798  1.000 134.177 ? 137 LYS A C   1 
ATOM   326  O O   . LYS A 1 67  ? -7.723  15.793  -10.106 1.000 140.238 ? 137 LYS A O   1 
ATOM   327  C CB  . LYS A 1 67  ? -7.511  14.022  -7.460  1.000 118.705 ? 137 LYS A CB  1 
ATOM   328  C CG  . LYS A 1 67  ? -8.473  13.039  -6.801  1.000 118.673 ? 137 LYS A CG  1 
ATOM   329  C CD  . LYS A 1 67  ? -8.881  13.393  -5.386  1.000 118.160 ? 137 LYS A CD  1 
ATOM   330  C CE  . LYS A 1 67  ? -7.808  13.093  -4.363  1.000 121.488 ? 137 LYS A CE  1 
ATOM   331  N NZ  . LYS A 1 67  ? -8.103  13.732  -3.060  1.000 123.484 ? 137 LYS A NZ  1 
ATOM   332  N N   . GLN A 1 68  ? -5.593  15.026  -10.200 1.000 131.149 ? 138 GLN A N   1 
ATOM   333  C CA  . GLN A 1 68  ? -5.137  15.923  -11.255 1.000 129.331 ? 138 GLN A CA  1 
ATOM   334  C C   . GLN A 1 68  ? -5.579  15.384  -12.619 1.000 141.358 ? 138 GLN A C   1 
ATOM   335  O O   . GLN A 1 68  ? -5.187  14.283  -13.003 1.000 142.667 ? 138 GLN A O   1 
ATOM   336  C CB  . GLN A 1 68  ? -3.612  16.004  -11.248 1.000 117.907 ? 138 GLN A CB  1 
ATOM   337  C CG  . GLN A 1 68  ? -3.014  16.531  -9.957  1.000 126.537 ? 138 GLN A CG  1 
ATOM   338  C CD  . GLN A 1 68  ? -1.510  16.457  -10.040 1.000 150.680 ? 138 GLN A CD  1 
ATOM   339  O OE1 . GLN A 1 68  ? -0.943  16.148  -11.087 1.000 153.740 ? 138 GLN A OE1 1 
ATOM   340  N NE2 . GLN A 1 68  ? -0.851  16.735  -8.927  1.000 165.615 ? 138 GLN A NE2 1 
ATOM   341  N N   . ASP A 1 69  ? -6.368  16.180  -13.363 1.000 143.737 ? 139 ASP A N   1 
ATOM   342  C CA  . ASP A 1 69  ? -6.949  15.776  -14.639 1.000 142.202 ? 139 ASP A CA  1 
ATOM   343  C C   . ASP A 1 69  ? -5.859  15.559  -15.687 1.000 143.989 ? 139 ASP A C   1 
ATOM   344  O O   . ASP A 1 69  ? -5.991  14.684  -16.539 1.000 146.792 ? 139 ASP A O   1 
ATOM   345  C CB  . ASP A 1 69  ? -7.959  16.799  -15.169 1.000 148.377 ? 139 ASP A CB  1 
ATOM   346  C CG  . ASP A 1 69  ? -8.981  17.258  -14.143 1.000 161.363 ? 139 ASP A CG  1 
ATOM   347  O OD1 . ASP A 1 69  ? -8.557  17.811  -13.106 1.000 163.895 ? 139 ASP A OD1 1 
ATOM   348  O OD2 . ASP A 1 69  ? -10.193 17.065  -14.394 1.000 156.814 ? 139 ASP A OD2 1 
ATOM   349  N N   . ASN A 1 70  ? -4.798  16.378  -15.610 1.000 149.811 ? 140 ASN A N   1 
ATOM   350  C CA  . ASN A 1 70  ? -3.640  16.325  -16.493 1.000 151.093 ? 140 ASN A CA  1 
ATOM   351  C C   . ASN A 1 70  ? -2.960  14.960  -16.406 1.000 152.141 ? 140 ASN A C   1 
ATOM   352  O O   . ASN A 1 70  ? -2.518  14.433  -17.425 1.000 158.994 ? 140 ASN A O   1 
ATOM   353  C CB  . ASN A 1 70  ? -2.642  17.449  -16.195 1.000 158.556 ? 140 ASN A CB  1 
ATOM   354  C CG  . ASN A 1 70  ? -2.310  17.575  -14.722 1.000 170.839 ? 140 ASN A CG  1 
ATOM   355  O OD1 . ASN A 1 70  ? -3.143  18.010  -13.928 1.000 184.354 ? 140 ASN A OD1 1 
ATOM   356  N ND2 . ASN A 1 70  ? -1.095  17.204  -14.348 1.000 170.204 ? 140 ASN A ND2 1 
ATOM   357  N N   . ALA A 1 71  ? -2.887  14.400  -15.186 1.000 150.230 ? 141 ALA A N   1 
ATOM   358  C CA  . ALA A 1 71  ? -2.262  13.110  -14.917 1.000 140.412 ? 141 ALA A CA  1 
ATOM   359  C C   . ALA A 1 71  ? -2.976  11.991  -15.680 1.000 127.184 ? 141 ALA A C   1 
ATOM   360  O O   . ALA A 1 71  ? -2.385  10.945  -15.948 1.000 108.160 ? 141 ALA A O   1 
ATOM   361  C CB  . ALA A 1 71  ? -2.205  12.843  -13.428 1.000 135.258 ? 141 ALA A CB  1 
ATOM   362  N N   . GLU A 1 72  ? -4.254  12.221  -16.011 1.000 119.670 ? 142 GLU A N   1 
ATOM   363  C CA  . GLU A 1 72  ? -4.996  11.423  -16.976 1.000 124.842 ? 142 GLU A CA  1 
ATOM   364  C C   . GLU A 1 72  ? -4.834  9.924   -16.704 1.000 124.574 ? 142 GLU A C   1 
ATOM   365  O O   . GLU A 1 72  ? -4.598  9.151   -17.636 1.000 124.998 ? 142 GLU A O   1 
ATOM   366  C CB  . GLU A 1 72  ? -4.550  11.773  -18.399 1.000 130.834 ? 142 GLU A CB  1 
ATOM   367  C CG  . GLU A 1 72  ? -5.520  12.660  -19.159 1.000 144.942 ? 142 GLU A CG  1 
ATOM   368  C CD  . GLU A 1 72  ? -5.317  12.648  -20.668 1.000 161.937 ? 142 GLU A CD  1 
ATOM   369  O OE1 . GLU A 1 72  ? -4.155  12.504  -21.115 1.000 158.092 ? 142 GLU A OE1 1 
ATOM   370  O OE2 . GLU A 1 72  ? -6.324  12.773  -21.398 1.000 174.254 ? 142 GLU A OE2 1 
ATOM   371  N N   . ILE A 1 73  ? -4.981  9.516   -15.432 1.000 107.216 ? 143 ILE A N   1 
ATOM   372  C CA  . ILE A 1 73  ? -4.950  8.110   -15.048 1.000 95.567  ? 143 ILE A CA  1 
ATOM   373  C C   . ILE A 1 73  ? -6.321  7.480   -15.281 1.000 95.376  ? 143 ILE A C   1 
ATOM   374  O O   . ILE A 1 73  ? -7.342  8.140   -15.117 1.000 103.384 ? 143 ILE A O   1 
ATOM   375  C CB  . ILE A 1 73  ? -4.513  7.931   -13.585 1.000 93.632  ? 143 ILE A CB  1 
ATOM   376  C CG1 . ILE A 1 73  ? -3.099  8.472   -13.363 1.000 101.755 ? 143 ILE A CG1 1 
ATOM   377  C CG2 . ILE A 1 73  ? -4.642  6.475   -13.153 1.000 92.807  ? 143 ILE A CG2 1 
ATOM   378  C CD1 . ILE A 1 73  ? -2.031  7.729   -14.125 1.000 106.833 ? 143 ILE A CD1 1 
ATOM   379  N N   . ASP A 1 74  ? -6.319  6.191   -15.644 1.000 93.588  ? 144 ASP A N   1 
ATOM   380  C CA  . ASP A 1 74  ? -7.530  5.460   -15.983 1.000 97.036  ? 144 ASP A CA  1 
ATOM   381  C C   . ASP A 1 74  ? -7.874  4.501   -14.849 1.000 97.254  ? 144 ASP A C   1 
ATOM   382  O O   . ASP A 1 74  ? -9.050  4.319   -14.549 1.000 106.342 ? 144 ASP A O   1 
ATOM   383  C CB  . ASP A 1 74  ? -7.399  4.717   -17.314 1.000 96.710  ? 144 ASP A CB  1 
ATOM   384  C CG  . ASP A 1 74  ? -7.061  5.634   -18.475 1.000 108.024 ? 144 ASP A CG  1 
ATOM   385  O OD1 . ASP A 1 74  ? -7.983  6.327   -18.948 1.000 120.631 ? 144 ASP A OD1 1 
ATOM   386  O OD2 . ASP A 1 74  ? -5.872  5.669   -18.872 1.000 109.689 ? 144 ASP A OD2 1 
ATOM   387  N N   . ILE A 1 75  ? -6.839  3.908   -14.227 1.000 94.613  ? 145 ILE A N   1 
ATOM   388  C CA  . ILE A 1 75  ? -7.011  2.864   -13.221 1.000 92.494  ? 145 ILE A CA  1 
ATOM   389  C C   . ILE A 1 75  ? -5.952  2.988   -12.121 1.000 92.736  ? 145 ILE A C   1 
ATOM   390  O O   . ILE A 1 75  ? -4.755  2.875   -12.378 1.000 98.926  ? 145 ILE A O   1 
ATOM   391  C CB  . ILE A 1 75  ? -7.007  1.464   -13.874 1.000 86.854  ? 145 ILE A CB  1 
ATOM   392  C CG1 . ILE A 1 75  ? -8.121  1.322   -14.915 1.000 86.308  ? 145 ILE A CG1 1 
ATOM   393  C CG2 . ILE A 1 75  ? -7.082  0.371   -12.818 1.000 86.480  ? 145 ILE A CG2 1 
ATOM   394  C CD1 . ILE A 1 75  ? -8.340  -0.088  -15.409 1.000 91.283  ? 145 ILE A CD1 1 
ATOM   395  N N   . ALA A 1 76  ? -6.408  3.200   -10.881 1.000 86.685  ? 146 ALA A N   1 
ATOM   396  C CA  . ALA A 1 76  ? -5.518  3.181   -9.732  1.000 87.120  ? 146 ALA A CA  1 
ATOM   397  C C   . ALA A 1 76  ? -5.755  1.906   -8.919  1.000 90.374  ? 146 ALA A C   1 
ATOM   398  O O   . ALA A 1 76  ? -6.904  1.545   -8.657  1.000 91.739  ? 146 ALA A O   1 
ATOM   399  C CB  . ALA A 1 76  ? -5.721  4.435   -8.918  1.000 86.623  ? 146 ALA A CB  1 
ATOM   400  N N   . ILE A 1 77  ? -4.655  1.212   -8.582  1.000 82.527  ? 147 ILE A N   1 
ATOM   401  C CA  . ILE A 1 77  ? -4.640  0.092   -7.653  1.000 84.169  ? 147 ILE A CA  1 
ATOM   402  C C   . ILE A 1 77  ? -3.876  0.541   -6.413  1.000 92.305  ? 147 ILE A C   1 
ATOM   403  O O   . ILE A 1 77  ? -2.645  0.575   -6.429  1.000 105.482 ? 147 ILE A O   1 
ATOM   404  C CB  . ILE A 1 77  ? -3.955  -1.152  -8.257  1.000 84.399  ? 147 ILE A CB  1 
ATOM   405  C CG1 . ILE A 1 77  ? -4.270  -1.359  -9.742  1.000 88.009  ? 147 ILE A CG1 1 
ATOM   406  C CG2 . ILE A 1 77  ? -4.243  -2.384  -7.409  1.000 78.748  ? 147 ILE A CG2 1 
ATOM   407  C CD1 . ILE A 1 77  ? -5.710  -1.679  -10.049 1.000 90.988  ? 147 ILE A CD1 1 
ATOM   408  N N   . THR A 1 78  ? -4.615  0.863   -5.343  1.000 89.975  ? 148 THR A N   1 
ATOM   409  C CA  . THR A 1 78  ? -4.038  1.490   -4.164  1.000 84.561  ? 148 THR A CA  1 
ATOM   410  C C   . THR A 1 78  ? -4.718  0.944   -2.907  1.000 84.991  ? 148 THR A C   1 
ATOM   411  O O   . THR A 1 78  ? -5.797  0.362   -3.005  1.000 87.761  ? 148 THR A O   1 
ATOM   412  C CB  . THR A 1 78  ? -4.124  3.014   -4.314  1.000 81.740  ? 148 THR A CB  1 
ATOM   413  O OG1 . THR A 1 78  ? -3.276  3.613   -3.340  1.000 84.173  ? 148 THR A OG1 1 
ATOM   414  C CG2 . THR A 1 78  ? -5.537  3.539   -4.208  1.000 74.856  ? 148 THR A CG2 1 
ATOM   415  N N   . ILE A 1 79  ? -4.082  1.124   -1.737  1.000 81.886  ? 149 ILE A N   1 
ATOM   416  C CA  . ILE A 1 79  ? -4.664  0.685   -0.474  1.000 83.075  ? 149 ILE A CA  1 
ATOM   417  C C   . ILE A 1 79  ? -5.466  1.819   0.161   1.000 88.780  ? 149 ILE A C   1 
ATOM   418  O O   . ILE A 1 79  ? -6.369  1.549   0.954   1.000 98.825  ? 149 ILE A O   1 
ATOM   419  C CB  . ILE A 1 79  ? -3.618  0.125   0.511   1.000 75.591  ? 149 ILE A CB  1 
ATOM   420  C CG1 . ILE A 1 79  ? -2.541  1.157   0.843   1.000 74.601  ? 149 ILE A CG1 1 
ATOM   421  C CG2 . ILE A 1 79  ? -3.033  -1.183  0.006   1.000 76.626  ? 149 ILE A CG2 1 
ATOM   422  C CD1 . ILE A 1 79  ? -1.792  0.862   2.118   1.000 80.210  ? 149 ILE A CD1 1 
ATOM   423  N N   . ASP A 1 80  ? -5.123  3.069   -0.196  1.000 79.436  ? 150 ASP A N   1 
ATOM   424  C CA  . ASP A 1 80  ? -5.730  4.273   0.358   1.000 80.863  ? 150 ASP A CA  1 
ATOM   425  C C   . ASP A 1 80  ? -7.215  4.331   0.008   1.000 85.035  ? 150 ASP A C   1 
ATOM   426  O O   . ASP A 1 80  ? -7.611  3.800   -1.024  1.000 85.139  ? 150 ASP A O   1 
ATOM   427  C CB  . ASP A 1 80  ? -5.061  5.522   -0.208  1.000 85.239  ? 150 ASP A CB  1 
ATOM   428  C CG  . ASP A 1 80  ? -5.128  6.704   0.737   1.000 92.515  ? 150 ASP A CG  1 
ATOM   429  O OD1 . ASP A 1 80  ? -5.485  6.484   1.906   1.000 100.497 ? 150 ASP A OD1 1 
ATOM   430  O OD2 . ASP A 1 80  ? -4.789  7.819   0.305   1.000 98.459  ? 150 ASP A OD2 1 
ATOM   431  N N   . GLU A 1 81  ? -8.014  4.993   0.866   1.000 94.149  ? 151 GLU A N   1 
ATOM   432  C CA  . GLU A 1 81  ? -9.457  5.133   0.695   1.000 100.694 ? 151 GLU A CA  1 
ATOM   433  C C   . GLU A 1 81  ? -9.864  6.605   0.726   1.000 103.587 ? 151 GLU A C   1 
ATOM   434  O O   . GLU A 1 81  ? -9.283  7.397   1.462   1.000 112.627 ? 151 GLU A O   1 
ATOM   435  C CB  . GLU A 1 81  ? -10.224 4.331   1.750   1.000 103.730 ? 151 GLU A CB  1 
ATOM   436  C CG  . GLU A 1 81  ? -9.765  4.586   3.179   1.000 114.202 ? 151 GLU A CG  1 
ATOM   437  C CD  . GLU A 1 81  ? -9.702  3.353   4.072   1.000 126.360 ? 151 GLU A CD  1 
ATOM   438  O OE1 . GLU A 1 81  ? -9.632  2.219   3.533   1.000 120.779 ? 151 GLU A OE1 1 
ATOM   439  O OE2 . GLU A 1 81  ? -9.709  3.526   5.309   1.000 131.227 ? 151 GLU A OE2 1 
ATOM   440  N N   . GLU A 1 82  ? -10.859 6.955   -0.095  1.000 102.907 ? 152 GLU A N   1 
ATOM   441  C CA  . GLU A 1 82  ? -11.526 8.248   -0.082  1.000 111.932 ? 152 GLU A CA  1 
ATOM   442  C C   . GLU A 1 82  ? -12.913 8.022   -0.679  1.000 120.904 ? 152 GLU A C   1 
ATOM   443  O O   . GLU A 1 82  ? -13.033 7.219   -1.599  1.000 126.179 ? 152 GLU A O   1 
ATOM   444  C CB  . GLU A 1 82  ? -10.695 9.267   -0.862  1.000 110.331 ? 152 GLU A CB  1 
ATOM   445  C CG  . GLU A 1 82  ? -11.407 10.585  -1.086  1.000 126.201 ? 152 GLU A CG  1 
ATOM   446  C CD  . GLU A 1 82  ? -10.491 11.685  -1.585  1.000 136.484 ? 152 GLU A CD  1 
ATOM   447  O OE1 . GLU A 1 82  ? -9.306  11.697  -1.172  1.000 128.131 ? 152 GLU A OE1 1 
ATOM   448  O OE2 . GLU A 1 82  ? -10.962 12.521  -2.386  1.000 148.162 ? 152 GLU A OE2 1 
ATOM   449  N N   . LEU A 1 83  ? -13.946 8.704   -0.158  1.000 125.984 ? 153 LEU A N   1 
ATOM   450  C CA  . LEU A 1 83  ? -15.316 8.219   -0.297  1.000 136.958 ? 153 LEU A CA  1 
ATOM   451  C C   . LEU A 1 83  ? -15.870 8.427   -1.710  1.000 142.159 ? 153 LEU A C   1 
ATOM   452  O O   . LEU A 1 83  ? -16.070 7.456   -2.435  1.000 149.265 ? 153 LEU A O   1 
ATOM   453  C CB  . LEU A 1 83  ? -16.204 8.815   0.800   1.000 144.358 ? 153 LEU A CB  1 
ATOM   454  C CG  . LEU A 1 83  ? -15.955 8.266   2.208   1.000 144.313 ? 153 LEU A CG  1 
ATOM   455  C CD1 . LEU A 1 83  ? -16.717 9.066   3.251   1.000 137.818 ? 153 LEU A CD1 1 
ATOM   456  C CD2 . LEU A 1 83  ? -16.317 6.790   2.298   1.000 129.041 ? 153 LEU A CD2 1 
ATOM   457  N N   . LYS A 1 84  ? -16.152 9.679   -2.091  1.000 142.190 ? 154 LYS A N   1 
ATOM   458  C CA  . LYS A 1 84  ? -16.424 10.001  -3.484  1.000 132.692 ? 154 LYS A CA  1 
ATOM   459  C C   . LYS A 1 84  ? -15.224 10.780  -4.013  1.000 141.729 ? 154 LYS A C   1 
ATOM   460  O O   . LYS A 1 84  ? -14.721 11.676  -3.332  1.000 138.927 ? 154 LYS A O   1 
ATOM   461  C CB  . LYS A 1 84  ? -17.742 10.769  -3.642  1.000 124.691 ? 154 LYS A CB  1 
ATOM   462  N N   . ILE A 1 85  ? -14.727 10.361  -5.186  1.000 148.157 ? 155 ILE A N   1 
ATOM   463  C CA  . ILE A 1 85  ? -13.797 11.133  -6.001  1.000 141.242 ? 155 ILE A CA  1 
ATOM   464  C C   . ILE A 1 85  ? -14.485 11.388  -7.338  1.000 135.285 ? 155 ILE A C   1 
ATOM   465  O O   . ILE A 1 85  ? -14.998 10.454  -7.955  1.000 130.901 ? 155 ILE A O   1 
ATOM   466  C CB  . ILE A 1 85  ? -12.448 10.403  -6.193  1.000 134.419 ? 155 ILE A CB  1 
ATOM   467  C CG1 . ILE A 1 85  ? -11.773 10.071  -4.861  1.000 127.900 ? 155 ILE A CG1 1 
ATOM   468  C CG2 . ILE A 1 85  ? -11.528 11.208  -7.097  1.000 140.947 ? 155 ILE A CG2 1 
ATOM   469  C CD1 . ILE A 1 85  ? -10.621 9.110   -4.987  1.000 121.091 ? 155 ILE A CD1 1 
ATOM   470  N N   . SER A 1 86  ? -14.509 12.656  -7.767  1.000 131.470 ? 156 SER A N   1 
ATOM   471  C CA  . SER A 1 86  ? -15.108 13.011  -9.045  1.000 139.250 ? 156 SER A CA  1 
ATOM   472  C C   . SER A 1 86  ? -14.430 12.233  -10.175 1.000 137.071 ? 156 SER A C   1 
ATOM   473  O O   . SER A 1 86  ? -13.209 12.066  -10.180 1.000 130.350 ? 156 SER A O   1 
ATOM   474  C CB  . SER A 1 86  ? -15.076 14.507  -9.277  1.000 137.576 ? 156 SER A CB  1 
ATOM   475  O OG  . SER A 1 86  ? -13.785 15.038  -9.011  1.000 145.758 ? 156 SER A OG  1 
ATOM   476  N N   . ARG A 1 87  ? -15.250 11.716  -11.100 1.000 133.376 ? 157 ARG A N   1 
ATOM   477  C CA  . ARG A 1 87  ? -14.814 11.119  -12.357 1.000 133.471 ? 157 ARG A CA  1 
ATOM   478  C C   . ARG A 1 87  ? -14.537 9.622   -12.197 1.000 118.465 ? 157 ARG A C   1 
ATOM   479  O O   . ARG A 1 87  ? -14.561 8.896   -13.186 1.000 119.804 ? 157 ARG A O   1 
ATOM   480  C CB  . ARG A 1 87  ? -13.664 11.894  -13.028 1.000 144.332 ? 157 ARG A CB  1 
ATOM   481  C CG  . ARG A 1 87  ? -14.054 13.223  -13.672 1.000 151.480 ? 157 ARG A CG  1 
ATOM   482  C CD  . ARG A 1 87  ? -12.960 13.970  -14.429 1.000 156.334 ? 157 ARG A CD  1 
ATOM   483  N NE  . ARG A 1 87  ? -11.831 14.378  -13.592 1.000 187.416 ? 157 ARG A NE  1 
ATOM   484  C CZ  . ARG A 1 87  ? -10.580 13.914  -13.686 1.000 198.895 ? 157 ARG A CZ  1 
ATOM   485  N NH1 . ARG A 1 87  ? -10.265 13.020  -14.609 1.000 203.634 ? 157 ARG A NH1 1 
ATOM   486  N NH2 . ARG A 1 87  ? -9.644  14.349  -12.857 1.000 182.265 ? 157 ARG A NH2 1 
ATOM   487  N N   . PHE A 1 88  ? -14.311 9.152   -10.959 1.000 114.526 ? 158 PHE A N   1 
ATOM   488  C CA  . PHE A 1 88  ? -13.872 7.783   -10.705 1.000 109.456 ? 158 PHE A CA  1 
ATOM   489  C C   . PHE A 1 88  ? -14.907 6.977   -9.919  1.000 109.257 ? 158 PHE A C   1 
ATOM   490  O O   . PHE A 1 88  ? -15.689 7.553   -9.167  1.000 134.155 ? 158 PHE A O   1 
ATOM   491  C CB  . PHE A 1 88  ? -12.555 7.773   -9.929  1.000 111.251 ? 158 PHE A CB  1 
ATOM   492  C CG  . PHE A 1 88  ? -11.347 8.112   -10.761 1.000 122.562 ? 158 PHE A CG  1 
ATOM   493  C CD1 . PHE A 1 88  ? -10.686 7.127   -11.480 1.000 118.071 ? 158 PHE A CD1 1 
ATOM   494  C CD2 . PHE A 1 88  ? -10.880 9.419   -10.832 1.000 124.952 ? 158 PHE A CD2 1 
ATOM   495  C CE1 . PHE A 1 88  ? -9.579  7.444   -12.251 1.000 121.716 ? 158 PHE A CE1 1 
ATOM   496  C CE2 . PHE A 1 88  ? -9.768  9.733   -11.599 1.000 119.751 ? 158 PHE A CE2 1 
ATOM   497  C CZ  . PHE A 1 88  ? -9.122  8.744   -12.306 1.000 124.540 ? 158 PHE A CZ  1 
ATOM   498  N N   . ASN A 1 89  ? -14.877 5.643   -10.107 1.000 102.431 ? 159 ASN A N   1 
ATOM   499  C CA  . ASN A 1 89  ? -15.601 4.639   -9.326  1.000 102.215 ? 159 ASN A CA  1 
ATOM   500  C C   . ASN A 1 89  ? -14.597 3.767   -8.561  1.000 100.244 ? 159 ASN A C   1 
ATOM   501  O O   . ASN A 1 89  ? -13.416 3.761   -8.896  1.000 106.588 ? 159 ASN A O   1 
ATOM   502  C CB  . ASN A 1 89  ? -16.498 3.761   -10.208 1.000 106.367 ? 159 ASN A CB  1 
ATOM   503  C CG  . ASN A 1 89  ? -17.671 4.497   -10.821 1.000 126.348 ? 159 ASN A CG  1 
ATOM   504  O OD1 . ASN A 1 89  ? -18.105 5.526   -10.306 1.000 143.602 ? 159 ASN A OD1 1 
ATOM   505  N ND2 . ASN A 1 89  ? -18.205 3.972   -11.913 1.000 127.643 ? 159 ASN A ND2 1 
ATOM   506  N N   . GLN A 1 90  ? -15.065 3.020   -7.544  1.000 95.718  ? 160 GLN A N   1 
ATOM   507  C CA  . GLN A 1 90  ? -14.219 2.277   -6.613  1.000 86.195  ? 160 GLN A CA  1 
ATOM   508  C C   . GLN A 1 90  ? -14.712 0.829   -6.505  1.000 84.491  ? 160 GLN A C   1 
ATOM   509  O O   . GLN A 1 90  ? -15.902 0.575   -6.660  1.000 92.176  ? 160 GLN A O   1 
ATOM   510  C CB  . GLN A 1 90  ? -14.295 2.959   -5.242  1.000 90.026  ? 160 GLN A CB  1 
ATOM   511  C CG  . GLN A 1 90  ? -13.064 2.757   -4.367  1.000 105.785 ? 160 GLN A CG  1 
ATOM   512  C CD  . GLN A 1 90  ? -13.355 2.598   -2.892  1.000 110.909 ? 160 GLN A CD  1 
ATOM   513  O OE1 . GLN A 1 90  ? -14.278 1.888   -2.497  1.000 114.632 ? 160 GLN A OE1 1 
ATOM   514  N NE2 . GLN A 1 90  ? -12.544 3.236   -2.059  1.000 107.844 ? 160 GLN A NE2 1 
ATOM   515  N N   . CYS A 1 91  ? -13.814 -0.130  -6.223  1.000 91.189  ? 161 CYS A N   1 
ATOM   516  C CA  . CYS A 1 91  ? -14.192 -1.509  -5.909  1.000 93.006  ? 161 CYS A CA  1 
ATOM   517  C C   . CYS A 1 91  ? -13.011 -2.265  -5.289  1.000 94.663  ? 161 CYS A C   1 
ATOM   518  O O   . CYS A 1 91  ? -11.860 -1.847  -5.427  1.000 102.123 ? 161 CYS A O   1 
ATOM   519  C CB  . CYS A 1 91  ? -14.677 -2.263  -7.142  1.000 89.344  ? 161 CYS A CB  1 
ATOM   520  S SG  . CYS A 1 91  ? -13.397 -2.413  -8.413  1.000 102.799 ? 161 CYS A SG  1 
ATOM   521  N N   . VAL A 1 92  ? -13.294 -3.383  -4.604  1.000 83.246  ? 162 VAL A N   1 
ATOM   522  C CA  . VAL A 1 92  ? -12.243 -4.156  -3.961  1.000 91.445  ? 162 VAL A CA  1 
ATOM   523  C C   . VAL A 1 92  ? -11.679 -5.154  -4.967  1.000 102.194 ? 162 VAL A C   1 
ATOM   524  O O   . VAL A 1 92  ? -12.449 -5.818  -5.654  1.000 107.894 ? 162 VAL A O   1 
ATOM   525  C CB  . VAL A 1 92  ? -12.770 -4.901  -2.725  1.000 90.774  ? 162 VAL A CB  1 
ATOM   526  C CG1 . VAL A 1 92  ? -11.640 -5.584  -1.969  1.000 95.416  ? 162 VAL A CG1 1 
ATOM   527  C CG2 . VAL A 1 92  ? -13.565 -3.979  -1.818  1.000 94.356  ? 162 VAL A CG2 1 
ATOM   528  N N   . LEU A 1 93  ? -10.342 -5.257  -5.034  1.000 104.794 ? 163 LEU A N   1 
ATOM   529  C CA  . LEU A 1 93  ? -9.670  -6.296  -5.799  1.000 99.614  ? 163 LEU A CA  1 
ATOM   530  C C   . LEU A 1 93  ? -9.283  -7.416  -4.843  1.000 103.364 ? 163 LEU A C   1 
ATOM   531  O O   . LEU A 1 93  ? -9.299  -8.588  -5.223  1.000 114.401 ? 163 LEU A O   1 
ATOM   532  C CB  . LEU A 1 93  ? -8.415  -5.725  -6.465  1.000 100.660 ? 163 LEU A CB  1 
ATOM   533  C CG  . LEU A 1 93  ? -8.653  -4.699  -7.569  1.000 102.948 ? 163 LEU A CG  1 
ATOM   534  C CD1 . LEU A 1 93  ? -7.424  -3.829  -7.748  1.000 111.966 ? 163 LEU A CD1 1 
ATOM   535  C CD2 . LEU A 1 93  ? -9.003  -5.383  -8.877  1.000 105.378 ? 163 LEU A CD2 1 
ATOM   536  N N   . GLY A 1 94  ? -8.924  -7.021  -3.612  1.000 96.484  ? 164 GLY A N   1 
ATOM   537  C CA  . GLY A 1 94  ? -8.627  -7.953  -2.535  1.000 97.144  ? 164 GLY A CA  1 
ATOM   538  C C   . GLY A 1 94  ? -8.012  -7.263  -1.318  1.000 99.729  ? 164 GLY A C   1 
ATOM   539  O O   . GLY A 1 94  ? -8.271  -6.089  -1.056  1.000 97.973  ? 164 GLY A O   1 
ATOM   540  N N   . TYR A 1 95  ? -7.178  -8.020  -0.595  1.000 97.758  ? 165 TYR A N   1 
ATOM   541  C CA  . TYR A 1 95  ? -6.599  -7.623  0.677   1.000 104.812 ? 165 TYR A CA  1 
ATOM   542  C C   . TYR A 1 95  ? -5.115  -7.983  0.665   1.000 102.411 ? 165 TYR A C   1 
ATOM   543  O O   . TYR A 1 95  ? -4.731  -8.982  0.069   1.000 107.405 ? 165 TYR A O   1 
ATOM   544  C CB  . TYR A 1 95  ? -7.367  -8.323  1.804   1.000 119.638 ? 165 TYR A CB  1 
ATOM   545  C CG  . TYR A 1 95  ? -8.816  -8.553  1.456   1.000 126.480 ? 165 TYR A CG  1 
ATOM   546  C CD1 . TYR A 1 95  ? -9.176  -9.590  0.611   1.000 130.905 ? 165 TYR A CD1 1 
ATOM   547  C CD2 . TYR A 1 95  ? -9.813  -7.704  1.912   1.000 128.870 ? 165 TYR A CD2 1 
ATOM   548  C CE1 . TYR A 1 95  ? -10.494 -9.794  0.236   1.000 136.371 ? 165 TYR A CE1 1 
ATOM   549  C CE2 . TYR A 1 95  ? -11.139 -7.899  1.552   1.000 143.420 ? 165 TYR A CE2 1 
ATOM   550  C CZ  . TYR A 1 95  ? -11.481 -8.946  0.710   1.000 140.379 ? 165 TYR A CZ  1 
ATOM   551  O OH  . TYR A 1 95  ? -12.782 -9.149  0.342   1.000 133.652 ? 165 TYR A OH  1 
ATOM   552  N N   . THR A 1 96  ? -4.285  -7.164  1.319   1.000 106.605 ? 166 THR A N   1 
ATOM   553  C CA  . THR A 1 96  ? -2.857  -7.430  1.416   1.000 100.899 ? 166 THR A CA  1 
ATOM   554  C C   . THR A 1 96  ? -2.383  -7.121  2.842   1.000 104.916 ? 166 THR A C   1 
ATOM   555  O O   . THR A 1 96  ? -2.975  -6.280  3.526   1.000 100.057 ? 166 THR A O   1 
ATOM   556  C CB  . THR A 1 96  ? -2.130  -6.740  0.254   1.000 93.837  ? 166 THR A CB  1 
ATOM   557  O OG1 . THR A 1 96  ? -0.779  -7.197  0.208   1.000 99.844  ? 166 THR A OG1 1 
ATOM   558  C CG2 . THR A 1 96  ? -2.193  -5.230  0.324   1.000 94.250  ? 166 THR A CG2 1 
ATOM   559  N N   . LYS A 1 97  ? -1.335  -7.837  3.289   1.000 103.976 ? 167 LYS A N   1 
ATOM   560  C CA  . LYS A 1 97  ? -0.800  -7.743  4.641   1.000 102.185 ? 167 LYS A CA  1 
ATOM   561  C C   . LYS A 1 97  ? 0.254   -6.642  4.725   1.000 98.542  ? 167 LYS A C   1 
ATOM   562  O O   . LYS A 1 97  ? 0.942   -6.356  3.747   1.000 103.782 ? 167 LYS A O   1 
ATOM   563  C CB  . LYS A 1 97  ? -0.122  -9.053  5.064   1.000 114.462 ? 167 LYS A CB  1 
ATOM   564  C CG  . LYS A 1 97  ? -1.030  -10.257 5.268   1.000 122.832 ? 167 LYS A CG  1 
ATOM   565  C CD  . LYS A 1 97  ? -2.035  -10.076 6.377   1.000 121.901 ? 167 LYS A CD  1 
ATOM   566  C CE  . LYS A 1 97  ? -2.925  -11.287 6.556   1.000 131.952 ? 167 LYS A CE  1 
ATOM   567  N NZ  . LYS A 1 97  ? -3.991  -11.028 7.552   1.000 130.621 ? 167 LYS A NZ  1 
ATOM   568  N N   . ALA A 1 98  ? 0.350   -6.032  5.914   1.000 95.783  ? 168 ALA A N   1 
ATOM   569  C CA  . ALA A 1 98  ? 1.475   -5.222  6.352   1.000 93.921  ? 168 ALA A CA  1 
ATOM   570  C C   . ALA A 1 98  ? 1.821   -5.631  7.785   1.000 97.896  ? 168 ALA A C   1 
ATOM   571  O O   . ALA A 1 98  ? 0.982   -6.220  8.463   1.000 106.621 ? 168 ALA A O   1 
ATOM   572  C CB  . ALA A 1 98  ? 1.099   -3.767  6.286   1.000 88.504  ? 168 ALA A CB  1 
ATOM   573  N N   . PHE A 1 99  ? 3.043   -5.322  8.242   1.000 96.865  ? 169 PHE A N   1 
ATOM   574  C CA  . PHE A 1 99  ? 3.420   -5.544  9.633   1.000 98.078  ? 169 PHE A CA  1 
ATOM   575  C C   . PHE A 1 99  ? 4.043   -4.278  10.219  1.000 99.501  ? 169 PHE A C   1 
ATOM   576  O O   . PHE A 1 99  ? 4.664   -3.499  9.496   1.000 97.320  ? 169 PHE A O   1 
ATOM   577  C CB  . PHE A 1 99  ? 4.390   -6.717  9.753   1.000 99.337  ? 169 PHE A CB  1 
ATOM   578  C CG  . PHE A 1 99  ? 3.859   -8.022  9.222   1.000 103.119 ? 169 PHE A CG  1 
ATOM   579  C CD1 . PHE A 1 99  ? 3.957   -8.329  7.871   1.000 101.662 ? 169 PHE A CD1 1 
ATOM   580  C CD2 . PHE A 1 99  ? 3.272   -8.946  10.077  1.000 109.610 ? 169 PHE A CD2 1 
ATOM   581  C CE1 . PHE A 1 99  ? 3.476   -9.535  7.383   1.000 107.988 ? 169 PHE A CE1 1 
ATOM   582  C CE2 . PHE A 1 99  ? 2.795   -10.152 9.591   1.000 114.309 ? 169 PHE A CE2 1 
ATOM   583  C CZ  . PHE A 1 99  ? 2.895   -10.442 8.245   1.000 117.868 ? 169 PHE A CZ  1 
ATOM   584  N N   . VAL A 1 100 ? 3.850   -4.065  11.528  1.000 93.576  ? 170 VAL A N   1 
ATOM   585  C CA  . VAL A 1 100 ? 4.550   -2.999  12.226  1.000 96.082  ? 170 VAL A CA  1 
ATOM   586  C C   . VAL A 1 100 ? 5.881   -3.584  12.684  1.000 102.025 ? 170 VAL A C   1 
ATOM   587  O O   . VAL A 1 100 ? 5.896   -4.604  13.372  1.000 100.781 ? 170 VAL A O   1 
ATOM   588  C CB  . VAL A 1 100 ? 3.739   -2.430  13.407  1.000 96.671  ? 170 VAL A CB  1 
ATOM   589  C CG1 . VAL A 1 100 ? 4.390   -1.179  13.982  1.000 88.762  ? 170 VAL A CG1 1 
ATOM   590  C CG2 . VAL A 1 100 ? 2.288   -2.163  13.035  1.000 96.060  ? 170 VAL A CG2 1 
ATOM   591  N N   . VAL A 1 101 ? 6.986   -2.942  12.272  1.000 106.967 ? 171 VAL A N   1 
ATOM   592  C CA  . VAL A 1 101 ? 8.327   -3.491  12.434  1.000 110.536 ? 171 VAL A CA  1 
ATOM   593  C C   . VAL A 1 101 ? 9.254   -2.465  13.092  1.000 127.786 ? 171 VAL A C   1 
ATOM   594  O O   . VAL A 1 101 ? 9.035   -1.254  12.971  1.000 119.242 ? 171 VAL A O   1 
ATOM   595  C CB  . VAL A 1 101 ? 8.903   -3.989  11.093  1.000 98.801  ? 171 VAL A CB  1 
ATOM   596  C CG1 . VAL A 1 101 ? 8.303   -5.319  10.656  1.000 89.040  ? 171 VAL A CG1 1 
ATOM   597  C CG2 . VAL A 1 101 ? 8.778   -2.945  9.997   1.000 102.031 ? 171 VAL A CG2 1 
ATOM   598  N N   . ALA A 1 102 ? 10.290  -2.986  13.781  1.000 132.614 ? 172 ALA A N   1 
ATOM   599  C CA  . ALA A 1 102 ? 11.371  -2.221  14.398  1.000 140.620 ? 172 ALA A CA  1 
ATOM   600  C C   . ALA A 1 102 ? 12.663  -3.049  14.443  1.000 138.612 ? 172 ALA A C   1 
ATOM   601  O O   . ALA A 1 102 ? 12.665  -4.225  14.069  1.000 118.729 ? 172 ALA A O   1 
ATOM   602  C CB  . ALA A 1 102 ? 10.949  -1.754  15.773  1.000 132.357 ? 172 ALA A CB  1 
ATOM   603  N N   . HIS A 1 103 ? 13.768  -2.409  14.869  1.000 133.605 ? 173 HIS A N   1 
ATOM   604  C CA  . HIS A 1 103 ? 15.018  -3.084  15.191  1.000 141.772 ? 173 HIS A CA  1 
ATOM   605  C C   . HIS A 1 103 ? 14.789  -4.017  16.380  1.000 140.538 ? 173 HIS A C   1 
ATOM   606  O O   . HIS A 1 103 ? 14.203  -3.600  17.377  1.000 150.336 ? 173 HIS A O   1 
ATOM   607  C CB  . HIS A 1 103 ? 16.121  -2.049  15.487  1.000 154.664 ? 173 HIS A CB  1 
ATOM   608  C CG  . HIS A 1 103 ? 17.472  -2.632  15.746  1.000 155.251 ? 173 HIS A CG  1 
ATOM   609  N ND1 . HIS A 1 103 ? 18.164  -3.349  14.787  1.000 161.757 ? 173 HIS A ND1 1 
ATOM   610  C CD2 . HIS A 1 103 ? 18.266  -2.600  16.837  1.000 154.846 ? 173 HIS A CD2 1 
ATOM   611  C CE1 . HIS A 1 103 ? 19.320  -3.745  15.280  1.000 157.483 ? 173 HIS A CE1 1 
ATOM   612  N NE2 . HIS A 1 103 ? 19.405  -3.298  16.535  1.000 168.212 ? 173 HIS A NE2 1 
ATOM   613  N N   . PRO A 1 104 ? 15.218  -5.302  16.320  1.000 129.579 ? 174 PRO A N   1 
ATOM   614  C CA  . PRO A 1 104 ? 14.973  -6.239  17.420  1.000 131.119 ? 174 PRO A CA  1 
ATOM   615  C C   . PRO A 1 104 ? 15.198  -5.633  18.807  1.000 134.819 ? 174 PRO A C   1 
ATOM   616  O O   . PRO A 1 104 ? 14.372  -5.806  19.700  1.000 147.763 ? 174 PRO A O   1 
ATOM   617  C CB  . PRO A 1 104 ? 15.935  -7.390  17.095  1.000 118.251 ? 174 PRO A CB  1 
ATOM   618  C CG  . PRO A 1 104 ? 15.993  -7.395  15.584  1.000 104.588 ? 174 PRO A CG  1 
ATOM   619  C CD  . PRO A 1 104 ? 15.938  -5.932  15.200  1.000 115.030 ? 174 PRO A CD  1 
ATOM   620  N N   . GLN A 1 105 ? 16.290  -4.874  18.963  1.000 133.515 ? 175 GLN A N   1 
ATOM   621  C CA  . GLN A 1 105 ? 16.671  -4.298  20.245  1.000 142.726 ? 175 GLN A CA  1 
ATOM   622  C C   . GLN A 1 105 ? 15.743  -3.145  20.635  1.000 137.324 ? 175 GLN A C   1 
ATOM   623  O O   . GLN A 1 105 ? 15.842  -2.636  21.750  1.000 134.138 ? 175 GLN A O   1 
ATOM   624  C CB  . GLN A 1 105 ? 18.119  -3.793  20.235  1.000 161.778 ? 175 GLN A CB  1 
ATOM   625  C CG  . GLN A 1 105 ? 19.130  -4.749  19.611  1.000 170.760 ? 175 GLN A CG  1 
ATOM   626  C CD  . GLN A 1 105 ? 18.956  -6.183  20.050  1.000 173.865 ? 175 GLN A CD  1 
ATOM   627  O OE1 . GLN A 1 105 ? 18.891  -6.485  21.239  1.000 187.465 ? 175 GLN A OE1 1 
ATOM   628  N NE2 . GLN A 1 105 ? 18.880  -7.079  19.078  1.000 174.506 ? 175 GLN A NE2 1 
ATOM   629  N N   . HIS A 1 106 ? 14.856  -2.732  19.713  1.000 132.429 ? 176 HIS A N   1 
ATOM   630  C CA  . HIS A 1 106 ? 13.997  -1.572  19.910  1.000 130.715 ? 176 HIS A CA  1 
ATOM   631  C C   . HIS A 1 106 ? 13.229  -1.716  21.218  1.000 132.198 ? 176 HIS A C   1 
ATOM   632  O O   . HIS A 1 106 ? 12.713  -2.793  21.494  1.000 143.257 ? 176 HIS A O   1 
ATOM   633  C CB  . HIS A 1 106 ? 13.018  -1.388  18.743  1.000 123.858 ? 176 HIS A CB  1 
ATOM   634  C CG  . HIS A 1 106 ? 12.379  -0.039  18.730  1.000 133.554 ? 176 HIS A CG  1 
ATOM   635  N ND1 . HIS A 1 106 ? 11.110  0.186   19.226  1.000 134.994 ? 176 HIS A ND1 1 
ATOM   636  C CD2 . HIS A 1 106 ? 12.840  1.163   18.320  1.000 144.706 ? 176 HIS A CD2 1 
ATOM   637  C CE1 . HIS A 1 106 ? 10.809  1.466   19.104  1.000 134.896 ? 176 HIS A CE1 1 
ATOM   638  N NE2 . HIS A 1 106 ? 11.856  2.090   18.553  1.000 139.695 ? 176 HIS A NE2 1 
ATOM   639  N N   . PRO A 1 107 ? 13.121  -0.649  22.047  1.000 133.304 ? 177 PRO A N   1 
ATOM   640  C CA  . PRO A 1 107 ? 12.426  -0.734  23.334  1.000 135.638 ? 177 PRO A CA  1 
ATOM   641  C C   . PRO A 1 107 ? 11.215  -1.673  23.364  1.000 144.324 ? 177 PRO A C   1 
ATOM   642  O O   . PRO A 1 107 ? 11.035  -2.415  24.331  1.000 148.748 ? 177 PRO A O   1 
ATOM   643  C CB  . PRO A 1 107 ? 12.021  0.733   23.563  1.000 127.531 ? 177 PRO A CB  1 
ATOM   644  C CG  . PRO A 1 107 ? 13.173  1.529   22.978  1.000 126.245 ? 177 PRO A CG  1 
ATOM   645  C CD  . PRO A 1 107 ? 13.662  0.702   21.800  1.000 131.782 ? 177 PRO A CD  1 
ATOM   646  N N   . LEU A 1 108 ? 10.419  -1.664  22.281  1.000 146.633 ? 178 LEU A N   1 
ATOM   647  C CA  . LEU A 1 108 ? 9.111   -2.303  22.232  1.000 135.138 ? 178 LEU A CA  1 
ATOM   648  C C   . LEU A 1 108 ? 9.218   -3.750  21.750  1.000 137.512 ? 178 LEU A C   1 
ATOM   649  O O   . LEU A 1 108 ? 8.195   -4.417  21.615  1.000 149.597 ? 178 LEU A O   1 
ATOM   650  C CB  . LEU A 1 108 ? 8.175   -1.482  21.335  1.000 124.948 ? 178 LEU A CB  1 
ATOM   651  C CG  . LEU A 1 108 ? 8.154   0.028   21.580  1.000 129.555 ? 178 LEU A CG  1 
ATOM   652  C CD1 . LEU A 1 108 ? 6.988   0.680   20.858  1.000 130.397 ? 178 LEU A CD1 1 
ATOM   653  C CD2 . LEU A 1 108 ? 8.068   0.344   23.065  1.000 142.653 ? 178 LEU A CD2 1 
ATOM   654  N N   . CYS A 1 109 ? 10.452  -4.210  21.489  1.000 148.212 ? 179 CYS A N   1 
ATOM   655  C CA  . CYS A 1 109 ? 10.837  -5.594  21.239  1.000 161.518 ? 179 CYS A CA  1 
ATOM   656  C C   . CYS A 1 109 ? 9.828   -6.610  21.785  1.000 176.923 ? 179 CYS A C   1 
ATOM   657  O O   . CYS A 1 109 ? 9.530   -7.595  21.108  1.000 161.276 ? 179 CYS A O   1 
ATOM   658  C CB  . CYS A 1 109 ? 12.188  -5.886  21.888  1.000 181.727 ? 179 CYS A CB  1 
ATOM   659  S SG  . CYS A 1 109 ? 12.150  -5.926  23.703  1.000 181.283 ? 179 CYS A SG  1 
ATOM   660  N N   . ASN A 1 110 ? 9.325   -6.362  23.012  1.000 195.978 ? 180 ASN A N   1 
ATOM   661  C CA  . ASN A 1 110 ? 8.614   -7.321  23.855  1.000 193.890 ? 180 ASN A CA  1 
ATOM   662  C C   . ASN A 1 110 ? 7.118   -7.403  23.528  1.000 211.169 ? 180 ASN A C   1 
ATOM   663  O O   . ASN A 1 110 ? 6.406   -8.202  24.136  1.000 211.253 ? 180 ASN A O   1 
ATOM   664  C CB  . ASN A 1 110 ? 8.856   -7.066  25.349  1.000 168.354 ? 180 ASN A CB  1 
ATOM   665  C CG  . ASN A 1 110 ? 8.264   -5.767  25.856  1.000 164.142 ? 180 ASN A CG  1 
ATOM   666  O OD1 . ASN A 1 110 ? 7.753   -4.954  25.087  1.000 156.799 ? 180 ASN A OD1 1 
ATOM   667  N ND2 . ASN A 1 110 ? 8.332   -5.559  27.159  1.000 165.295 ? 180 ASN A ND2 1 
ATOM   668  N N   . ALA A 1 111 ? 6.637   -6.534  22.623  1.000 222.426 ? 181 ALA A N   1 
ATOM   669  C CA  . ALA A 1 111 ? 5.440   -6.748  21.811  1.000 211.759 ? 181 ALA A CA  1 
ATOM   670  C C   . ALA A 1 111 ? 4.109   -6.530  22.540  1.000 215.423 ? 181 ALA A C   1 
ATOM   671  O O   . ALA A 1 111 ? 3.169   -6.039  21.917  1.000 201.682 ? 181 ALA A O   1 
ATOM   672  C CB  . ALA A 1 111 ? 5.483   -8.097  21.127  1.000 191.689 ? 181 ALA A CB  1 
ATOM   673  N N   . SER A 1 112 ? 4.020   -6.907  23.828  1.000 225.838 ? 182 SER A N   1 
ATOM   674  C CA  . SER A 1 112 ? 2.765   -7.020  24.574  1.000 224.267 ? 182 SER A CA  1 
ATOM   675  C C   . SER A 1 112 ? 1.999   -5.693  24.656  1.000 231.234 ? 182 SER A C   1 
ATOM   676  O O   . SER A 1 112 ? 2.512   -4.657  24.243  1.000 249.703 ? 182 SER A O   1 
ATOM   677  C CB  . SER A 1 112 ? 2.977   -7.664  25.927  1.000 203.051 ? 182 SER A CB  1 
ATOM   678  O OG  . SER A 1 112 ? 4.083   -7.082  26.600  1.000 210.292 ? 182 SER A OG  1 
ATOM   679  N N   . LEU A 1 113 ? 0.776   -5.733  25.216  1.000 220.245 ? 183 LEU A N   1 
ATOM   680  C CA  . LEU A 1 113 ? -0.272  -4.739  24.994  1.000 208.644 ? 183 LEU A CA  1 
ATOM   681  C C   . LEU A 1 113 ? 0.124   -3.319  25.408  1.000 199.014 ? 183 LEU A C   1 
ATOM   682  O O   . LEU A 1 113 ? -0.332  -2.361  24.786  1.000 192.505 ? 183 LEU A O   1 
ATOM   683  C CB  . LEU A 1 113 ? -1.557  -5.174  25.707  1.000 204.948 ? 183 LEU A CB  1 
ATOM   684  C CG  . LEU A 1 113 ? -2.265  -6.401  25.136  1.000 201.475 ? 183 LEU A CG  1 
ATOM   685  C CD1 . LEU A 1 113 ? -3.552  -6.664  25.900  1.000 192.888 ? 183 LEU A CD1 1 
ATOM   686  C CD2 . LEU A 1 113 ? -2.550  -6.232  23.648  1.000 193.151 ? 183 LEU A CD2 1 
ATOM   687  N N   . HIS A 1 114 ? 0.944   -3.182  26.463  1.000 198.996 ? 184 HIS A N   1 
ATOM   688  C CA  . HIS A 1 114 ? 1.414   -1.874  26.906  1.000 208.139 ? 184 HIS A CA  1 
ATOM   689  C C   . HIS A 1 114 ? 2.272   -1.220  25.821  1.000 224.356 ? 184 HIS A C   1 
ATOM   690  O O   . HIS A 1 114 ? 2.362   0.004   25.764  1.000 238.114 ? 184 HIS A O   1 
ATOM   691  C CB  . HIS A 1 114 ? 2.121   -1.951  28.273  1.000 194.296 ? 184 HIS A CB  1 
ATOM   692  C CG  . HIS A 1 114 ? 2.114   -0.665  29.037  1.000 188.745 ? 184 HIS A CG  1 
ATOM   693  N ND1 . HIS A 1 114 ? 1.192   -0.398  30.031  1.000 191.621 ? 184 HIS A ND1 1 
ATOM   694  C CD2 . HIS A 1 114 ? 2.902   0.431   28.955  1.000 181.380 ? 184 HIS A CD2 1 
ATOM   695  C CE1 . HIS A 1 114 ? 1.411   0.804   30.528  1.000 181.925 ? 184 HIS A CE1 1 
ATOM   696  N NE2 . HIS A 1 114 ? 2.455   1.332   29.885  1.000 179.950 ? 184 HIS A NE2 1 
ATOM   697  N N   . SER A 1 115 ? 2.889   -2.048  24.960  1.000 235.386 ? 185 SER A N   1 
ATOM   698  C CA  . SER A 1 115 ? 3.648   -1.590  23.803  1.000 228.438 ? 185 SER A CA  1 
ATOM   699  C C   . SER A 1 115 ? 2.704   -1.154  22.681  1.000 224.230 ? 185 SER A C   1 
ATOM   700  O O   . SER A 1 115 ? 3.000   -0.208  21.952  1.000 217.073 ? 185 SER A O   1 
ATOM   701  C CB  . SER A 1 115 ? 4.616   -2.650  23.316  1.000 228.364 ? 185 SER A CB  1 
ATOM   702  O OG  . SER A 1 115 ? 3.992   -3.521  22.380  1.000 227.309 ? 185 SER A OG  1 
ATOM   703  N N   . ILE A 1 116 ? 1.565   -1.856  22.568  1.000 218.573 ? 186 ILE A N   1 
ATOM   704  C CA  . ILE A 1 116 ? 0.588   -1.696  21.499  1.000 205.664 ? 186 ILE A CA  1 
ATOM   705  C C   . ILE A 1 116 ? -0.420  -0.601  21.873  1.000 201.499 ? 186 ILE A C   1 
ATOM   706  O O   . ILE A 1 116 ? -1.566  -0.591  21.423  1.000 206.894 ? 186 ILE A O   1 
ATOM   707  C CB  . ILE A 1 116 ? -0.024  -3.071  21.137  1.000 198.655 ? 186 ILE A CB  1 
ATOM   708  C CG1 . ILE A 1 116 ? 0.985   -3.916  20.350  1.000 180.358 ? 186 ILE A CG1 1 
ATOM   709  C CG2 . ILE A 1 116 ? -1.352  -2.946  20.400  1.000 199.438 ? 186 ILE A CG2 1 
ATOM   710  C CD1 . ILE A 1 116 ? 0.669   -5.389  20.322  1.000 186.769 ? 186 ILE A CD1 1 
ATOM   711  N N   . ALA A 1 117 ? 0.050   0.332   22.713  1.000 177.525 ? 187 ALA A N   1 
ATOM   712  C CA  . ALA A 1 117 ? -0.514  1.662   22.869  1.000 161.233 ? 187 ALA A CA  1 
ATOM   713  C C   . ALA A 1 117 ? 0.629   2.678   22.912  1.000 164.725 ? 187 ALA A C   1 
ATOM   714  O O   . ALA A 1 117 ? 0.426   3.850   22.601  1.000 159.922 ? 187 ALA A O   1 
ATOM   715  C CB  . ALA A 1 117 ? -1.366  1.723   24.111  1.000 146.662 ? 187 ALA A CB  1 
ATOM   716  N N   . SER A 1 118 ? 1.834   2.190   23.265  1.000 171.870 ? 188 SER A N   1 
ATOM   717  C CA  . SER A 1 118 ? 3.055   2.971   23.442  1.000 172.340 ? 188 SER A CA  1 
ATOM   718  C C   . SER A 1 118 ? 3.545   3.572   22.126  1.000 161.567 ? 188 SER A C   1 
ATOM   719  O O   . SER A 1 118 ? 4.285   4.556   22.131  1.000 162.028 ? 188 SER A O   1 
ATOM   720  C CB  . SER A 1 118 ? 4.148   2.139   24.067  1.000 186.991 ? 188 SER A CB  1 
ATOM   721  O OG  . SER A 1 118 ? 3.947   1.986   25.465  1.000 204.101 ? 188 SER A OG  1 
ATOM   722  N N   . LEU A 1 119 ? 3.157   2.945   21.010  1.000 136.505 ? 189 LEU A N   1 
ATOM   723  C CA  . LEU A 1 119 ? 3.552   3.373   19.678  1.000 126.187 ? 189 LEU A CA  1 
ATOM   724  C C   . LEU A 1 119 ? 3.353   4.877   19.505  1.000 128.689 ? 189 LEU A C   1 
ATOM   725  O O   . LEU A 1 119 ? 4.182   5.534   18.884  1.000 149.812 ? 189 LEU A O   1 
ATOM   726  C CB  . LEU A 1 119 ? 2.738   2.591   18.645  1.000 119.169 ? 189 LEU A CB  1 
ATOM   727  C CG  . LEU A 1 119 ? 3.128   1.126   18.452  1.000 116.083 ? 189 LEU A CG  1 
ATOM   728  C CD1 . LEU A 1 119 ? 2.754   0.658   17.055  1.000 115.746 ? 189 LEU A CD1 1 
ATOM   729  C CD2 . LEU A 1 119 ? 4.615   0.925   18.681  1.000 122.633 ? 189 LEU A CD2 1 
ATOM   730  N N   . ALA A 1 120 ? 2.256   5.409   20.061  1.000 123.115 ? 190 ALA A N   1 
ATOM   731  C CA  . ALA A 1 120 ? 1.924   6.825   19.991  1.000 132.414 ? 190 ALA A CA  1 
ATOM   732  C C   . ALA A 1 120 ? 3.063   7.694   20.538  1.000 142.990 ? 190 ALA A C   1 
ATOM   733  O O   . ALA A 1 120 ? 3.188   8.860   20.162  1.000 148.533 ? 190 ALA A O   1 
ATOM   734  C CB  . ALA A 1 120 ? 0.622   7.083   20.714  1.000 128.956 ? 190 ALA A CB  1 
ATOM   735  N N   . ASN A 1 121 ? 3.903   7.096   21.400  1.000 141.261 ? 191 ASN A N   1 
ATOM   736  C CA  . ASN A 1 121 ? 4.908   7.802   22.183  1.000 141.688 ? 191 ASN A CA  1 
ATOM   737  C C   . ASN A 1 121 ? 6.292   7.661   21.555  1.000 136.010 ? 191 ASN A C   1 
ATOM   738  O O   . ASN A 1 121 ? 7.198   8.427   21.874  1.000 138.191 ? 191 ASN A O   1 
ATOM   739  C CB  . ASN A 1 121 ? 4.955   7.292   23.624  1.000 145.223 ? 191 ASN A CB  1 
ATOM   740  C CG  . ASN A 1 121 ? 3.601   7.323   24.300  1.000 153.206 ? 191 ASN A CG  1 
ATOM   741  O OD1 . ASN A 1 121 ? 2.925   8.350   24.304  1.000 149.327 ? 191 ASN A OD1 1 
ATOM   742  N ND2 . ASN A 1 121 ? 3.204   6.198   24.872  1.000 160.654 ? 191 ASN A ND2 1 
ATOM   743  N N   . TYR A 1 122 ? 6.437   6.670   20.668  1.000 132.581 ? 192 TYR A N   1 
ATOM   744  C CA  . TYR A 1 122 ? 7.690   6.390   19.984  1.000 142.340 ? 192 TYR A CA  1 
ATOM   745  C C   . TYR A 1 122 ? 7.746   7.080   18.623  1.000 150.507 ? 192 TYR A C   1 
ATOM   746  O O   . TYR A 1 122 ? 6.718   7.492   18.092  1.000 164.152 ? 192 TYR A O   1 
ATOM   747  C CB  . TYR A 1 122 ? 7.887   4.881   19.885  1.000 133.878 ? 192 TYR A CB  1 
ATOM   748  C CG  . TYR A 1 122 ? 8.437   4.334   21.169  1.000 142.118 ? 192 TYR A CG  1 
ATOM   749  C CD1 . TYR A 1 122 ? 7.656   4.278   22.312  1.000 141.166 ? 192 TYR A CD1 1 
ATOM   750  C CD2 . TYR A 1 122 ? 9.763   3.951   21.256  1.000 154.869 ? 192 TYR A CD2 1 
ATOM   751  C CE1 . TYR A 1 122 ? 8.173   3.807   23.507  1.000 154.297 ? 192 TYR A CE1 1 
ATOM   752  C CE2 . TYR A 1 122 ? 10.294  3.477   22.442  1.000 162.893 ? 192 TYR A CE2 1 
ATOM   753  C CZ  . TYR A 1 122 ? 9.497   3.404   23.570  1.000 159.628 ? 192 TYR A CZ  1 
ATOM   754  O OH  . TYR A 1 122 ? 10.035  2.928   24.728  1.000 161.294 ? 192 TYR A OH  1 
ATOM   755  N N   . ARG A 1 123 ? 8.962   7.213   18.073  1.000 143.613 ? 193 ARG A N   1 
ATOM   756  C CA  . ARG A 1 123 ? 9.145   7.808   16.759  1.000 127.702 ? 193 ARG A CA  1 
ATOM   757  C C   . ARG A 1 123 ? 8.738   6.787   15.702  1.000 126.848 ? 193 ARG A C   1 
ATOM   758  O O   . ARG A 1 123 ? 9.233   5.658   15.710  1.000 112.084 ? 193 ARG A O   1 
ATOM   759  C CB  . ARG A 1 123 ? 10.592  8.262   16.543  1.000 129.565 ? 193 ARG A CB  1 
ATOM   760  C CG  . ARG A 1 123 ? 10.814  9.064   15.267  1.000 116.881 ? 193 ARG A CG  1 
ATOM   761  C CD  . ARG A 1 123 ? 12.282  9.382   15.056  1.000 111.201 ? 193 ARG A CD  1 
ATOM   762  N NE  . ARG A 1 123 ? 12.906  9.806   16.303  1.000 110.645 ? 193 ARG A NE  1 
ATOM   763  C CZ  . ARG A 1 123 ? 12.692  10.977  16.901  1.000 119.206 ? 193 ARG A CZ  1 
ATOM   764  N NH1 . ARG A 1 123 ? 13.306  11.248  18.042  1.000 122.314 ? 193 ARG A NH1 1 
ATOM   765  N NH2 . ARG A 1 123 ? 11.861  11.863  16.368  1.000 104.656 ? 193 ARG A NH2 1 
ATOM   766  N N   . GLN A 1 124 ? 7.822   7.209   14.816  1.000 118.329 ? 194 GLN A N   1 
ATOM   767  C CA  . GLN A 1 124 ? 7.376   6.424   13.675  1.000 115.429 ? 194 GLN A CA  1 
ATOM   768  C C   . GLN A 1 124 ? 8.028   6.968   12.408  1.000 115.420 ? 194 GLN A C   1 
ATOM   769  O O   . GLN A 1 124 ? 8.202   8.177   12.277  1.000 120.403 ? 194 GLN A O   1 
ATOM   770  C CB  . GLN A 1 124 ? 5.855   6.509   13.509  1.000 130.061 ? 194 GLN A CB  1 
ATOM   771  C CG  . GLN A 1 124 ? 5.361   5.929   12.188  1.000 125.430 ? 194 GLN A CG  1 
ATOM   772  C CD  . GLN A 1 124 ? 3.870   5.740   12.044  1.000 111.150 ? 194 GLN A CD  1 
ATOM   773  O OE1 . GLN A 1 124 ? 3.053   6.460   12.623  1.000 92.248  ? 194 GLN A OE1 1 
ATOM   774  N NE2 . GLN A 1 124 ? 3.512   4.752   11.238  1.000 115.640 ? 194 GLN A NE2 1 
ATOM   775  N N   . ILE A 1 125 ? 8.355   6.059   11.478  1.000 109.518 ? 195 ILE A N   1 
ATOM   776  C CA  . ILE A 1 125 ? 8.794   6.406   10.133  1.000 107.784 ? 195 ILE A CA  1 
ATOM   777  C C   . ILE A 1 125 ? 7.635   6.155   9.156   1.000 118.798 ? 195 ILE A C   1 
ATOM   778  O O   . ILE A 1 125 ? 7.461   5.040   8.664   1.000 129.537 ? 195 ILE A O   1 
ATOM   779  C CB  . ILE A 1 125 ? 10.063  5.604   9.767   1.000 102.669 ? 195 ILE A CB  1 
ATOM   780  C CG1 . ILE A 1 125 ? 11.028  5.458   10.950  1.000 99.245  ? 195 ILE A CG1 1 
ATOM   781  C CG2 . ILE A 1 125 ? 10.749  6.199   8.547   1.000 114.971 ? 195 ILE A CG2 1 
ATOM   782  C CD1 . ILE A 1 125 ? 11.520  6.772   11.524  1.000 105.111 ? 195 ILE A CD1 1 
ATOM   783  N N   . SER A 1 126 ? 6.818   7.193   8.898   1.000 119.157 ? 196 SER A N   1 
ATOM   784  C CA  . SER A 1 126 ? 5.634   7.088   8.052   1.000 124.086 ? 196 SER A CA  1 
ATOM   785  C C   . SER A 1 126 ? 5.943   7.625   6.663   1.000 116.385 ? 196 SER A C   1 
ATOM   786  O O   . SER A 1 126 ? 6.843   8.446   6.524   1.000 113.480 ? 196 SER A O   1 
ATOM   787  C CB  . SER A 1 126 ? 4.473   7.854   8.628   1.000 129.847 ? 196 SER A CB  1 
ATOM   788  O OG  . SER A 1 126 ? 3.517   6.968   9.181   1.000 158.403 ? 196 SER A OG  1 
ATOM   789  N N   . LEU A 1 127 ? 5.177   7.179   5.656   1.000 116.057 ? 197 LEU A N   1 
ATOM   790  C CA  . LEU A 1 127 ? 5.276   7.761   4.325   1.000 110.605 ? 197 LEU A CA  1 
ATOM   791  C C   . LEU A 1 127 ? 4.810   9.206   4.427   1.000 106.977 ? 197 LEU A C   1 
ATOM   792  O O   . LEU A 1 127 ? 3.915   9.503   5.212   1.000 119.010 ? 197 LEU A O   1 
ATOM   793  C CB  . LEU A 1 127 ? 4.398   6.996   3.328   1.000 105.549 ? 197 LEU A CB  1 
ATOM   794  C CG  . LEU A 1 127 ? 4.610   5.485   3.261   1.000 105.635 ? 197 LEU A CG  1 
ATOM   795  C CD1 . LEU A 1 127 ? 3.471   4.823   2.505   1.000 101.178 ? 197 LEU A CD1 1 
ATOM   796  C CD2 . LEU A 1 127 ? 5.945   5.142   2.623   1.000 98.371  ? 197 LEU A CD2 1 
ATOM   797  N N   . GLY A 1 128 ? 5.473   10.092  3.681   1.000 104.360 ? 198 GLY A N   1 
ATOM   798  C CA  . GLY A 1 128 ? 4.990   11.445  3.477   1.000 103.650 ? 198 GLY A CA  1 
ATOM   799  C C   . GLY A 1 128 ? 4.213   11.516  2.169   1.000 103.703 ? 198 GLY A C   1 
ATOM   800  O O   . GLY A 1 128 ? 4.209   10.549  1.407   1.000 103.487 ? 198 GLY A O   1 
ATOM   801  N N   . SER A 1 129 ? 3.587   12.671  1.920   1.000 100.963 ? 199 SER A N   1 
ATOM   802  C CA  . SER A 1 129 ? 2.775   12.894  0.736   1.000 108.592 ? 199 SER A CA  1 
ATOM   803  C C   . SER A 1 129 ? 3.115   14.246  0.115   1.000 114.935 ? 199 SER A C   1 
ATOM   804  O O   . SER A 1 129 ? 3.217   15.235  0.838   1.000 122.207 ? 199 SER A O   1 
ATOM   805  C CB  . SER A 1 129 ? 1.325   12.862  1.115   1.000 106.575 ? 199 SER A CB  1 
ATOM   806  O OG  . SER A 1 129 ? 1.063   13.865  2.081   1.000 113.151 ? 199 SER A OG  1 
ATOM   807  N N   . ARG A 1 130 ? 3.250   14.286  -1.222  1.000 117.636 ? 200 ARG A N   1 
ATOM   808  C CA  . ARG A 1 130 ? 3.251   15.543  -1.956  1.000 118.628 ? 200 ARG A CA  1 
ATOM   809  C C   . ARG A 1 130 ? 2.141   16.433  -1.399  1.000 120.091 ? 200 ARG A C   1 
ATOM   810  O O   . ARG A 1 130 ? 2.394   17.578  -1.035  1.000 119.346 ? 200 ARG A O   1 
ATOM   811  C CB  . ARG A 1 130 ? 3.032   15.327  -3.458  1.000 129.675 ? 200 ARG A CB  1 
ATOM   812  C CG  . ARG A 1 130 ? 4.092   14.465  -4.127  1.000 141.793 ? 200 ARG A CG  1 
ATOM   813  C CD  . ARG A 1 130 ? 4.495   14.941  -5.511  1.000 145.720 ? 200 ARG A CD  1 
ATOM   814  N NE  . ARG A 1 130 ? 5.000   13.836  -6.320  1.000 151.615 ? 200 ARG A NE  1 
ATOM   815  C CZ  . ARG A 1 130 ? 6.109   13.141  -6.072  1.000 148.481 ? 200 ARG A CZ  1 
ATOM   816  N NH1 . ARG A 1 130 ? 6.859   13.421  -5.020  1.000 152.857 ? 200 ARG A NH1 1 
ATOM   817  N NH2 . ARG A 1 130 ? 6.460   12.156  -6.882  1.000 145.703 ? 200 ARG A NH2 1 
ATOM   818  N N   . SER A 1 131 ? 0.925   15.871  -1.301  1.000 126.282 ? 201 SER A N   1 
ATOM   819  C CA  . SER A 1 131 ? -0.262  16.561  -0.805  1.000 126.659 ? 201 SER A CA  1 
ATOM   820  C C   . SER A 1 131 ? -0.045  17.185  0.576   1.000 126.814 ? 201 SER A C   1 
ATOM   821  O O   . SER A 1 131 ? -0.829  18.035  0.991   1.000 131.225 ? 201 SER A O   1 
ATOM   822  C CB  . SER A 1 131 ? -1.494  15.669  -0.832  1.000 117.014 ? 201 SER A CB  1 
ATOM   823  O OG  . SER A 1 131 ? -1.151  14.307  -1.061  1.000 119.598 ? 201 SER A OG  1 
ATOM   824  N N   . GLY A 1 132 ? 1.007   16.759  1.291   1.000 122.518 ? 202 GLY A N   1 
ATOM   825  C CA  . GLY A 1 132 ? 1.249   17.197  2.658   1.000 124.299 ? 202 GLY A CA  1 
ATOM   826  C C   . GLY A 1 132 ? 0.254   16.577  3.640   1.000 135.885 ? 202 GLY A C   1 
ATOM   827  O O   . GLY A 1 132 ? 0.620   16.252  4.774   1.000 135.416 ? 202 GLY A O   1 
ATOM   828  N N   . GLN A 1 133 ? -0.997  16.427  3.163   1.000 139.098 ? 203 GLN A N   1 
ATOM   829  C CA  . GLN A 1 133 ? -2.139  15.812  3.831   1.000 132.629 ? 203 GLN A CA  1 
ATOM   830  C C   . GLN A 1 133 ? -2.079  14.283  3.736   1.000 123.997 ? 203 GLN A C   1 
ATOM   831  O O   . GLN A 1 133 ? -1.562  13.747  2.757   1.000 118.903 ? 203 GLN A O   1 
ATOM   832  C CB  . GLN A 1 133 ? -3.418  16.233  3.101   1.000 136.074 ? 203 GLN A CB  1 
ATOM   833  C CG  . GLN A 1 133 ? -3.864  17.661  3.382   1.000 140.270 ? 203 GLN A CG  1 
ATOM   834  C CD  . GLN A 1 133 ? -4.282  17.857  4.819   1.000 153.445 ? 203 GLN A CD  1 
ATOM   835  O OE1 . GLN A 1 133 ? -3.875  18.815  5.471   1.000 164.233 ? 203 GLN A OE1 1 
ATOM   836  N NE2 . GLN A 1 133 ? -5.092  16.941  5.329   1.000 154.234 ? 203 GLN A NE2 1 
ATOM   837  N N   . HIS A 1 134 ? -2.662  13.590  4.735   1.000 110.024 ? 204 HIS A N   1 
ATOM   838  C CA  . HIS A 1 134 ? -2.828  12.138  4.751   1.000 102.322 ? 204 HIS A CA  1 
ATOM   839  C C   . HIS A 1 134 ? -4.281  11.752  5.037   1.000 103.199 ? 204 HIS A C   1 
ATOM   840  O O   . HIS A 1 134 ? -5.003  12.483  5.709   1.000 105.222 ? 204 HIS A O   1 
ATOM   841  C CB  . HIS A 1 134 ? -1.955  11.499  5.834   1.000 96.995  ? 204 HIS A CB  1 
ATOM   842  C CG  . HIS A 1 134 ? -0.501  11.484  5.524   1.000 102.366 ? 204 HIS A CG  1 
ATOM   843  N ND1 . HIS A 1 134 ? 0.142   12.571  4.977   1.000 110.978 ? 204 HIS A ND1 1 
ATOM   844  C CD2 . HIS A 1 134 ? 0.443   10.535  5.706   1.000 111.891 ? 204 HIS A CD2 1 
ATOM   845  C CE1 . HIS A 1 134 ? 1.417   12.288  4.808   1.000 127.455 ? 204 HIS A CE1 1 
ATOM   846  N NE2 . HIS A 1 134 ? 1.628   11.044  5.252   1.000 126.609 ? 204 HIS A NE2 1 
ATOM   847  N N   . SER A 1 135 ? -4.692  10.574  4.549   1.000 106.943 ? 205 SER A N   1 
ATOM   848  C CA  . SER A 1 135 ? -6.004  10.008  4.827   1.000 106.240 ? 205 SER A CA  1 
ATOM   849  C C   . SER A 1 135 ? -5.951  9.282   6.165   1.000 106.853 ? 205 SER A C   1 
ATOM   850  O O   . SER A 1 135 ? -4.866  8.906   6.606   1.000 104.488 ? 205 SER A O   1 
ATOM   851  C CB  . SER A 1 135 ? -6.383  9.039   3.751   1.000 114.779 ? 205 SER A CB  1 
ATOM   852  O OG  . SER A 1 135 ? -5.489  7.934   3.768   1.000 131.379 ? 205 SER A OG  1 
ATOM   853  N N   . ASN A 1 136 ? -7.128  9.055   6.771   1.000 107.990 ? 206 ASN A N   1 
ATOM   854  C CA  . ASN A 1 136 ? -7.236  8.407   8.071   1.000 104.341 ? 206 ASN A CA  1 
ATOM   855  C C   . ASN A 1 136 ? -6.382  7.148   8.081   1.000 103.220 ? 206 ASN A C   1 
ATOM   856  O O   . ASN A 1 136 ? -5.719  6.859   9.076   1.000 108.355 ? 206 ASN A O   1 
ATOM   857  C CB  . ASN A 1 136 ? -8.665  7.970   8.395   1.000 114.351 ? 206 ASN A CB  1 
ATOM   858  C CG  . ASN A 1 136 ? -9.572  9.091   8.848   1.000 120.394 ? 206 ASN A CG  1 
ATOM   859  O OD1 . ASN A 1 136 ? -9.107  10.160  9.238   1.000 115.777 ? 206 ASN A OD1 1 
ATOM   860  N ND2 . ASN A 1 136 ? -10.872 8.842   8.816   1.000 132.197 ? 206 ASN A ND2 1 
ATOM   861  N N   . LEU A 1 137 ? -6.417  6.426   6.950   1.000 97.116  ? 207 LEU A N   1 
ATOM   862  C CA  . LEU A 1 137 ? -5.811  5.112   6.806   1.000 94.687  ? 207 LEU A CA  1 
ATOM   863  C C   . LEU A 1 137 ? -4.297  5.212   6.979   1.000 97.409  ? 207 LEU A C   1 
ATOM   864  O O   . LEU A 1 137 ? -3.689  4.337   7.605   1.000 94.600  ? 207 LEU A O   1 
ATOM   865  C CB  . LEU A 1 137 ? -6.177  4.547   5.431   1.000 87.949  ? 207 LEU A CB  1 
ATOM   866  C CG  . LEU A 1 137 ? -5.546  3.203   5.071   1.000 85.269  ? 207 LEU A CG  1 
ATOM   867  C CD1 . LEU A 1 137 ? -5.800  2.152   6.143   1.000 76.337  ? 207 LEU A CD1 1 
ATOM   868  C CD2 . LEU A 1 137 ? -6.054  2.723   3.726   1.000 93.569  ? 207 LEU A CD2 1 
ATOM   869  N N   . LEU A 1 138 ? -3.730  6.313   6.456   1.000 95.352  ? 208 LEU A N   1 
ATOM   870  C CA  . LEU A 1 138 ? -2.305  6.447   6.187   1.000 98.451  ? 208 LEU A CA  1 
ATOM   871  C C   . LEU A 1 138 ? -1.645  7.500   7.082   1.000 99.255  ? 208 LEU A C   1 
ATOM   872  O O   . LEU A 1 138 ? -0.419  7.522   7.199   1.000 106.787 ? 208 LEU A O   1 
ATOM   873  C CB  . LEU A 1 138 ? -2.130  6.828   4.713   1.000 103.278 ? 208 LEU A CB  1 
ATOM   874  C CG  . LEU A 1 138 ? -2.590  5.800   3.682   1.000 101.199 ? 208 LEU A CG  1 
ATOM   875  C CD1 . LEU A 1 138 ? -2.371  6.343   2.279   1.000 102.772 ? 208 LEU A CD1 1 
ATOM   876  C CD2 . LEU A 1 138 ? -1.852  4.480   3.864   1.000 93.377  ? 208 LEU A CD2 1 
ATOM   877  N N   . ARG A 1 139 ? -2.444  8.392   7.685   1.000 94.204  ? 209 ARG A N   1 
ATOM   878  C CA  . ARG A 1 139 ? -1.922  9.420   8.578   1.000 104.274 ? 209 ARG A CA  1 
ATOM   879  C C   . ARG A 1 139 ? -1.264  8.774   9.799   1.000 105.581 ? 209 ARG A C   1 
ATOM   880  O O   . ARG A 1 139 ? -1.927  8.012   10.499  1.000 112.273 ? 209 ARG A O   1 
ATOM   881  C CB  . ARG A 1 139 ? -3.052  10.351  9.030   1.000 107.612 ? 209 ARG A CB  1 
ATOM   882  C CG  . ARG A 1 139 ? -2.586  11.698  9.563   1.000 113.383 ? 209 ARG A CG  1 
ATOM   883  C CD  . ARG A 1 139 ? -3.729  12.690  9.602   1.000 113.415 ? 209 ARG A CD  1 
ATOM   884  N NE  . ARG A 1 139 ? -4.825  12.146  10.389  1.000 124.034 ? 209 ARG A NE  1 
ATOM   885  C CZ  . ARG A 1 139 ? -5.942  11.627  9.887   1.000 138.593 ? 209 ARG A CZ  1 
ATOM   886  N NH1 . ARG A 1 139 ? -6.126  11.581  8.578   1.000 135.545 ? 209 ARG A NH1 1 
ATOM   887  N NH2 . ARG A 1 139 ? -6.874  11.157  10.697  1.000 154.736 ? 209 ARG A NH2 1 
ATOM   888  N N   . PRO A 1 140 ? 0.025   9.074   10.115  1.000 106.777 ? 210 PRO A N   1 
ATOM   889  C CA  . PRO A 1 140 ? 0.764   8.371   11.173  1.000 108.195 ? 210 PRO A CA  1 
ATOM   890  C C   . PRO A 1 140 ? 0.107   8.425   12.553  1.000 107.495 ? 210 PRO A C   1 
ATOM   891  O O   . PRO A 1 140 ? -0.742  9.279   12.806  1.000 113.845 ? 210 PRO A O   1 
ATOM   892  C CB  . PRO A 1 140 ? 2.139   9.059   11.208  1.000 104.828 ? 210 PRO A CB  1 
ATOM   893  C CG  . PRO A 1 140 ? 1.916   10.384  10.509  1.000 109.372 ? 210 PRO A CG  1 
ATOM   894  C CD  . PRO A 1 140 ? 0.840   10.119  9.477   1.000 106.572 ? 210 PRO A CD  1 
ATOM   895  N N   . VAL A 1 141 ? 0.524   7.523   13.451  1.000 99.660  ? 211 VAL A N   1 
ATOM   896  C CA  . VAL A 1 141 ? -0.221  7.280   14.676  1.000 105.641 ? 211 VAL A CA  1 
ATOM   897  C C   . VAL A 1 141 ? 0.397   8.019   15.865  1.000 125.322 ? 211 VAL A C   1 
ATOM   898  O O   . VAL A 1 141 ? -0.338  8.454   16.751  1.000 136.024 ? 211 VAL A O   1 
ATOM   899  C CB  . VAL A 1 141 ? -0.372  5.774   14.940  1.000 97.208  ? 211 VAL A CB  1 
ATOM   900  C CG1 . VAL A 1 141 ? -0.748  5.046   13.665  1.000 97.273  ? 211 VAL A CG1 1 
ATOM   901  C CG2 . VAL A 1 141 ? 0.889   5.176   15.537  1.000 101.618 ? 211 VAL A CG2 1 
ATOM   902  N N   . SER A 1 142 ? 1.737   8.138   15.889  1.000 130.899 ? 212 SER A N   1 
ATOM   903  C CA  . SER A 1 142 ? 2.457   8.851   16.941  1.000 124.363 ? 212 SER A CA  1 
ATOM   904  C C   . SER A 1 142 ? 2.664   10.311  16.553  1.000 125.617 ? 212 SER A C   1 
ATOM   905  O O   . SER A 1 142 ? 2.568   10.665  15.380  1.000 117.844 ? 212 SER A O   1 
ATOM   906  C CB  . SER A 1 142 ? 3.768   8.194   17.268  1.000 117.492 ? 212 SER A CB  1 
ATOM   907  O OG  . SER A 1 142 ? 4.346   7.622   16.112  1.000 126.865 ? 212 SER A OG  1 
ATOM   908  N N   . ASP A 1 143 ? 2.941   11.155  17.554  1.000 131.182 ? 213 ASP A N   1 
ATOM   909  C CA  . ASP A 1 143 ? 3.209   12.563  17.314  1.000 135.574 ? 213 ASP A CA  1 
ATOM   910  C C   . ASP A 1 143 ? 4.698   12.709  17.000  1.000 131.586 ? 213 ASP A C   1 
ATOM   911  O O   . ASP A 1 143 ? 5.140   13.753  16.525  1.000 137.196 ? 213 ASP A O   1 
ATOM   912  C CB  . ASP A 1 143 ? 2.696   13.440  18.463  1.000 141.803 ? 213 ASP A CB  1 
ATOM   913  C CG  . ASP A 1 143 ? 1.466   12.879  19.162  1.000 154.182 ? 213 ASP A CG  1 
ATOM   914  O OD1 . ASP A 1 143 ? 1.579   11.786  19.768  1.000 149.287 ? 213 ASP A OD1 1 
ATOM   915  O OD2 . ASP A 1 143 ? 0.403   13.535  19.094  1.000 161.300 ? 213 ASP A OD2 1 
ATOM   916  N N   . LYS A 1 144 ? 5.460   11.634  17.250  1.000 119.945 ? 214 LYS A N   1 
ATOM   917  C CA  . LYS A 1 144 ? 6.874   11.572  16.918  1.000 128.828 ? 214 LYS A CA  1 
ATOM   918  C C   . LYS A 1 144 ? 7.045   10.871  15.565  1.000 134.425 ? 214 LYS A C   1 
ATOM   919  O O   . LYS A 1 144 ? 7.137   9.644   15.511  1.000 127.361 ? 214 LYS A O   1 
ATOM   920  C CB  . LYS A 1 144 ? 7.662   10.870  18.035  1.000 132.422 ? 214 LYS A CB  1 
ATOM   921  C CG  . LYS A 1 144 ? 7.836   11.657  19.334  1.000 131.606 ? 214 LYS A CG  1 
ATOM   922  C CD  . LYS A 1 144 ? 9.209   11.513  19.972  1.000 120.444 ? 214 LYS A CD  1 
ATOM   923  C CE  . LYS A 1 144 ? 9.408   10.196  20.687  1.000 121.006 ? 214 LYS A CE  1 
ATOM   924  N NZ  . LYS A 1 144 ? 10.812  9.733   20.590  1.000 134.948 ? 214 LYS A NZ  1 
ATOM   925  N N   . VAL A 1 145 ? 7.107   11.665  14.478  1.000 131.331 ? 215 VAL A N   1 
ATOM   926  C CA  . VAL A 1 145 ? 7.066   11.164  13.107  1.000 124.922 ? 215 VAL A CA  1 
ATOM   927  C C   . VAL A 1 145 ? 8.271   11.651  12.294  1.000 124.646 ? 215 VAL A C   1 
ATOM   928  O O   . VAL A 1 145 ? 8.722   12.782  12.451  1.000 125.015 ? 215 VAL A O   1 
ATOM   929  C CB  . VAL A 1 145 ? 5.754   11.565  12.404  1.000 127.495 ? 215 VAL A CB  1 
ATOM   930  C CG1 . VAL A 1 145 ? 5.704   11.064  10.972  1.000 135.736 ? 215 VAL A CG1 1 
ATOM   931  C CG2 . VAL A 1 145 ? 4.530   11.089  13.164  1.000 148.059 ? 215 VAL A CG2 1 
ATOM   932  N N   . LEU A 1 146 ? 8.751   10.789  11.385  1.000 128.464 ? 216 LEU A N   1 
ATOM   933  C CA  . LEU A 1 146 ? 9.781   11.116  10.409  1.000 122.893 ? 216 LEU A CA  1 
ATOM   934  C C   . LEU A 1 146 ? 9.343   10.622  9.024   1.000 127.899 ? 216 LEU A C   1 
ATOM   935  O O   . LEU A 1 146 ? 9.332   9.415   8.770   1.000 129.917 ? 216 LEU A O   1 
ATOM   936  C CB  . LEU A 1 146 ? 11.089  10.455  10.859  1.000 118.191 ? 216 LEU A CB  1 
ATOM   937  C CG  . LEU A 1 146 ? 12.354  10.986  10.189  1.000 117.102 ? 216 LEU A CG  1 
ATOM   938  C CD1 . LEU A 1 146 ? 12.600  12.439  10.573  1.000 117.265 ? 216 LEU A CD1 1 
ATOM   939  C CD2 . LEU A 1 146 ? 13.553  10.117  10.535  1.000 103.734 ? 216 LEU A CD2 1 
ATOM   940  N N   . PHE A 1 147 ? 8.995   11.571  8.133   1.000 110.626 ? 217 PHE A N   1 
ATOM   941  C CA  . PHE A 1 147 ? 8.393   11.307  6.829   1.000 101.875 ? 217 PHE A CA  1 
ATOM   942  C C   . PHE A 1 147 ? 9.432   10.831  5.808   1.000 104.503 ? 217 PHE A C   1 
ATOM   943  O O   . PHE A 1 147 ? 10.563  11.295  5.824   1.000 113.691 ? 217 PHE A O   1 
ATOM   944  C CB  . PHE A 1 147 ? 7.721   12.578  6.307   1.000 96.590  ? 217 PHE A CB  1 
ATOM   945  C CG  . PHE A 1 147 ? 6.402   12.935  6.944   1.000 103.836 ? 217 PHE A CG  1 
ATOM   946  C CD1 . PHE A 1 147 ? 5.687   12.005  7.685   1.000 99.623  ? 217 PHE A CD1 1 
ATOM   947  C CD2 . PHE A 1 147 ? 5.845   14.191  6.750   1.000 120.492 ? 217 PHE A CD2 1 
ATOM   948  C CE1 . PHE A 1 147 ? 4.463   12.338  8.247   1.000 104.730 ? 217 PHE A CE1 1 
ATOM   949  C CE2 . PHE A 1 147 ? 4.619   14.525  7.309   1.000 124.964 ? 217 PHE A CE2 1 
ATOM   950  C CZ  . PHE A 1 147 ? 3.934   13.596  8.063   1.000 117.281 ? 217 PHE A CZ  1 
ATOM   951  N N   . VAL A 1 148 ? 9.033   9.918   4.904   1.000 107.708 ? 218 VAL A N   1 
ATOM   952  C CA  . VAL A 1 148 ? 9.860   9.419   3.807   1.000 107.216 ? 218 VAL A CA  1 
ATOM   953  C C   . VAL A 1 148 ? 8.956   9.176   2.590   1.000 122.527 ? 218 VAL A C   1 
ATOM   954  O O   . VAL A 1 148 ? 7.737   9.299   2.708   1.000 137.530 ? 218 VAL A O   1 
ATOM   955  C CB  . VAL A 1 148 ? 10.662  8.159   4.210   1.000 92.576  ? 218 VAL A CB  1 
ATOM   956  C CG1 . VAL A 1 148 ? 11.244  8.253   5.609   1.000 74.188  ? 218 VAL A CG1 1 
ATOM   957  C CG2 . VAL A 1 148 ? 9.844   6.886   4.090   1.000 100.798 ? 218 VAL A CG2 1 
ATOM   958  N N   . GLU A 1 149 ? 9.532   8.823   1.425   1.000 118.700 ? 219 GLU A N   1 
ATOM   959  C CA  . GLU A 1 149 ? 8.764   8.771   0.186   1.000 123.597 ? 219 GLU A CA  1 
ATOM   960  C C   . GLU A 1 149 ? 8.355   7.342   -0.156  1.000 129.097 ? 219 GLU A C   1 
ATOM   961  O O   . GLU A 1 149 ? 7.333   7.136   -0.806  1.000 156.879 ? 219 GLU A O   1 
ATOM   962  C CB  . GLU A 1 149 ? 9.559   9.331   -0.990  1.000 125.103 ? 219 GLU A CB  1 
ATOM   963  C CG  . GLU A 1 149 ? 9.908   10.795  -0.836  1.000 135.825 ? 219 GLU A CG  1 
ATOM   964  C CD  . GLU A 1 149 ? 10.709  11.340  -2.002  1.000 142.425 ? 219 GLU A CD  1 
ATOM   965  O OE1 . GLU A 1 149 ? 10.687  10.709  -3.080  1.000 147.041 ? 219 GLU A OE1 1 
ATOM   966  O OE2 . GLU A 1 149 ? 11.357  12.389  -1.828  1.000 143.720 ? 219 GLU A OE2 1 
ATOM   967  N N   . ASN A 1 150 ? 9.167   6.373   0.282   1.000 115.916 ? 220 ASN A N   1 
ATOM   968  C CA  . ASN A 1 150 ? 9.042   4.980   -0.121  1.000 114.561 ? 220 ASN A CA  1 
ATOM   969  C C   . ASN A 1 150 ? 9.505   4.095   1.032   1.000 110.657 ? 220 ASN A C   1 
ATOM   970  O O   . ASN A 1 150 ? 10.229  4.544   1.918   1.000 95.465  ? 220 ASN A O   1 
ATOM   971  C CB  . ASN A 1 150 ? 10.002  4.667   -1.262  1.000 121.549 ? 220 ASN A CB  1 
ATOM   972  C CG  . ASN A 1 150 ? 11.407  5.050   -0.854  1.000 123.367 ? 220 ASN A CG  1 
ATOM   973  O OD1 . ASN A 1 150 ? 12.177  4.208   -0.399  1.000 120.822 ? 220 ASN A OD1 1 
ATOM   974  N ND2 . ASN A 1 150 ? 11.703  6.338   -0.910  1.000 119.661 ? 220 ASN A ND2 1 
ATOM   975  N N   . PHE A 1 151 ? 9.150   2.809   0.958   1.000 109.964 ? 221 PHE A N   1 
ATOM   976  C CA  . PHE A 1 151 ? 9.329   1.894   2.073   1.000 103.736 ? 221 PHE A CA  1 
ATOM   977  C C   . PHE A 1 151 ? 10.797  1.520   2.273   1.000 104.378 ? 221 PHE A C   1 
ATOM   978  O O   . PHE A 1 151 ? 11.131  0.950   3.306   1.000 123.321 ? 221 PHE A O   1 
ATOM   979  C CB  . PHE A 1 151 ? 8.434   0.661   1.913   1.000 104.407 ? 221 PHE A CB  1 
ATOM   980  C CG  . PHE A 1 151 ? 6.949   0.936   1.954   1.000 104.806 ? 221 PHE A CG  1 
ATOM   981  C CD1 . PHE A 1 151 ? 6.332   1.367   3.122   1.000 100.353 ? 221 PHE A CD1 1 
ATOM   982  C CD2 . PHE A 1 151 ? 6.164   0.762   0.824   1.000 105.938 ? 221 PHE A CD2 1 
ATOM   983  C CE1 . PHE A 1 151 ? 4.969   1.621   3.158   1.000 94.701  ? 221 PHE A CE1 1 
ATOM   984  C CE2 . PHE A 1 151 ? 4.800   1.012   0.862   1.000 102.177 ? 221 PHE A CE2 1 
ATOM   985  C CZ  . PHE A 1 151 ? 4.207   1.443   2.027   1.000 100.392 ? 221 PHE A CZ  1 
ATOM   986  N N   . ASP A 1 152 ? 11.666  1.826   1.297   1.000 107.865 ? 222 ASP A N   1 
ATOM   987  C CA  . ASP A 1 152 ? 13.083  1.503   1.413   1.000 110.226 ? 222 ASP A CA  1 
ATOM   988  C C   . ASP A 1 152 ? 13.719  2.491   2.382   1.000 111.058 ? 222 ASP A C   1 
ATOM   989  O O   . ASP A 1 152 ? 14.298  2.085   3.390   1.000 110.744 ? 222 ASP A O   1 
ATOM   990  C CB  . ASP A 1 152 ? 13.814  1.531   0.068   1.000 115.731 ? 222 ASP A CB  1 
ATOM   991  C CG  . ASP A 1 152 ? 13.038  0.881   -1.059  1.000 128.413 ? 222 ASP A CG  1 
ATOM   992  O OD1 . ASP A 1 152 ? 13.090  -0.359  -1.158  1.000 131.968 ? 222 ASP A OD1 1 
ATOM   993  O OD2 . ASP A 1 152 ? 12.381  1.622   -1.820  1.000 139.390 ? 222 ASP A OD2 1 
ATOM   994  N N   . ASP A 1 153 ? 13.573  3.786   2.065   1.000 104.958 ? 223 ASP A N   1 
ATOM   995  C CA  . ASP A 1 153 ? 13.933  4.874   2.958   1.000 113.901 ? 223 ASP A CA  1 
ATOM   996  C C   . ASP A 1 153 ? 13.459  4.548   4.376   1.000 119.545 ? 223 ASP A C   1 
ATOM   997  O O   . ASP A 1 153 ? 14.241  4.614   5.324   1.000 124.712 ? 223 ASP A O   1 
ATOM   998  C CB  . ASP A 1 153 ? 13.371  6.211   2.463   1.000 120.838 ? 223 ASP A CB  1 
ATOM   999  C CG  . ASP A 1 153 ? 14.077  6.789   1.246   1.000 120.540 ? 223 ASP A CG  1 
ATOM   1000 O OD1 . ASP A 1 153 ? 15.046  6.160   0.767   1.000 112.070 ? 223 ASP A OD1 1 
ATOM   1001 O OD2 . ASP A 1 153 ? 13.655  7.876   0.793   1.000 124.362 ? 223 ASP A OD2 1 
ATOM   1002 N N   . MET A 1 154 ? 12.179  4.165   4.493   1.000 114.027 ? 224 MET A N   1 
ATOM   1003 C CA  . MET A 1 154 ? 11.568  3.802   5.761   1.000 107.588 ? 224 MET A CA  1 
ATOM   1004 C C   . MET A 1 154 ? 12.368  2.705   6.469   1.000 112.193 ? 224 MET A C   1 
ATOM   1005 O O   . MET A 1 154 ? 12.822  2.910   7.591   1.000 129.865 ? 224 MET A O   1 
ATOM   1006 C CB  . MET A 1 154 ? 10.123  3.336   5.576   1.000 106.230 ? 224 MET A CB  1 
ATOM   1007 C CG  . MET A 1 154 ? 9.484   2.922   6.887   1.000 109.809 ? 224 MET A CG  1 
ATOM   1008 S SD  . MET A 1 154 ? 7.955   1.987   6.718   1.000 101.426 ? 224 MET A SD  1 
ATOM   1009 C CE  . MET A 1 154 ? 6.793   3.299   6.335   1.000 111.693 ? 224 MET A CE  1 
ATOM   1010 N N   . LEU A 1 155 ? 12.537  1.549   5.815   1.000 104.109 ? 225 LEU A N   1 
ATOM   1011 C CA  . LEU A 1 155 ? 13.075  0.360   6.458   1.000 115.343 ? 225 LEU A CA  1 
ATOM   1012 C C   . LEU A 1 155 ? 14.556  0.520   6.802   1.000 128.870 ? 225 LEU A C   1 
ATOM   1013 O O   . LEU A 1 155 ? 15.034  -0.109  7.744   1.000 146.934 ? 225 LEU A O   1 
ATOM   1014 C CB  . LEU A 1 155 ? 12.844  -0.860  5.563   1.000 119.202 ? 225 LEU A CB  1 
ATOM   1015 C CG  . LEU A 1 155 ? 11.387  -1.288  5.410   1.000 118.648 ? 225 LEU A CG  1 
ATOM   1016 C CD1 . LEU A 1 155 ? 11.296  -2.669  4.780   1.000 127.700 ? 225 LEU A CD1 1 
ATOM   1017 C CD2 . LEU A 1 155 ? 10.670  -1.260  6.751   1.000 117.138 ? 225 LEU A CD2 1 
ATOM   1018 N N   . ARG A 1 156 ? 15.275  1.345   6.026   1.000 129.902 ? 226 ARG A N   1 
ATOM   1019 C CA  . ARG A 1 156 ? 16.667  1.663   6.312   1.000 131.471 ? 226 ARG A CA  1 
ATOM   1020 C C   . ARG A 1 156 ? 16.740  2.267   7.712   1.000 126.150 ? 226 ARG A C   1 
ATOM   1021 O O   . ARG A 1 156 ? 17.351  1.684   8.609   1.000 129.687 ? 226 ARG A O   1 
ATOM   1022 C CB  . ARG A 1 156 ? 17.229  2.616   5.247   1.000 141.369 ? 226 ARG A CB  1 
ATOM   1023 C CG  . ARG A 1 156 ? 18.747  2.761   5.234   1.000 153.656 ? 226 ARG A CG  1 
ATOM   1024 C CD  . ARG A 1 156 ? 19.249  3.514   4.012   1.000 156.983 ? 226 ARG A CD  1 
ATOM   1025 N NE  . ARG A 1 156 ? 18.975  2.768   2.786   1.000 171.439 ? 226 ARG A NE  1 
ATOM   1026 C CZ  . ARG A 1 156 ? 17.975  3.009   1.938   1.000 167.742 ? 226 ARG A CZ  1 
ATOM   1027 N NH1 . ARG A 1 156 ? 17.133  4.006   2.158   1.000 166.994 ? 226 ARG A NH1 1 
ATOM   1028 N NH2 . ARG A 1 156 ? 17.819  2.249   0.868   1.000 156.794 ? 226 ARG A NH2 1 
ATOM   1029 N N   . LEU A 1 157 ? 16.064  3.416   7.876   1.000 103.542 ? 227 LEU A N   1 
ATOM   1030 C CA  . LEU A 1 157 ? 15.959  4.179   9.111   1.000 105.243 ? 227 LEU A CA  1 
ATOM   1031 C C   . LEU A 1 157 ? 15.520  3.302   10.288  1.000 123.225 ? 227 LEU A C   1 
ATOM   1032 O O   . LEU A 1 157 ? 15.914  3.537   11.431  1.000 130.782 ? 227 LEU A O   1 
ATOM   1033 C CB  . LEU A 1 157 ? 14.924  5.279   8.873   1.000 96.772  ? 227 LEU A CB  1 
ATOM   1034 C CG  . LEU A 1 157 ? 15.475  6.647   8.490   1.000 88.055  ? 227 LEU A CG  1 
ATOM   1035 C CD1 . LEU A 1 157 ? 14.339  7.586   8.106   1.000 82.794  ? 227 LEU A CD1 1 
ATOM   1036 C CD2 . LEU A 1 157 ? 16.264  7.227   9.651   1.000 90.915  ? 227 LEU A CD2 1 
ATOM   1037 N N   . VAL A 1 158 ? 14.679  2.302   10.002  1.000 125.124 ? 228 VAL A N   1 
ATOM   1038 C CA  . VAL A 1 158 ? 14.075  1.460   11.020  1.000 124.819 ? 228 VAL A CA  1 
ATOM   1039 C C   . VAL A 1 158 ? 15.060  0.360   11.429  1.000 127.266 ? 228 VAL A C   1 
ATOM   1040 O O   . VAL A 1 158 ? 15.066  -0.059  12.587  1.000 146.705 ? 228 VAL A O   1 
ATOM   1041 C CB  . VAL A 1 158 ? 12.705  0.930   10.544  1.000 116.747 ? 228 VAL A CB  1 
ATOM   1042 C CG1 . VAL A 1 158 ? 12.133  -0.147  11.451  1.000 116.630 ? 228 VAL A CG1 1 
ATOM   1043 C CG2 . VAL A 1 158 ? 11.707  2.065   10.387  1.000 109.943 ? 228 VAL A CG2 1 
ATOM   1044 N N   . GLU A 1 159 ? 15.904  -0.077  10.481  1.000 118.586 ? 229 GLU A N   1 
ATOM   1045 C CA  . GLU A 1 159 ? 16.964  -1.044  10.736  1.000 125.915 ? 229 GLU A CA  1 
ATOM   1046 C C   . GLU A 1 159 ? 18.044  -0.416  11.615  1.000 124.906 ? 229 GLU A C   1 
ATOM   1047 O O   . GLU A 1 159 ? 18.795  -1.123  12.284  1.000 133.791 ? 229 GLU A O   1 
ATOM   1048 C CB  . GLU A 1 159 ? 17.578  -1.543  9.426   1.000 134.882 ? 229 GLU A CB  1 
ATOM   1049 C CG  . GLU A 1 159 ? 16.991  -2.849  8.924   1.000 133.718 ? 229 GLU A CG  1 
ATOM   1050 C CD  . GLU A 1 159 ? 17.469  -3.220  7.531   1.000 142.532 ? 229 GLU A CD  1 
ATOM   1051 O OE1 . GLU A 1 159 ? 17.839  -4.393  7.332   1.000 146.625 ? 229 GLU A OE1 1 
ATOM   1052 O OE2 . GLU A 1 159 ? 17.467  -2.331  6.648   1.000 137.886 ? 229 GLU A OE2 1 
ATOM   1053 N N   . ALA A 1 160 ? 18.108  0.920   11.597  1.000 115.315 ? 230 ALA A N   1 
ATOM   1054 C CA  . ALA A 1 160 ? 18.969  1.686   12.482  1.000 117.558 ? 230 ALA A CA  1 
ATOM   1055 C C   . ALA A 1 160 ? 18.202  2.095   13.743  1.000 125.262 ? 230 ALA A C   1 
ATOM   1056 O O   . ALA A 1 160 ? 18.509  3.117   14.350  1.000 129.074 ? 230 ALA A O   1 
ATOM   1057 C CB  . ALA A 1 160 ? 19.509  2.883   11.737  1.000 110.428 ? 230 ALA A CB  1 
ATOM   1058 N N   . GLY A 1 161 ? 17.206  1.280   14.123  1.000 134.943 ? 231 GLY A N   1 
ATOM   1059 C CA  . GLY A 1 161 ? 16.393  1.467   15.318  1.000 136.959 ? 231 GLY A CA  1 
ATOM   1060 C C   . GLY A 1 161 ? 16.054  2.930   15.605  1.000 137.282 ? 231 GLY A C   1 
ATOM   1061 O O   . GLY A 1 161 ? 15.914  3.315   16.766  1.000 151.547 ? 231 GLY A O   1 
ATOM   1062 N N   . VAL A 1 162 ? 15.922  3.730   14.537  1.000 122.044 ? 232 VAL A N   1 
ATOM   1063 C CA  . VAL A 1 162 ? 15.648  5.156   14.635  1.000 119.844 ? 232 VAL A CA  1 
ATOM   1064 C C   . VAL A 1 162 ? 14.167  5.360   14.940  1.000 136.329 ? 232 VAL A C   1 
ATOM   1065 O O   . VAL A 1 162 ? 13.784  6.343   15.577  1.000 137.781 ? 232 VAL A O   1 
ATOM   1066 C CB  . VAL A 1 162 ? 16.030  5.883   13.335  1.000 115.369 ? 232 VAL A CB  1 
ATOM   1067 C CG1 . VAL A 1 162 ? 15.646  7.353   13.379  1.000 116.328 ? 232 VAL A CG1 1 
ATOM   1068 C CG2 . VAL A 1 162 ? 17.503  5.717   13.005  1.000 123.332 ? 232 VAL A CG2 1 
ATOM   1069 N N   . GLY A 1 163 ? 13.347  4.435   14.427  1.000 144.773 ? 233 GLY A N   1 
ATOM   1070 C CA  . GLY A 1 163 ? 11.939  4.347   14.771  1.000 140.935 ? 233 GLY A CA  1 
ATOM   1071 C C   . GLY A 1 163 ? 11.382  2.950   14.499  1.000 145.359 ? 233 GLY A C   1 
ATOM   1072 O O   . GLY A 1 163 ? 12.141  2.011   14.250  1.000 135.733 ? 233 GLY A O   1 
ATOM   1073 N N   . TRP A 1 164 ? 10.049  2.842   14.611  1.000 145.745 ? 234 TRP A N   1 
ATOM   1074 C CA  . TRP A 1 164 ? 9.231   1.773   14.053  1.000 126.740 ? 234 TRP A CA  1 
ATOM   1075 C C   . TRP A 1 164 ? 8.515   2.332   12.824  1.000 123.539 ? 234 TRP A C   1 
ATOM   1076 O O   . TRP A 1 164 ? 8.451   3.555   12.657  1.000 103.058 ? 234 TRP A O   1 
ATOM   1077 C CB  . TRP A 1 164 ? 8.211   1.283   15.093  1.000 116.929 ? 234 TRP A CB  1 
ATOM   1078 C CG  . TRP A 1 164 ? 7.221   2.341   15.492  1.000 121.155 ? 234 TRP A CG  1 
ATOM   1079 C CD1 . TRP A 1 164 ? 7.360   3.265   16.489  1.000 122.913 ? 234 TRP A CD1 1 
ATOM   1080 C CD2 . TRP A 1 164 ? 5.944   2.611   14.882  1.000 116.906 ? 234 TRP A CD2 1 
ATOM   1081 N NE1 . TRP A 1 164 ? 6.261   4.081   16.549  1.000 116.195 ? 234 TRP A NE1 1 
ATOM   1082 C CE2 . TRP A 1 164 ? 5.376   3.705   15.574  1.000 113.252 ? 234 TRP A CE2 1 
ATOM   1083 C CE3 . TRP A 1 164 ? 5.225   2.036   13.826  1.000 107.933 ? 234 TRP A CE3 1 
ATOM   1084 C CZ2 . TRP A 1 164 ? 4.127   4.227   15.244  1.000 108.727 ? 234 TRP A CZ2 1 
ATOM   1085 C CZ3 . TRP A 1 164 ? 3.992   2.552   13.500  1.000 101.877 ? 234 TRP A CZ3 1 
ATOM   1086 C CH2 . TRP A 1 164 ? 3.452   3.630   14.203  1.000 107.088 ? 234 TRP A CH2 1 
ATOM   1087 N N   . GLY A 1 165 ? 7.966   1.431   11.989  1.000 119.677 ? 235 GLY A N   1 
ATOM   1088 C CA  . GLY A 1 165 ? 7.098   1.785   10.869  1.000 120.562 ? 235 GLY A CA  1 
ATOM   1089 C C   . GLY A 1 165 ? 6.284   0.584   10.384  1.000 117.268 ? 235 GLY A C   1 
ATOM   1090 O O   . GLY A 1 165 ? 6.633   -0.548  10.722  1.000 113.825 ? 235 GLY A O   1 
ATOM   1091 N N   . ILE A 1 166 ? 5.193   0.832   9.625   1.000 108.458 ? 236 ILE A N   1 
ATOM   1092 C CA  . ILE A 1 166 ? 4.441   -0.236  8.969   1.000 106.141 ? 236 ILE A CA  1 
ATOM   1093 C C   . ILE A 1 166 ? 4.863   -0.299  7.512   1.000 101.238 ? 236 ILE A C   1 
ATOM   1094 O O   . ILE A 1 166 ? 4.898   0.734   6.849   1.000 124.299 ? 236 ILE A O   1 
ATOM   1095 C CB  . ILE A 1 166 ? 2.914   -0.027  8.957   1.000 114.875 ? 236 ILE A CB  1 
ATOM   1096 C CG1 . ILE A 1 166 ? 2.392   0.822   10.110  1.000 129.961 ? 236 ILE A CG1 1 
ATOM   1097 C CG2 . ILE A 1 166 ? 2.163   -1.347  8.815   1.000 107.845 ? 236 ILE A CG2 1 
ATOM   1098 C CD1 . ILE A 1 166 ? 1.151   1.550   9.719   1.000 125.935 ? 236 ILE A CD1 1 
ATOM   1099 N N   . ALA A 1 167 ? 5.056   -1.517  7.002   1.000 86.387  ? 237 ALA A N   1 
ATOM   1100 C CA  . ALA A 1 167 ? 5.416   -1.700  5.608   1.000 92.224  ? 237 ALA A CA  1 
ATOM   1101 C C   . ALA A 1 167 ? 4.783   -2.981  5.065   1.000 95.766  ? 237 ALA A C   1 
ATOM   1102 O O   . ALA A 1 167 ? 4.490   -3.894  5.838   1.000 93.466  ? 237 ALA A O   1 
ATOM   1103 C CB  . ALA A 1 167 ? 6.918   -1.730  5.486   1.000 98.336  ? 237 ALA A CB  1 
ATOM   1104 N N   . PRO A 1 168 ? 4.573   -3.079  3.726   1.000 91.692  ? 238 PRO A N   1 
ATOM   1105 C CA  . PRO A 1 168 ? 3.963   -4.262  3.103   1.000 93.604  ? 238 PRO A CA  1 
ATOM   1106 C C   . PRO A 1 168 ? 4.635   -5.572  3.510   1.000 93.218  ? 238 PRO A C   1 
ATOM   1107 O O   . PRO A 1 168 ? 5.815   -5.572  3.849   1.000 93.266  ? 238 PRO A O   1 
ATOM   1108 C CB  . PRO A 1 168 ? 4.209   -4.033  1.604   1.000 95.665  ? 238 PRO A CB  1 
ATOM   1109 C CG  . PRO A 1 168 ? 4.283   -2.527  1.457   1.000 92.915  ? 238 PRO A CG  1 
ATOM   1110 C CD  . PRO A 1 168 ? 4.907   -2.034  2.743   1.000 86.359  ? 238 PRO A CD  1 
ATOM   1111 N N   . HIS A 1 169 ? 3.879   -6.682  3.483   1.000 100.698 ? 239 HIS A N   1 
ATOM   1112 C CA  . HIS A 1 169 ? 4.447   -7.983  3.801   1.000 106.167 ? 239 HIS A CA  1 
ATOM   1113 C C   . HIS A 1 169 ? 5.692   -8.184  2.944   1.000 105.798 ? 239 HIS A C   1 
ATOM   1114 O O   . HIS A 1 169 ? 6.779   -8.377  3.487   1.000 102.470 ? 239 HIS A O   1 
ATOM   1115 C CB  . HIS A 1 169 ? 3.419   -9.119  3.646   1.000 124.400 ? 239 HIS A CB  1 
ATOM   1116 C CG  . HIS A 1 169 ? 4.008   -10.495 3.644   1.000 138.661 ? 239 HIS A CG  1 
ATOM   1117 N ND1 . HIS A 1 169 ? 4.732   -10.997 4.715   1.000 144.443 ? 239 HIS A ND1 1 
ATOM   1118 C CD2 . HIS A 1 169 ? 3.981   -11.480 2.717   1.000 144.823 ? 239 HIS A CD2 1 
ATOM   1119 C CE1 . HIS A 1 169 ? 5.133   -12.224 4.441   1.000 149.713 ? 239 HIS A CE1 1 
ATOM   1120 N NE2 . HIS A 1 169 ? 4.684   -12.543 3.220   1.000 154.815 ? 239 HIS A NE2 1 
ATOM   1121 N N   . TYR A 1 170 ? 5.521   -8.063  1.616   1.000 105.594 ? 240 TYR A N   1 
ATOM   1122 C CA  . TYR A 1 170 ? 6.553   -8.416  0.650   1.000 103.621 ? 240 TYR A CA  1 
ATOM   1123 C C   . TYR A 1 170 ? 7.894   -7.774  1.001   1.000 103.261 ? 240 TYR A C   1 
ATOM   1124 O O   . TYR A 1 170 ? 8.922   -8.446  0.960   1.000 118.506 ? 240 TYR A O   1 
ATOM   1125 C CB  . TYR A 1 170 ? 6.107   -8.157  -0.792  1.000 101.626 ? 240 TYR A CB  1 
ATOM   1126 C CG  . TYR A 1 170 ? 6.205   -6.746  -1.313  1.000 100.061 ? 240 TYR A CG  1 
ATOM   1127 C CD1 . TYR A 1 170 ? 7.406   -6.228  -1.763  1.000 105.877 ? 240 TYR A CD1 1 
ATOM   1128 C CD2 . TYR A 1 170 ? 5.076   -5.950  -1.428  1.000 108.555 ? 240 TYR A CD2 1 
ATOM   1129 C CE1 . TYR A 1 170 ? 7.490   -4.943  -2.276  1.000 115.587 ? 240 TYR A CE1 1 
ATOM   1130 C CE2 . TYR A 1 170 ? 5.139   -4.663  -1.939  1.000 107.778 ? 240 TYR A CE2 1 
ATOM   1131 C CZ  . TYR A 1 170 ? 6.353   -4.157  -2.367  1.000 109.740 ? 240 TYR A CZ  1 
ATOM   1132 O OH  . TYR A 1 170 ? 6.423   -2.888  -2.866  1.000 100.697 ? 240 TYR A OH  1 
ATOM   1133 N N   . PHE A 1 171 ? 7.862   -6.488  1.375   1.000 98.931  ? 241 PHE A N   1 
ATOM   1134 C CA  . PHE A 1 171 ? 9.040   -5.704  1.713   1.000 98.983  ? 241 PHE A CA  1 
ATOM   1135 C C   . PHE A 1 171 ? 9.823   -6.281  2.893   1.000 102.493 ? 241 PHE A C   1 
ATOM   1136 O O   . PHE A 1 171 ? 11.038  -6.134  2.968   1.000 116.687 ? 241 PHE A O   1 
ATOM   1137 C CB  . PHE A 1 171 ? 8.639   -4.270  2.055   1.000 101.615 ? 241 PHE A CB  1 
ATOM   1138 C CG  . PHE A 1 171 ? 9.137   -3.243  1.073   1.000 110.034 ? 241 PHE A CG  1 
ATOM   1139 C CD1 . PHE A 1 171 ? 10.415  -2.717  1.191   1.000 115.624 ? 241 PHE A CD1 1 
ATOM   1140 C CD2 . PHE A 1 171 ? 8.327   -2.796  0.042   1.000 115.213 ? 241 PHE A CD2 1 
ATOM   1141 C CE1 . PHE A 1 171 ? 10.872  -1.766  0.293   1.000 125.657 ? 241 PHE A CE1 1 
ATOM   1142 C CE2 . PHE A 1 171 ? 8.785   -1.847  -0.859  1.000 124.481 ? 241 PHE A CE2 1 
ATOM   1143 C CZ  . PHE A 1 171 ? 10.056  -1.333  -0.732  1.000 132.270 ? 241 PHE A CZ  1 
ATOM   1144 N N   . VAL A 1 172 ? 9.133   -6.925  3.834   1.000 104.924 ? 242 VAL A N   1 
ATOM   1145 C CA  . VAL A 1 172 ? 9.780   -7.241  5.096   1.000 112.076 ? 242 VAL A CA  1 
ATOM   1146 C C   . VAL A 1 172 ? 9.950   -8.754  5.265   1.000 115.894 ? 242 VAL A C   1 
ATOM   1147 O O   . VAL A 1 172 ? 10.591  -9.188  6.219   1.000 120.804 ? 242 VAL A O   1 
ATOM   1148 C CB  . VAL A 1 172 ? 9.086   -6.560  6.299   1.000 109.230 ? 242 VAL A CB  1 
ATOM   1149 C CG1 . VAL A 1 172 ? 9.192   -5.043  6.246   1.000 91.703  ? 242 VAL A CG1 1 
ATOM   1150 C CG2 . VAL A 1 172 ? 7.631   -6.970  6.440   1.000 115.293 ? 242 VAL A CG2 1 
ATOM   1151 N N   . GLU A 1 173 ? 9.417   -9.559  4.335   1.000 129.360 ? 243 GLU A N   1 
ATOM   1152 C CA  . GLU A 1 173 ? 9.548   -11.006 4.453   1.000 145.548 ? 243 GLU A CA  1 
ATOM   1153 C C   . GLU A 1 173 ? 11.013  -11.364 4.689   1.000 149.512 ? 243 GLU A C   1 
ATOM   1154 O O   . GLU A 1 173 ? 11.337  -11.987 5.700   1.000 151.342 ? 243 GLU A O   1 
ATOM   1155 C CB  . GLU A 1 173 ? 9.028   -11.762 3.227   1.000 154.383 ? 243 GLU A CB  1 
ATOM   1156 C CG  . GLU A 1 173 ? 9.411   -13.234 3.250   1.000 165.342 ? 243 GLU A CG  1 
ATOM   1157 C CD  . GLU A 1 173 ? 8.687   -14.139 2.271   1.000 179.925 ? 243 GLU A CD  1 
ATOM   1158 O OE1 . GLU A 1 173 ? 8.528   -13.739 1.101   1.000 188.207 ? 243 GLU A OE1 1 
ATOM   1159 O OE2 . GLU A 1 173 ? 8.274   -15.240 2.686   1.000 190.142 ? 243 GLU A OE2 1 
ATOM   1160 N N   . GLU A 1 174 ? 11.874  -10.954 3.744   1.000 146.153 ? 244 GLU A N   1 
ATOM   1161 C CA  . GLU A 1 174 ? 13.303  -11.226 3.778   1.000 146.597 ? 244 GLU A CA  1 
ATOM   1162 C C   . GLU A 1 174 ? 13.841  -10.940 5.180   1.000 136.573 ? 244 GLU A C   1 
ATOM   1163 O O   . GLU A 1 174 ? 14.149  -11.868 5.928   1.000 118.422 ? 244 GLU A O   1 
ATOM   1164 C CB  . GLU A 1 174 ? 14.025  -10.412 2.696   1.000 152.548 ? 244 GLU A CB  1 
ATOM   1165 C CG  . GLU A 1 174 ? 15.507  -10.747 2.532   1.000 156.548 ? 244 GLU A CG  1 
ATOM   1166 C CD  . GLU A 1 174 ? 15.866  -12.105 1.940   1.000 156.461 ? 244 GLU A CD  1 
ATOM   1167 O OE1 . GLU A 1 174 ? 14.939  -12.853 1.568   1.000 151.993 ? 244 GLU A OE1 1 
ATOM   1168 O OE2 . GLU A 1 174 ? 17.076  -12.413 1.854   1.000 151.082 ? 244 GLU A OE2 1 
ATOM   1169 N N   . ARG A 1 175 ? 13.873  -9.648  5.538   1.000 129.395 ? 245 ARG A N   1 
ATOM   1170 C CA  . ARG A 1 175 ? 14.552  -9.138  6.721   1.000 129.776 ? 245 ARG A CA  1 
ATOM   1171 C C   . ARG A 1 175 ? 14.055  -9.779  8.014   1.000 130.355 ? 245 ARG A C   1 
ATOM   1172 O O   . ARG A 1 175 ? 14.766  -9.755  9.015   1.000 142.314 ? 245 ARG A O   1 
ATOM   1173 C CB  . ARG A 1 175 ? 14.336  -7.631  6.880   1.000 118.318 ? 245 ARG A CB  1 
ATOM   1174 C CG  . ARG A 1 175 ? 14.722  -6.808  5.663   1.000 115.709 ? 245 ARG A CG  1 
ATOM   1175 C CD  . ARG A 1 175 ? 15.231  -5.494  6.216   1.000 126.190 ? 245 ARG A CD  1 
ATOM   1176 N NE  . ARG A 1 175 ? 15.186  -4.289  5.391   1.000 134.356 ? 245 ARG A NE  1 
ATOM   1177 C CZ  . ARG A 1 175 ? 14.618  -4.170  4.194   1.000 133.843 ? 245 ARG A CZ  1 
ATOM   1178 N NH1 . ARG A 1 175 ? 14.021  -5.208  3.630   1.000 132.410 ? 245 ARG A NH1 1 
ATOM   1179 N NH2 . ARG A 1 175 ? 14.653  -3.004  3.569   1.000 131.335 ? 245 ARG A NH2 1 
ATOM   1180 N N   . LEU A 1 176 ? 12.820  -10.294 8.014   1.000 128.248 ? 246 LEU A N   1 
ATOM   1181 C CA  . LEU A 1 176 ? 12.263  -10.879 9.223   1.000 134.766 ? 246 LEU A CA  1 
ATOM   1182 C C   . LEU A 1 176 ? 12.947  -12.217 9.499   1.000 135.216 ? 246 LEU A C   1 
ATOM   1183 O O   . LEU A 1 176 ? 13.457  -12.418 10.600  1.000 132.763 ? 246 LEU A O   1 
ATOM   1184 C CB  . LEU A 1 176 ? 10.739  -11.007 9.109   1.000 139.202 ? 246 LEU A CB  1 
ATOM   1185 C CG  . LEU A 1 176 ? 9.946   -9.705  9.247   1.000 133.198 ? 246 LEU A CG  1 
ATOM   1186 C CD1 . LEU A 1 176 ? 8.535   -9.870  8.713   1.000 137.248 ? 246 LEU A CD1 1 
ATOM   1187 C CD2 . LEU A 1 176 ? 9.906   -9.216  10.688  1.000 124.937 ? 246 LEU A CD2 1 
ATOM   1188 N N   . ARG A 1 177 ? 12.976  -13.098 8.484   1.000 135.991 ? 247 ARG A N   1 
ATOM   1189 C CA  . ARG A 1 177 ? 13.710  -14.357 8.526   1.000 139.959 ? 247 ARG A CA  1 
ATOM   1190 C C   . ARG A 1 177 ? 15.185  -14.084 8.837   1.000 146.446 ? 247 ARG A C   1 
ATOM   1191 O O   . ARG A 1 177 ? 15.758  -14.719 9.720   1.000 156.986 ? 247 ARG A O   1 
ATOM   1192 C CB  . ARG A 1 177 ? 13.561  -15.139 7.217   1.000 135.739 ? 247 ARG A CB  1 
ATOM   1193 C CG  . ARG A 1 177 ? 12.120  -15.343 6.766   1.000 145.101 ? 247 ARG A CG  1 
ATOM   1194 C CD  . ARG A 1 177 ? 12.011  -16.142 5.476   1.000 162.953 ? 247 ARG A CD  1 
ATOM   1195 N NE  . ARG A 1 177 ? 12.668  -15.564 4.304   1.000 175.405 ? 247 ARG A NE  1 
ATOM   1196 C CZ  . ARG A 1 177 ? 12.421  -15.903 3.038   1.000 173.403 ? 247 ARG A CZ  1 
ATOM   1197 N NH1 . ARG A 1 177 ? 11.516  -16.824 2.752   1.000 172.559 ? 247 ARG A NH1 1 
ATOM   1198 N NH2 . ARG A 1 177 ? 13.075  -15.307 2.056   1.000 168.769 ? 247 ARG A NH2 1 
ATOM   1199 N N   . ASN A 1 178 ? 15.784  -13.122 8.115   1.000 136.500 ? 248 ASN A N   1 
ATOM   1200 C CA  . ASN A 1 178 ? 17.151  -12.675 8.351   1.000 124.587 ? 248 ASN A CA  1 
ATOM   1201 C C   . ASN A 1 178 ? 17.198  -11.770 9.582   1.000 122.678 ? 248 ASN A C   1 
ATOM   1202 O O   . ASN A 1 178 ? 17.746  -10.674 9.495   1.000 122.561 ? 248 ASN A O   1 
ATOM   1203 C CB  . ASN A 1 178 ? 17.717  -11.868 7.173   1.000 132.303 ? 248 ASN A CB  1 
ATOM   1204 C CG  . ASN A 1 178 ? 17.617  -12.552 5.827   1.000 147.712 ? 248 ASN A CG  1 
ATOM   1205 O OD1 . ASN A 1 178 ? 16.992  -13.603 5.696   1.000 162.813 ? 248 ASN A OD1 1 
ATOM   1206 N ND2 . ASN A 1 178 ? 18.223  -11.949 4.815   1.000 139.265 ? 248 ASN A ND2 1 
ATOM   1207 N N   . GLY A 1 179 ? 16.602  -12.232 10.695  1.000 114.974 ? 249 GLY A N   1 
ATOM   1208 C CA  . GLY A 1 179 ? 16.533  -11.619 12.021  1.000 110.872 ? 249 GLY A CA  1 
ATOM   1209 C C   . GLY A 1 179 ? 16.781  -10.107 12.160  1.000 120.214 ? 249 GLY A C   1 
ATOM   1210 O O   . GLY A 1 179 ? 16.848  -9.625  13.290  1.000 112.291 ? 249 GLY A O   1 
ATOM   1211 N N   . THR A 1 180 ? 16.868  -9.349  11.050  1.000 126.191 ? 250 THR A N   1 
ATOM   1212 C CA  . THR A 1 180 ? 17.247  -7.937  11.065  1.000 126.756 ? 250 THR A CA  1 
ATOM   1213 C C   . THR A 1 180 ? 16.147  -7.069  11.677  1.000 138.647 ? 250 THR A C   1 
ATOM   1214 O O   . THR A 1 180 ? 16.439  -6.030  12.270  1.000 138.489 ? 250 THR A O   1 
ATOM   1215 C CB  . THR A 1 180 ? 17.510  -7.372  9.659   1.000 129.310 ? 250 THR A CB  1 
ATOM   1216 O OG1 . THR A 1 180 ? 17.910  -8.390  8.739   1.000 125.144 ? 250 THR A OG1 1 
ATOM   1217 C CG2 . THR A 1 180 ? 18.509  -6.232  9.671   1.000 129.004 ? 250 THR A CG2 1 
ATOM   1218 N N   . LEU A 1 181 ? 14.887  -7.501  11.487  1.000 146.509 ? 251 LEU A N   1 
ATOM   1219 C CA  . LEU A 1 181 ? 13.673  -6.768  11.829  1.000 132.582 ? 251 LEU A CA  1 
ATOM   1220 C C   . LEU A 1 181 ? 12.741  -7.646  12.670  1.000 131.221 ? 251 LEU A C   1 
ATOM   1221 O O   . LEU A 1 181 ? 12.623  -8.844  12.412  1.000 125.951 ? 251 LEU A O   1 
ATOM   1222 C CB  . LEU A 1 181 ? 12.968  -6.371  10.527  1.000 127.879 ? 251 LEU A CB  1 
ATOM   1223 C CG  . LEU A 1 181 ? 13.277  -4.977  9.985   1.000 131.621 ? 251 LEU A CG  1 
ATOM   1224 C CD1 . LEU A 1 181 ? 12.470  -4.703  8.725   1.000 129.479 ? 251 LEU A CD1 1 
ATOM   1225 C CD2 . LEU A 1 181 ? 13.000  -3.907  11.031  1.000 124.362 ? 251 LEU A CD2 1 
ATOM   1226 N N   . ALA A 1 182 ? 12.053  -7.024  13.644  1.000 130.389 ? 252 ALA A N   1 
ATOM   1227 C CA  . ALA A 1 182 ? 11.085  -7.680  14.519  1.000 126.423 ? 252 ALA A CA  1 
ATOM   1228 C C   . ALA A 1 182 ? 9.690   -7.075  14.319  1.000 124.633 ? 252 ALA A C   1 
ATOM   1229 O O   . ALA A 1 182 ? 9.573   -5.885  14.025  1.000 126.890 ? 252 ALA A O   1 
ATOM   1230 C CB  . ALA A 1 182 ? 11.535  -7.547  15.956  1.000 127.892 ? 252 ALA A CB  1 
ATOM   1231 N N   . VAL A 1 183 ? 8.639   -7.894  14.508  1.000 108.691 ? 253 VAL A N   1 
ATOM   1232 C CA  . VAL A 1 183 ? 7.241   -7.497  14.352  1.000 105.128 ? 253 VAL A CA  1 
ATOM   1233 C C   . VAL A 1 183 ? 6.678   -7.008  15.688  1.000 105.857 ? 253 VAL A C   1 
ATOM   1234 O O   . VAL A 1 183 ? 6.959   -7.604  16.720  1.000 124.032 ? 253 VAL A O   1 
ATOM   1235 C CB  . VAL A 1 183 ? 6.395   -8.671  13.818  1.000 98.099  ? 253 VAL A CB  1 
ATOM   1236 C CG1 . VAL A 1 183 ? 4.924   -8.537  14.185  1.000 102.026 ? 253 VAL A CG1 1 
ATOM   1237 C CG2 . VAL A 1 183 ? 6.566   -8.858  12.320  1.000 99.877  ? 253 VAL A CG2 1 
ATOM   1238 N N   . LEU A 1 184 ? 5.843   -5.958  15.665  1.000 109.398 ? 254 LEU A N   1 
ATOM   1239 C CA  . LEU A 1 184 ? 5.196   -5.461  16.875  1.000 115.108 ? 254 LEU A CA  1 
ATOM   1240 C C   . LEU A 1 184 ? 3.685   -5.698  16.836  1.000 123.236 ? 254 LEU A C   1 
ATOM   1241 O O   . LEU A 1 184 ? 3.013   -5.553  17.858  1.000 136.080 ? 254 LEU A O   1 
ATOM   1242 C CB  . LEU A 1 184 ? 5.472   -3.963  17.023  1.000 112.271 ? 254 LEU A CB  1 
ATOM   1243 C CG  . LEU A 1 184 ? 6.913   -3.513  16.818  1.000 113.008 ? 254 LEU A CG  1 
ATOM   1244 C CD1 . LEU A 1 184 ? 7.059   -2.047  17.193  1.000 120.208 ? 254 LEU A CD1 1 
ATOM   1245 C CD2 . LEU A 1 184 ? 7.864   -4.362  17.642  1.000 121.898 ? 254 LEU A CD2 1 
ATOM   1246 N N   . SER A 1 185 ? 3.166   -6.054  15.652  1.000 121.605 ? 255 SER A N   1 
ATOM   1247 C CA  . SER A 1 185 ? 1.751   -5.958  15.323  1.000 116.670 ? 255 SER A CA  1 
ATOM   1248 C C   . SER A 1 185 ? 0.930   -7.098  15.933  1.000 120.056 ? 255 SER A C   1 
ATOM   1249 O O   . SER A 1 185 ? -0.216  -6.887  16.317  1.000 121.804 ? 255 SER A O   1 
ATOM   1250 C CB  . SER A 1 185 ? 1.561   -5.870  13.827  1.000 109.699 ? 255 SER A CB  1 
ATOM   1251 O OG  . SER A 1 185 ? 1.654   -7.157  13.227  1.000 116.134 ? 255 SER A OG  1 
ATOM   1252 N N   . GLU A 1 186 ? 1.521   -8.297  16.029  1.000 114.108 ? 256 GLU A N   1 
ATOM   1253 C CA  . GLU A 1 186 ? 0.756   -9.525  16.207  1.000 111.643 ? 256 GLU A CA  1 
ATOM   1254 C C   . GLU A 1 186 ? -0.390  -9.355  17.207  1.000 113.954 ? 256 GLU A C   1 
ATOM   1255 O O   . GLU A 1 186 ? -1.544  -9.569  16.849  1.000 123.211 ? 256 GLU A O   1 
ATOM   1256 C CB  . GLU A 1 186 ? 1.672   -10.717 16.478  1.000 102.990 ? 256 GLU A CB  1 
ATOM   1257 C CG  . GLU A 1 186 ? 1.363   -11.895 15.572  1.000 106.440 ? 256 GLU A CG  1 
ATOM   1258 C CD  . GLU A 1 186 ? 1.560   -11.652 14.079  1.000 122.103 ? 256 GLU A CD  1 
ATOM   1259 O OE1 . GLU A 1 186 ? 1.620   -10.472 13.653  1.000 125.332 ? 256 GLU A OE1 1 
ATOM   1260 O OE2 . GLU A 1 186 ? 1.653   -12.648 13.336  1.000 129.321 ? 256 GLU A OE2 1 
ATOM   1261 N N   . LEU A 1 187 ? -0.084  -8.932  18.442  1.000 114.743 ? 257 LEU A N   1 
ATOM   1262 C CA  . LEU A 1 187 ? -1.083  -8.855  19.505  1.000 114.973 ? 257 LEU A CA  1 
ATOM   1263 C C   . LEU A 1 187 ? -2.130  -7.782  19.211  1.000 112.656 ? 257 LEU A C   1 
ATOM   1264 O O   . LEU A 1 187 ? -2.995  -7.542  20.049  1.000 120.653 ? 257 LEU A O   1 
ATOM   1265 C CB  . LEU A 1 187 ? -0.429  -8.577  20.864  1.000 128.071 ? 257 LEU A CB  1 
ATOM   1266 C CG  . LEU A 1 187 ? 0.673   -9.534  21.322  1.000 157.259 ? 257 LEU A CG  1 
ATOM   1267 C CD1 . LEU A 1 187 ? 0.857   -9.452  22.830  1.000 169.519 ? 257 LEU A CD1 1 
ATOM   1268 C CD2 . LEU A 1 187 ? 0.388   -10.970 20.897  1.000 158.190 ? 257 LEU A CD2 1 
ATOM   1269 N N   . TYR A 1 188 ? -2.026  -7.123  18.045  1.000 103.308 ? 258 TYR A N   1 
ATOM   1270 C CA  . TYR A 1 188 ? -3.032  -6.184  17.565  1.000 95.530  ? 258 TYR A CA  1 
ATOM   1271 C C   . TYR A 1 188 ? -3.874  -6.867  16.493  1.000 95.933  ? 258 TYR A C   1 
ATOM   1272 O O   . TYR A 1 188 ? -5.100  -6.913  16.588  1.000 110.999 ? 258 TYR A O   1 
ATOM   1273 C CB  . TYR A 1 188 ? -2.401  -4.913  16.985  1.000 89.207  ? 258 TYR A CB  1 
ATOM   1274 C CG  . TYR A 1 188 ? -3.368  -4.020  16.247  1.000 90.415  ? 258 TYR A CG  1 
ATOM   1275 C CD1 . TYR A 1 188 ? -4.098  -3.044  16.917  1.000 94.782  ? 258 TYR A CD1 1 
ATOM   1276 C CD2 . TYR A 1 188 ? -3.573  -4.161  14.880  1.000 89.365  ? 258 TYR A CD2 1 
ATOM   1277 C CE1 . TYR A 1 188 ? -4.998  -2.228  16.246  1.000 93.436  ? 258 TYR A CE1 1 
ATOM   1278 C CE2 . TYR A 1 188 ? -4.473  -3.360  14.195  1.000 90.187  ? 258 TYR A CE2 1 
ATOM   1279 C CZ  . TYR A 1 188 ? -5.187  -2.392  14.883  1.000 92.879  ? 258 TYR A CZ  1 
ATOM   1280 O OH  . TYR A 1 188 ? -6.074  -1.606  14.213  1.000 87.525  ? 258 TYR A OH  1 
ATOM   1281 N N   . GLU A 1 189 ? -3.188  -7.358  15.457  1.000 90.431  ? 259 GLU A N   1 
ATOM   1282 C CA  . GLU A 1 189 ? -3.803  -8.141  14.400  1.000 97.227  ? 259 GLU A CA  1 
ATOM   1283 C C   . GLU A 1 189 ? -2.864  -9.291  14.058  1.000 102.241 ? 259 GLU A C   1 
ATOM   1284 O O   . GLU A 1 189 ? -1.901  -9.126  13.305  1.000 110.530 ? 259 GLU A O   1 
ATOM   1285 C CB  . GLU A 1 189 ? -4.150  -7.281  13.183  1.000 94.817  ? 259 GLU A CB  1 
ATOM   1286 C CG  . GLU A 1 189 ? -5.072  -7.977  12.197  1.000 95.712  ? 259 GLU A CG  1 
ATOM   1287 C CD  . GLU A 1 189 ? -5.455  -7.112  11.011  1.000 103.234 ? 259 GLU A CD  1 
ATOM   1288 O OE1 . GLU A 1 189 ? -5.285  -5.882  11.109  1.000 103.856 ? 259 GLU A OE1 1 
ATOM   1289 O OE2 . GLU A 1 189 ? -5.906  -7.666  9.988   1.000 111.725 ? 259 GLU A OE2 1 
ATOM   1290 N N   . PRO A 1 190 ? -3.096  -10.480 14.658  1.000 96.793  ? 260 PRO A N   1 
ATOM   1291 C CA  . PRO A 1 190 ? -2.288  -11.663 14.361  1.000 98.805  ? 260 PRO A CA  1 
ATOM   1292 C C   . PRO A 1 190 ? -2.356  -12.012 12.875  1.000 100.065 ? 260 PRO A C   1 
ATOM   1293 O O   . PRO A 1 190 ? -3.398  -11.849 12.245  1.000 108.048 ? 260 PRO A O   1 
ATOM   1294 C CB  . PRO A 1 190 ? -2.951  -12.753 15.216  1.000 101.892 ? 260 PRO A CB  1 
ATOM   1295 C CG  . PRO A 1 190 ? -3.657  -11.995 16.324  1.000 97.175  ? 260 PRO A CG  1 
ATOM   1296 C CD  . PRO A 1 190 ? -4.133  -10.719 15.672  1.000 90.614  ? 260 PRO A CD  1 
ATOM   1297 N N   . GLY A 1 191 ? -1.230  -12.486 12.329  1.000 102.745 ? 261 GLY A N   1 
ATOM   1298 C CA  . GLY A 1 191 ? -1.111  -12.783 10.911  1.000 108.073 ? 261 GLY A CA  1 
ATOM   1299 C C   . GLY A 1 191 ? -0.801  -11.528 10.096  1.000 108.527 ? 261 GLY A C   1 
ATOM   1300 O O   . GLY A 1 191 ? -0.878  -11.554 8.867   1.000 107.394 ? 261 GLY A O   1 
ATOM   1301 N N   . GLY A 1 192 ? -0.442  -10.445 10.801  1.000 101.474 ? 262 GLY A N   1 
ATOM   1302 C CA  . GLY A 1 192 ? -0.243  -9.141  10.189  1.000 102.338 ? 262 GLY A CA  1 
ATOM   1303 C C   . GLY A 1 192 ? -1.565  -8.445  9.863   1.000 98.208  ? 262 GLY A C   1 
ATOM   1304 O O   . GLY A 1 192 ? -2.634  -9.022  10.055  1.000 102.194 ? 262 GLY A O   1 
ATOM   1305 N N   . ILE A 1 193 ? -1.472  -7.217  9.334   1.000 88.062  ? 263 ILE A N   1 
ATOM   1306 C CA  . ILE A 1 193 ? -2.585  -6.283  9.266   1.000 91.731  ? 263 ILE A CA  1 
ATOM   1307 C C   . ILE A 1 193 ? -3.174  -6.282  7.855   1.000 103.215 ? 263 ILE A C   1 
ATOM   1308 O O   . ILE A 1 193 ? -2.697  -5.561  6.976   1.000 110.864 ? 263 ILE A O   1 
ATOM   1309 C CB  . ILE A 1 193 ? -2.119  -4.876  9.688   1.000 89.898  ? 263 ILE A CB  1 
ATOM   1310 C CG1 . ILE A 1 193 ? -1.713  -4.827  11.161  1.000 88.931  ? 263 ILE A CG1 1 
ATOM   1311 C CG2 . ILE A 1 193 ? -3.173  -3.832  9.367   1.000 99.914  ? 263 ILE A CG2 1 
ATOM   1312 C CD1 . ILE A 1 193 ? -1.058  -3.530  11.576  1.000 95.059  ? 263 ILE A CD1 1 
ATOM   1313 N N   . ASP A 1 194 ? -4.226  -7.086  7.653   1.000 110.983 ? 264 ASP A N   1 
ATOM   1314 C CA  . ASP A 1 194 ? -4.939  -7.137  6.389   1.000 109.363 ? 264 ASP A CA  1 
ATOM   1315 C C   . ASP A 1 194 ? -5.510  -5.750  6.103   1.000 103.400 ? 264 ASP A C   1 
ATOM   1316 O O   . ASP A 1 194 ? -6.110  -5.166  7.003   1.000 94.844  ? 264 ASP A O   1 
ATOM   1317 C CB  . ASP A 1 194 ? -6.049  -8.187  6.459   1.000 113.783 ? 264 ASP A CB  1 
ATOM   1318 C CG  . ASP A 1 194 ? -6.012  -9.154  5.293   1.000 140.939 ? 264 ASP A CG  1 
ATOM   1319 O OD1 . ASP A 1 194 ? -4.893  -9.480  4.833   1.000 139.743 ? 264 ASP A OD1 1 
ATOM   1320 O OD2 . ASP A 1 194 ? -7.101  -9.564  4.848   1.000 181.002 ? 264 ASP A OD2 1 
ATOM   1321 N N   . THR A 1 195 ? -5.265  -5.210  4.892   1.000 98.659  ? 265 THR A N   1 
ATOM   1322 C CA  . THR A 1 195 ? -5.938  -4.002  4.417   1.000 107.187 ? 265 THR A CA  1 
ATOM   1323 C C   . THR A 1 195 ? -6.365  -4.180  2.966   1.000 97.424  ? 265 THR A C   1 
ATOM   1324 O O   . THR A 1 195 ? -5.656  -4.834  2.209   1.000 98.101  ? 265 THR A O   1 
ATOM   1325 C CB  . THR A 1 195 ? -5.084  -2.732  4.522   1.000 123.422 ? 265 THR A CB  1 
ATOM   1326 O OG1 . THR A 1 195 ? -5.131  -2.320  5.888   1.000 148.138 ? 265 THR A OG1 1 
ATOM   1327 C CG2 . THR A 1 195 ? -5.597  -1.603  3.649   1.000 116.322 ? 265 THR A CG2 1 
ATOM   1328 N N   . LYS A 1 196 ? -7.496  -3.552  2.598   1.000 96.702  ? 266 LYS A N   1 
ATOM   1329 C CA  . LYS A 1 196 ? -8.140  -3.737  1.303   1.000 99.189  ? 266 LYS A CA  1 
ATOM   1330 C C   . LYS A 1 196 ? -7.362  -3.023  0.203   1.000 102.140 ? 266 LYS A C   1 
ATOM   1331 O O   . LYS A 1 196 ? -6.842  -1.927  0.419   1.000 111.198 ? 266 LYS A O   1 
ATOM   1332 C CB  . LYS A 1 196 ? -9.572  -3.195  1.305   1.000 95.910  ? 266 LYS A CB  1 
ATOM   1333 C CG  . LYS A 1 196 ? -10.597 -4.096  1.973   1.000 95.721  ? 266 LYS A CG  1 
ATOM   1334 C CD  . LYS A 1 196 ? -12.009 -3.587  1.822   1.000 91.468  ? 266 LYS A CD  1 
ATOM   1335 C CE  . LYS A 1 196 ? -13.021 -4.567  2.371   1.000 87.438  ? 266 LYS A CE  1 
ATOM   1336 N NZ  . LYS A 1 196 ? -14.372 -3.968  2.426   1.000 91.996  ? 266 LYS A NZ  1 
ATOM   1337 N N   . VAL A 1 197 ? -7.326  -3.666  -0.974  1.000 94.033  ? 267 VAL A N   1 
ATOM   1338 C CA  . VAL A 1 197 ? -6.788  -3.111  -2.205  1.000 85.376  ? 267 VAL A CA  1 
ATOM   1339 C C   . VAL A 1 197 ? -7.943  -2.644  -3.093  1.000 89.349  ? 267 VAL A C   1 
ATOM   1340 O O   . VAL A 1 197 ? -8.802  -3.438  -3.483  1.000 84.298  ? 267 VAL A O   1 
ATOM   1341 C CB  . VAL A 1 197 ? -5.932  -4.160  -2.932  1.000 82.866  ? 267 VAL A CB  1 
ATOM   1342 C CG1 . VAL A 1 197 ? -5.288  -3.568  -4.175  1.000 86.380  ? 267 VAL A CG1 1 
ATOM   1343 C CG2 . VAL A 1 197 ? -4.894  -4.756  -1.996  1.000 82.547  ? 267 VAL A CG2 1 
ATOM   1344 N N   . TYR A 1 198 ? -7.936  -1.346  -3.418  1.000 91.162  ? 268 TYR A N   1 
ATOM   1345 C CA  . TYR A 1 198 ? -9.001  -0.710  -4.176  1.000 91.565  ? 268 TYR A CA  1 
ATOM   1346 C C   . TYR A 1 198 ? -8.601  -0.569  -5.639  1.000 93.645  ? 268 TYR A C   1 
ATOM   1347 O O   . TYR A 1 198 ? -7.434  -0.322  -5.946  1.000 99.756  ? 268 TYR A O   1 
ATOM   1348 C CB  . TYR A 1 198 ? -9.333  0.659   -3.578  1.000 92.471  ? 268 TYR A CB  1 
ATOM   1349 C CG  . TYR A 1 198 ? -9.920  0.525   -2.204  1.000 95.692  ? 268 TYR A CG  1 
ATOM   1350 C CD1 . TYR A 1 198 ? -11.190 0.002   -2.044  1.000 100.997 ? 268 TYR A CD1 1 
ATOM   1351 C CD2 . TYR A 1 198 ? -9.186  0.832   -1.072  1.000 101.259 ? 268 TYR A CD2 1 
ATOM   1352 C CE1 . TYR A 1 198 ? -11.735 -0.182  -0.787  1.000 105.545 ? 268 TYR A CE1 1 
ATOM   1353 C CE2 . TYR A 1 198 ? -9.719  0.655   0.196   1.000 105.086 ? 268 TYR A CE2 1 
ATOM   1354 C CZ  . TYR A 1 198 ? -10.996 0.144   0.335   1.000 99.012  ? 268 TYR A CZ  1 
ATOM   1355 O OH  . TYR A 1 198 ? -11.534 -0.039  1.571   1.000 107.480 ? 268 TYR A OH  1 
ATOM   1356 N N   . CYS A 1 199 ? -9.591  -0.748  -6.521  1.000 87.882  ? 269 CYS A N   1 
ATOM   1357 C CA  . CYS A 1 199 ? -9.506  -0.296  -7.899  1.000 90.213  ? 269 CYS A CA  1 
ATOM   1358 C C   . CYS A 1 199 ? -10.394 0.936   -8.068  1.000 91.361  ? 269 CYS A C   1 
ATOM   1359 O O   . CYS A 1 199 ? -11.621 0.826   -8.099  1.000 95.448  ? 269 CYS A O   1 
ATOM   1360 C CB  . CYS A 1 199 ? -9.950  -1.380  -8.875  1.000 91.986  ? 269 CYS A CB  1 
ATOM   1361 S SG  . CYS A 1 199 ? -9.653  -0.943  -10.611 1.000 100.331 ? 269 CYS A SG  1 
ATOM   1362 N N   . TYR A 1 200 ? -9.762  2.116   -8.128  1.000 90.017  ? 270 TYR A N   1 
ATOM   1363 C CA  . TYR A 1 200 ? -10.426 3.316   -8.616  1.000 92.112  ? 270 TYR A CA  1 
ATOM   1364 C C   . TYR A 1 200 ? -10.239 3.319   -10.131 1.000 93.484  ? 270 TYR A C   1 
ATOM   1365 O O   . TYR A 1 200 ? -9.142  3.031   -10.612 1.000 90.952  ? 270 TYR A O   1 
ATOM   1366 C CB  . TYR A 1 200 ? -9.895  4.582   -7.927  1.000 91.702  ? 270 TYR A CB  1 
ATOM   1367 C CG  . TYR A 1 200 ? -9.870  4.548   -6.415  1.000 95.706  ? 270 TYR A CG  1 
ATOM   1368 C CD1 . TYR A 1 200 ? -8.895  3.839   -5.723  1.000 95.559  ? 270 TYR A CD1 1 
ATOM   1369 C CD2 . TYR A 1 200 ? -10.812 5.237   -5.663  1.000 99.626  ? 270 TYR A CD2 1 
ATOM   1370 C CE1 . TYR A 1 200 ? -8.869  3.801   -4.337  1.000 95.478  ? 270 TYR A CE1 1 
ATOM   1371 C CE2 . TYR A 1 200 ? -10.800 5.212   -4.276  1.000 99.152  ? 270 TYR A CE2 1 
ATOM   1372 C CZ  . TYR A 1 200 ? -9.826  4.489   -3.609  1.000 97.354  ? 270 TYR A CZ  1 
ATOM   1373 O OH  . TYR A 1 200 ? -9.822  4.465   -2.244  1.000 99.564  ? 270 TYR A OH  1 
ATOM   1374 N N   . TYR A 1 201 ? -11.327 3.578   -10.868 1.000 95.313  ? 271 TYR A N   1 
ATOM   1375 C CA  . TYR A 1 201 ? -11.346 3.466   -12.320 1.000 97.847  ? 271 TYR A CA  1 
ATOM   1376 C C   . TYR A 1 201 ? -12.260 4.529   -12.921 1.000 106.714 ? 271 TYR A C   1 
ATOM   1377 O O   . TYR A 1 201 ? -13.249 4.921   -12.309 1.000 122.933 ? 271 TYR A O   1 
ATOM   1378 C CB  . TYR A 1 201 ? -11.791 2.069   -12.764 1.000 89.750  ? 271 TYR A CB  1 
ATOM   1379 C CG  . TYR A 1 201 ? -13.210 1.681   -12.429 1.000 90.485  ? 271 TYR A CG  1 
ATOM   1380 C CD1 . TYR A 1 201 ? -14.278 2.120   -13.195 1.000 88.381  ? 271 TYR A CD1 1 
ATOM   1381 C CD2 . TYR A 1 201 ? -13.483 0.836   -11.364 1.000 102.762 ? 271 TYR A CD2 1 
ATOM   1382 C CE1 . TYR A 1 201 ? -15.579 1.748   -12.893 1.000 104.263 ? 271 TYR A CE1 1 
ATOM   1383 C CE2 . TYR A 1 201 ? -14.778 0.450   -11.052 1.000 106.940 ? 271 TYR A CE2 1 
ATOM   1384 C CZ  . TYR A 1 201 ? -15.833 0.907   -11.822 1.000 110.470 ? 271 TYR A CZ  1 
ATOM   1385 O OH  . TYR A 1 201 ? -17.112 0.531   -11.519 1.000 122.093 ? 271 TYR A OH  1 
ATOM   1386 N N   . ASN A 1 202 ? -11.913 4.969   -14.135 1.000 114.675 ? 272 ASN A N   1 
ATOM   1387 C CA  . ASN A 1 202 ? -12.655 5.987   -14.857 1.000 120.270 ? 272 ASN A CA  1 
ATOM   1388 C C   . ASN A 1 202 ? -14.048 5.462   -15.199 1.000 128.797 ? 272 ASN A C   1 
ATOM   1389 O O   . ASN A 1 202 ? -14.171 4.445   -15.885 1.000 113.165 ? 272 ASN A O   1 
ATOM   1390 C CB  . ASN A 1 202 ? -11.899 6.432   -16.108 1.000 122.288 ? 272 ASN A CB  1 
ATOM   1391 C CG  . ASN A 1 202 ? -12.190 7.873   -16.444 1.000 122.634 ? 272 ASN A CG  1 
ATOM   1392 O OD1 . ASN A 1 202 ? -13.333 8.216   -16.741 1.000 121.358 ? 272 ASN A OD1 1 
ATOM   1393 N ND2 . ASN A 1 202 ? -11.167 8.712   -16.373 1.000 123.289 ? 272 ASN A ND2 1 
ATOM   1394 N N   . THR A 1 203 ? -15.074 6.178   -14.702 1.000 143.105 ? 273 THR A N   1 
ATOM   1395 C CA  . THR A 1 203 ? -16.487 5.857   -14.868 1.000 133.425 ? 273 THR A CA  1 
ATOM   1396 C C   . THR A 1 203 ? -16.717 5.322   -16.280 1.000 127.811 ? 273 THR A C   1 
ATOM   1397 O O   . THR A 1 203 ? -17.481 4.377   -16.465 1.000 115.891 ? 273 THR A O   1 
ATOM   1398 C CB  . THR A 1 203 ? -17.376 7.063   -14.530 1.000 134.912 ? 273 THR A CB  1 
ATOM   1399 O OG1 . THR A 1 203 ? -16.740 8.217   -15.079 1.000 140.185 ? 273 THR A OG1 1 
ATOM   1400 C CG2 . THR A 1 203 ? -17.579 7.269   -13.042 1.000 126.229 ? 273 THR A CG2 1 
ATOM   1401 N N   . ALA A 1 204 ? -15.994 5.922   -17.241 1.000 132.016 ? 274 ALA A N   1 
ATOM   1402 C CA  . ALA A 1 204 ? -15.970 5.571   -18.656 1.000 135.901 ? 274 ALA A CA  1 
ATOM   1403 C C   . ALA A 1 204 ? -15.918 4.055   -18.881 1.000 135.550 ? 274 ALA A C   1 
ATOM   1404 O O   . ALA A 1 204 ? -16.655 3.521   -19.710 1.000 139.155 ? 274 ALA A O   1 
ATOM   1405 C CB  . ALA A 1 204 ? -14.814 6.280   -19.329 1.000 111.322 ? 274 ALA A CB  1 
ATOM   1406 N N   . LEU A 1 205 ? -15.062 3.362   -18.120 1.000 126.138 ? 275 LEU A N   1 
ATOM   1407 C CA  . LEU A 1 205 ? -14.751 1.964   -18.370 1.000 129.648 ? 275 LEU A CA  1 
ATOM   1408 C C   . LEU A 1 205 ? -15.910 1.046   -17.975 1.000 129.195 ? 275 LEU A C   1 
ATOM   1409 O O   . LEU A 1 205 ? -15.993 -0.071  -18.479 1.000 138.073 ? 275 LEU A O   1 
ATOM   1410 C CB  . LEU A 1 205 ? -13.472 1.589   -17.611 1.000 132.157 ? 275 LEU A CB  1 
ATOM   1411 C CG  . LEU A 1 205 ? -12.200 2.340   -18.012 1.000 128.259 ? 275 LEU A CG  1 
ATOM   1412 C CD1 . LEU A 1 205 ? -11.171 2.293   -16.896 1.000 134.522 ? 275 LEU A CD1 1 
ATOM   1413 C CD2 . LEU A 1 205 ? -11.605 1.782   -19.294 1.000 127.242 ? 275 LEU A CD2 1 
ATOM   1414 N N   . GLU A 1 206 ? -16.797 1.518   -17.086 1.000 132.052 ? 276 GLU A N   1 
ATOM   1415 C CA  . GLU A 1 206 ? -17.715 0.654   -16.351 1.000 145.634 ? 276 GLU A CA  1 
ATOM   1416 C C   . GLU A 1 206 ? -18.539 -0.212  -17.302 1.000 159.461 ? 276 GLU A C   1 
ATOM   1417 O O   . GLU A 1 206 ? -18.705 -1.408  -17.060 1.000 157.234 ? 276 GLU A O   1 
ATOM   1418 C CB  . GLU A 1 206 ? -18.568 1.449   -15.356 1.000 150.110 ? 276 GLU A CB  1 
ATOM   1419 C CG  . GLU A 1 206 ? -19.659 2.298   -15.985 1.000 160.066 ? 276 GLU A CG  1 
ATOM   1420 C CD  . GLU A 1 206 ? -20.216 3.378   -15.072 1.000 171.994 ? 276 GLU A CD  1 
ATOM   1421 O OE1 . GLU A 1 206 ? -20.033 3.268   -13.842 1.000 169.465 ? 276 GLU A OE1 1 
ATOM   1422 O OE2 . GLU A 1 206 ? -20.825 4.334   -15.594 1.000 185.462 ? 276 GLU A OE2 1 
ATOM   1423 N N   . SER A 1 207 ? -19.030 0.413   -18.383 1.000 168.782 ? 277 SER A N   1 
ATOM   1424 C CA  . SER A 1 207 ? -19.807 -0.234  -19.428 1.000 169.901 ? 277 SER A CA  1 
ATOM   1425 C C   . SER A 1 207 ? -18.980 -1.309  -20.139 1.000 178.531 ? 277 SER A C   1 
ATOM   1426 O O   . SER A 1 207 ? -19.408 -2.459  -20.215 1.000 182.897 ? 277 SER A O   1 
ATOM   1427 C CB  . SER A 1 207 ? -20.341 0.792   -20.395 1.000 158.782 ? 277 SER A CB  1 
ATOM   1428 O OG  . SER A 1 207 ? -19.399 1.842   -20.569 1.000 151.990 ? 277 SER A OG  1 
ATOM   1429 N N   . GLU A 1 208 ? -17.782 -0.927  -20.613 1.000 176.755 ? 278 GLU A N   1 
ATOM   1430 C CA  . GLU A 1 208 ? -16.949 -1.709  -21.522 1.000 158.473 ? 278 GLU A CA  1 
ATOM   1431 C C   . GLU A 1 208 ? -16.479 -3.019  -20.890 1.000 149.428 ? 278 GLU A C   1 
ATOM   1432 O O   . GLU A 1 208 ? -15.867 -3.016  -19.823 1.000 139.957 ? 278 GLU A O   1 
ATOM   1433 C CB  . GLU A 1 208 ? -15.730 -0.897  -21.957 1.000 142.672 ? 278 GLU A CB  1 
ATOM   1434 C CG  . GLU A 1 208 ? -16.095 0.415   -22.615 1.000 145.112 ? 278 GLU A CG  1 
ATOM   1435 C CD  . GLU A 1 208 ? -15.069 0.892   -23.624 1.000 156.436 ? 278 GLU A CD  1 
ATOM   1436 O OE1 . GLU A 1 208 ? -13.859 0.755   -23.347 1.000 153.266 ? 278 GLU A OE1 1 
ATOM   1437 O OE2 . GLU A 1 208 ? -15.485 1.384   -24.692 1.000 166.422 ? 278 GLU A OE2 1 
ATOM   1438 N N   . ARG A 1 209 ? -16.726 -4.127  -21.601 1.000 149.155 ? 279 ARG A N   1 
ATOM   1439 C CA  . ARG A 1 209 ? -16.426 -5.478  -21.151 1.000 153.643 ? 279 ARG A CA  1 
ATOM   1440 C C   . ARG A 1 209 ? -14.915 -5.668  -20.990 1.000 143.414 ? 279 ARG A C   1 
ATOM   1441 O O   . ARG A 1 209 ? -14.482 -6.492  -20.187 1.000 132.407 ? 279 ARG A O   1 
ATOM   1442 C CB  . ARG A 1 209 ? -17.034 -6.509  -22.113 1.000 166.590 ? 279 ARG A CB  1 
ATOM   1443 C CG  . ARG A 1 209 ? -16.317 -6.597  -23.452 1.000 192.576 ? 279 ARG A CG  1 
ATOM   1444 C CD  . ARG A 1 209 ? -17.149 -6.963  -24.667 1.000 195.964 ? 279 ARG A CD  1 
ATOM   1445 N NE  . ARG A 1 209 ? -16.292 -6.963  -25.850 1.000 197.386 ? 279 ARG A NE  1 
ATOM   1446 C CZ  . ARG A 1 209 ? -15.887 -5.876  -26.504 1.000 188.474 ? 279 ARG A CZ  1 
ATOM   1447 N NH1 . ARG A 1 209 ? -16.266 -4.673  -26.106 1.000 192.081 ? 279 ARG A NH1 1 
ATOM   1448 N NH2 . ARG A 1 209 ? -15.100 -5.997  -27.560 1.000 172.146 ? 279 ARG A NH2 1 
ATOM   1449 N N   . SER A 1 210 ? -14.123 -4.903  -21.757 1.000 143.249 ? 280 SER A N   1 
ATOM   1450 C CA  . SER A 1 210 ? -12.667 -4.981  -21.736 1.000 153.814 ? 280 SER A CA  1 
ATOM   1451 C C   . SER A 1 210 ? -12.160 -4.996  -20.294 1.000 145.881 ? 280 SER A C   1 
ATOM   1452 O O   . SER A 1 210 ? -11.278 -5.776  -19.940 1.000 122.053 ? 280 SER A O   1 
ATOM   1453 C CB  . SER A 1 210 ? -12.044 -3.832  -22.498 1.000 156.479 ? 280 SER A CB  1 
ATOM   1454 O OG  . SER A 1 210 ? -13.040 -3.064  -23.157 1.000 172.708 ? 280 SER A OG  1 
ATOM   1455 N N   . PHE A 1 211 ? -12.768 -4.125  -19.478 1.000 146.362 ? 281 PHE A N   1 
ATOM   1456 C CA  . PHE A 1 211 ? -12.392 -3.858  -18.100 1.000 132.947 ? 281 PHE A CA  1 
ATOM   1457 C C   . PHE A 1 211 ? -12.920 -4.972  -17.189 1.000 124.355 ? 281 PHE A C   1 
ATOM   1458 O O   . PHE A 1 211 ? -12.144 -5.598  -16.470 1.000 113.809 ? 281 PHE A O   1 
ATOM   1459 C CB  . PHE A 1 211 ? -12.798 -2.423  -17.738 1.000 125.148 ? 281 PHE A CB  1 
ATOM   1460 C CG  . PHE A 1 211 ? -12.719 -2.096  -16.269 1.000 133.611 ? 281 PHE A CG  1 
ATOM   1461 C CD1 . PHE A 1 211 ? -11.500 -1.854  -15.655 1.000 132.024 ? 281 PHE A CD1 1 
ATOM   1462 C CD2 . PHE A 1 211 ? -13.867 -2.054  -15.494 1.000 136.048 ? 281 PHE A CD2 1 
ATOM   1463 C CE1 . PHE A 1 211 ? -11.433 -1.579  -14.296 1.000 128.560 ? 281 PHE A CE1 1 
ATOM   1464 C CE2 . PHE A 1 211 ? -13.799 -1.775  -14.136 1.000 128.099 ? 281 PHE A CE2 1 
ATOM   1465 C CZ  . PHE A 1 211 ? -12.582 -1.544  -13.538 1.000 115.888 ? 281 PHE A CZ  1 
ATOM   1466 N N   . LEU A 1 212 ? -14.238 -5.227  -17.239 1.000 124.776 ? 282 LEU A N   1 
ATOM   1467 C CA  . LEU A 1 212 ? -14.882 -6.324  -16.523 1.000 131.127 ? 282 LEU A CA  1 
ATOM   1468 C C   . LEU A 1 212 ? -14.012 -7.581  -16.612 1.000 137.595 ? 282 LEU A C   1 
ATOM   1469 O O   . LEU A 1 212 ? -13.905 -8.342  -15.645 1.000 114.676 ? 282 LEU A O   1 
ATOM   1470 C CB  . LEU A 1 212 ? -16.262 -6.601  -17.135 1.000 129.575 ? 282 LEU A CB  1 
ATOM   1471 C CG  . LEU A 1 212 ? -17.420 -5.707  -16.691 1.000 133.585 ? 282 LEU A CG  1 
ATOM   1472 C CD1 . LEU A 1 212 ? -17.552 -4.485  -17.593 1.000 132.620 ? 282 LEU A CD1 1 
ATOM   1473 C CD2 . LEU A 1 212 ? -18.719 -6.498  -16.693 1.000 132.638 ? 282 LEU A CD2 1 
ATOM   1474 N N   . ARG A 1 213 ? -13.414 -7.778  -17.802 1.000 146.512 ? 283 ARG A N   1 
ATOM   1475 C CA  . ARG A 1 213 ? -12.515 -8.882  -18.106 1.000 144.158 ? 283 ARG A CA  1 
ATOM   1476 C C   . ARG A 1 213 ? -11.311 -8.802  -17.172 1.000 138.304 ? 283 ARG A C   1 
ATOM   1477 O O   . ARG A 1 213 ? -11.112 -9.697  -16.347 1.000 127.952 ? 283 ARG A O   1 
ATOM   1478 C CB  . ARG A 1 213 ? -12.095 -8.863  -19.581 1.000 142.950 ? 283 ARG A CB  1 
ATOM   1479 C CG  . ARG A 1 213 ? -13.130 -9.442  -20.533 1.000 151.701 ? 283 ARG A CG  1 
ATOM   1480 C CD  . ARG A 1 213 ? -12.909 -9.049  -21.980 1.000 163.728 ? 283 ARG A CD  1 
ATOM   1481 N NE  . ARG A 1 213 ? -14.027 -9.479  -22.809 1.000 187.816 ? 283 ARG A NE  1 
ATOM   1482 C CZ  . ARG A 1 213 ? -14.136 -9.276  -24.119 1.000 194.645 ? 283 ARG A CZ  1 
ATOM   1483 N NH1 . ARG A 1 213 ? -13.186 -8.632  -24.777 1.000 194.699 ? 283 ARG A NH1 1 
ATOM   1484 N NH2 . ARG A 1 213 ? -15.199 -9.719  -24.767 1.000 196.704 ? 283 ARG A NH2 1 
ATOM   1485 N N   . PHE A 1 214 ? -10.543 -7.708  -17.304 1.000 130.212 ? 284 PHE A N   1 
ATOM   1486 C CA  . PHE A 1 214 ? -9.409  -7.408  -16.439 1.000 127.656 ? 284 PHE A CA  1 
ATOM   1487 C C   . PHE A 1 214 ? -9.777  -7.728  -14.995 1.000 125.972 ? 284 PHE A C   1 
ATOM   1488 O O   . PHE A 1 214 ? -9.112  -8.537  -14.347 1.000 111.691 ? 284 PHE A O   1 
ATOM   1489 C CB  . PHE A 1 214 ? -9.006  -5.932  -16.550 1.000 118.299 ? 284 PHE A CB  1 
ATOM   1490 C CG  . PHE A 1 214 ? -8.374  -5.329  -15.316 1.000 111.585 ? 284 PHE A CG  1 
ATOM   1491 C CD1 . PHE A 1 214 ? -7.128  -5.748  -14.871 1.000 100.349 ? 284 PHE A CD1 1 
ATOM   1492 C CD2 . PHE A 1 214 ? -9.018  -4.326  -14.604 1.000 120.513 ? 284 PHE A CD2 1 
ATOM   1493 C CE1 . PHE A 1 214 ? -6.552  -5.187  -13.740 1.000 100.328 ? 284 PHE A CE1 1 
ATOM   1494 C CE2 . PHE A 1 214 ? -8.438  -3.759  -13.476 1.000 115.226 ? 284 PHE A CE2 1 
ATOM   1495 C CZ  . PHE A 1 214 ? -7.204  -4.193  -13.045 1.000 105.931 ? 284 PHE A CZ  1 
ATOM   1496 N N   . LEU A 1 215 ? -10.865 -7.087  -14.543 1.000 122.655 ? 285 LEU A N   1 
ATOM   1497 C CA  . LEU A 1 215 ? -11.298 -7.050  -13.157 1.000 118.179 ? 285 LEU A CA  1 
ATOM   1498 C C   . LEU A 1 215 ? -11.399 -8.470  -12.598 1.000 118.574 ? 285 LEU A C   1 
ATOM   1499 O O   . LEU A 1 215 ? -10.772 -8.764  -11.582 1.000 100.447 ? 285 LEU A O   1 
ATOM   1500 C CB  . LEU A 1 215 ? -12.623 -6.280  -13.091 1.000 115.357 ? 285 LEU A CB  1 
ATOM   1501 C CG  . LEU A 1 215 ? -12.966 -5.621  -11.756 1.000 109.577 ? 285 LEU A CG  1 
ATOM   1502 C CD1 . LEU A 1 215 ? -11.732 -5.033  -11.100 1.000 113.978 ? 285 LEU A CD1 1 
ATOM   1503 C CD2 . LEU A 1 215 ? -14.009 -4.538  -11.951 1.000 106.987 ? 285 LEU A CD2 1 
ATOM   1504 N N   . GLU A 1 216 ? -12.147 -9.349  -13.286 1.000 124.531 ? 286 GLU A N   1 
ATOM   1505 C CA  . GLU A 1 216 ? -12.264 -10.747 -12.892 1.000 132.803 ? 286 GLU A CA  1 
ATOM   1506 C C   . GLU A 1 216 ? -10.883 -11.407 -12.867 1.000 134.286 ? 286 GLU A C   1 
ATOM   1507 O O   . GLU A 1 216 ? -10.373 -11.761 -11.803 1.000 108.833 ? 286 GLU A O   1 
ATOM   1508 C CB  . GLU A 1 216 ? -13.209 -11.502 -13.831 1.000 141.453 ? 286 GLU A CB  1 
ATOM   1509 C CG  . GLU A 1 216 ? -13.186 -13.007 -13.614 1.000 162.090 ? 286 GLU A CG  1 
ATOM   1510 C CD  . GLU A 1 216 ? -14.327 -13.804 -14.228 1.000 175.473 ? 286 GLU A CD  1 
ATOM   1511 O OE1 . GLU A 1 216 ? -15.148 -14.342 -13.455 1.000 179.745 ? 286 GLU A OE1 1 
ATOM   1512 O OE2 . GLU A 1 216 ? -14.385 -13.904 -15.473 1.000 176.514 ? 286 GLU A OE2 1 
ATOM   1513 N N   . SER A 1 217 ? -10.294 -11.555 -14.061 1.000 147.303 ? 287 SER A N   1 
ATOM   1514 C CA  . SER A 1 217 ? -9.024  -12.230 -14.284 1.000 150.936 ? 287 SER A CA  1 
ATOM   1515 C C   . SER A 1 217 ? -7.959  -11.744 -13.298 1.000 141.678 ? 287 SER A C   1 
ATOM   1516 O O   . SER A 1 217 ? -7.225  -12.551 -12.726 1.000 138.027 ? 287 SER A O   1 
ATOM   1517 C CB  . SER A 1 217 ? -8.592  -12.056 -15.717 1.000 154.465 ? 287 SER A CB  1 
ATOM   1518 O OG  . SER A 1 217 ? -9.707  -12.183 -16.590 1.000 142.103 ? 287 SER A OG  1 
ATOM   1519 N N   . ALA A 1 218 ? -7.897  -10.417 -13.107 1.000 124.859 ? 288 ALA A N   1 
ATOM   1520 C CA  . ALA A 1 218 ? -7.095  -9.804  -12.061 1.000 120.210 ? 288 ALA A CA  1 
ATOM   1521 C C   . ALA A 1 218 ? -7.492  -10.389 -10.710 1.000 118.870 ? 288 ALA A C   1 
ATOM   1522 O O   . ALA A 1 218 ? -6.751  -11.188 -10.155 1.000 124.997 ? 288 ALA A O   1 
ATOM   1523 C CB  . ALA A 1 218 ? -7.254  -8.306  -12.076 1.000 118.841 ? 288 ALA A CB  1 
ATOM   1524 N N   . ARG A 1 219 ? -8.683  -10.020 -10.221 1.000 130.377 ? 289 ARG A N   1 
ATOM   1525 C CA  . ARG A 1 219 ? -9.210  -10.421 -8.921  1.000 142.129 ? 289 ARG A CA  1 
ATOM   1526 C C   . ARG A 1 219 ? -8.806  -11.854 -8.573  1.000 150.840 ? 289 ARG A C   1 
ATOM   1527 O O   . ARG A 1 219 ? -8.269  -12.094 -7.490  1.000 132.916 ? 289 ARG A O   1 
ATOM   1528 C CB  . ARG A 1 219 ? -10.738 -10.323 -8.922  1.000 138.734 ? 289 ARG A CB  1 
ATOM   1529 C CG  . ARG A 1 219 ? -11.329 -9.530  -7.767  1.000 127.136 ? 289 ARG A CG  1 
ATOM   1530 C CD  . ARG A 1 219 ? -12.725 -9.093  -8.173  1.000 124.957 ? 289 ARG A CD  1 
ATOM   1531 N NE  . ARG A 1 219 ? -13.257 -7.964  -7.425  1.000 120.405 ? 289 ARG A NE  1 
ATOM   1532 C CZ  . ARG A 1 219 ? -14.202 -7.146  -7.874  1.000 118.651 ? 289 ARG A CZ  1 
ATOM   1533 N NH1 . ARG A 1 219 ? -14.708 -7.326  -9.078  1.000 115.654 ? 289 ARG A NH1 1 
ATOM   1534 N NH2 . ARG A 1 219 ? -14.627 -6.143  -7.126  1.000 126.010 ? 289 ARG A NH2 1 
ATOM   1535 N N   . GLN A 1 220 ? -9.094  -12.785 -9.501  1.000 159.379 ? 290 GLN A N   1 
ATOM   1536 C CA  . GLN A 1 220 ? -8.876  -14.216 -9.338  1.000 162.958 ? 290 GLN A CA  1 
ATOM   1537 C C   . GLN A 1 220 ? -7.444  -14.469 -8.881  1.000 157.574 ? 290 GLN A C   1 
ATOM   1538 O O   . GLN A 1 220 ? -7.194  -14.797 -7.721  1.000 147.372 ? 290 GLN A O   1 
ATOM   1539 C CB  . GLN A 1 220 ? -9.178  -14.963 -10.644 1.000 160.809 ? 290 GLN A CB  1 
ATOM   1540 C CG  . GLN A 1 220 ? -10.484 -15.753 -10.631 1.000 170.271 ? 290 GLN A CG  1 
ATOM   1541 C CD  . GLN A 1 220 ? -11.743 -14.929 -10.772 1.000 175.108 ? 290 GLN A CD  1 
ATOM   1542 O OE1 . GLN A 1 220 ? -11.850 -13.806 -10.280 1.000 172.202 ? 290 GLN A OE1 1 
ATOM   1543 N NE2 . GLN A 1 220 ? -12.733 -15.502 -11.440 1.000 169.326 ? 290 GLN A NE2 1 
ATOM   1544 N N   . ARG A 1 221 ? -6.506  -14.258 -9.805  1.000 164.240 ? 291 ARG A N   1 
ATOM   1545 C CA  . ARG A 1 221 ? -5.104  -14.590 -9.615  1.000 188.353 ? 291 ARG A CA  1 
ATOM   1546 C C   . ARG A 1 221 ? -4.516  -13.868 -8.393  1.000 187.640 ? 291 ARG A C   1 
ATOM   1547 O O   . ARG A 1 221 ? -3.409  -14.182 -7.964  1.000 207.014 ? 291 ARG A O   1 
ATOM   1548 C CB  . ARG A 1 221 ? -4.348  -14.321 -10.925 1.000 188.234 ? 291 ARG A CB  1 
ATOM   1549 C CG  . ARG A 1 221 ? -4.784  -15.179 -12.107 1.000 163.568 ? 291 ARG A CG  1 
ATOM   1550 C CD  . ARG A 1 221 ? -4.338  -14.649 -13.463 1.000 158.936 ? 291 ARG A CD  1 
ATOM   1551 N NE  . ARG A 1 221 ? -2.913  -14.329 -13.514 1.000 165.340 ? 291 ARG A NE  1 
ATOM   1552 C CZ  . ARG A 1 221 ? -2.269  -13.803 -14.558 1.000 155.882 ? 291 ARG A CZ  1 
ATOM   1553 N NH1 . ARG A 1 221 ? -0.972  -13.550 -14.469 1.000 132.331 ? 291 ARG A NH1 1 
ATOM   1554 N NH2 . ARG A 1 221 ? -2.920  -13.531 -15.677 1.000 147.082 ? 291 ARG A NH2 1 
ATOM   1555 N N   . LEU A 1 222 ? -5.259  -12.913 -7.815  1.000 157.961 ? 292 LEU A N   1 
ATOM   1556 C CA  . LEU A 1 222 ? -4.776  -12.109 -6.699  1.000 145.732 ? 292 LEU A CA  1 
ATOM   1557 C C   . LEU A 1 222 ? -5.117  -12.801 -5.387  1.000 145.513 ? 292 LEU A C   1 
ATOM   1558 O O   . LEU A 1 222 ? -4.358  -12.732 -4.424  1.000 121.328 ? 292 LEU A O   1 
ATOM   1559 C CB  . LEU A 1 222 ? -5.477  -10.749 -6.731  1.000 149.553 ? 292 LEU A CB  1 
ATOM   1560 C CG  . LEU A 1 222 ? -5.048  -9.774  -7.822  1.000 155.308 ? 292 LEU A CG  1 
ATOM   1561 C CD1 . LEU A 1 222 ? -4.294  -10.464 -8.947  1.000 155.723 ? 292 LEU A CD1 1 
ATOM   1562 C CD2 . LEU A 1 222 ? -6.240  -8.988  -8.350  1.000 141.475 ? 292 LEU A CD2 1 
ATOM   1563 N N   . ARG A 1 223 ? -6.312  -13.401 -5.364  1.000 164.861 ? 293 ARG A N   1 
ATOM   1564 C CA  . ARG A 1 223 ? -6.879  -14.049 -4.194  1.000 193.318 ? 293 ARG A CA  1 
ATOM   1565 C C   . ARG A 1 223 ? -6.182  -15.392 -4.001  1.000 212.177 ? 293 ARG A C   1 
ATOM   1566 O O   . ARG A 1 223 ? -5.506  -15.599 -2.995  1.000 208.250 ? 293 ARG A O   1 
ATOM   1567 C CB  . ARG A 1 223 ? -8.391  -14.216 -4.392  1.000 189.430 ? 293 ARG A CB  1 
ATOM   1568 C CG  . ARG A 1 223 ? -9.083  -15.185 -3.439  1.000 172.414 ? 293 ARG A CG  1 
ATOM   1569 C CD  . ARG A 1 223 ? -10.079 -16.091 -4.152  1.000 169.014 ? 293 ARG A CD  1 
ATOM   1570 N NE  . ARG A 1 223 ? -10.522 -15.617 -5.463  1.000 168.082 ? 293 ARG A NE  1 
ATOM   1571 C CZ  . ARG A 1 223 ? -11.333 -14.579 -5.679  1.000 164.106 ? 293 ARG A CZ  1 
ATOM   1572 N NH1 . ARG A 1 223 ? -11.805 -13.877 -4.662  1.000 174.089 ? 293 ARG A NH1 1 
ATOM   1573 N NH2 . ARG A 1 223 ? -11.661 -14.240 -6.913  1.000 148.564 ? 293 ARG A NH2 1 
ATOM   1574 N N   . GLU A 1 224 ? -6.345  -16.274 -5.000  1.000 227.254 ? 294 GLU A N   1 
ATOM   1575 C CA  . GLU A 1 224 ? -5.828  -17.636 -5.012  1.000 218.676 ? 294 GLU A CA  1 
ATOM   1576 C C   . GLU A 1 224 ? -4.337  -17.622 -4.685  1.000 216.732 ? 294 GLU A C   1 
ATOM   1577 O O   . GLU A 1 224 ? -3.805  -18.598 -4.155  1.000 226.649 ? 294 GLU A O   1 
ATOM   1578 C CB  . GLU A 1 224 ? -6.042  -18.277 -6.385  1.000 202.076 ? 294 GLU A CB  1 
ATOM   1579 C CG  . GLU A 1 224 ? -7.501  -18.364 -6.797  1.000 190.235 ? 294 GLU A CG  1 
ATOM   1580 C CD  . GLU A 1 224 ? -7.770  -17.933 -8.228  1.000 192.408 ? 294 GLU A CD  1 
ATOM   1581 O OE1 . GLU A 1 224 ? -6.803  -17.571 -8.929  1.000 194.788 ? 294 GLU A OE1 1 
ATOM   1582 O OE2 . GLU A 1 224 ? -8.948  -17.950 -8.635  1.000 186.408 ? 294 GLU A OE2 1 
ATOM   1583 N N   . LEU A 1 225 ? -3.688  -16.496 -5.013  1.000 189.801 ? 295 LEU A N   1 
ATOM   1584 C CA  . LEU A 1 225 ? -2.262  -16.304 -4.813  1.000 168.900 ? 295 LEU A CA  1 
ATOM   1585 C C   . LEU A 1 225 ? -2.040  -15.124 -3.856  1.000 161.316 ? 295 LEU A C   1 
ATOM   1586 O O   . LEU A 1 225 ? -1.015  -14.442 -3.899  1.000 135.788 ? 295 LEU A O   1 
ATOM   1587 C CB  . LEU A 1 225 ? -1.608  -16.115 -6.192  1.000 163.729 ? 295 LEU A CB  1 
ATOM   1588 C CG  . LEU A 1 225 ? -2.225  -16.893 -7.367  1.000 151.060 ? 295 LEU A CG  1 
ATOM   1589 C CD1 . LEU A 1 225 ? -1.543  -16.543 -8.683  1.000 140.168 ? 295 LEU A CD1 1 
ATOM   1590 C CD2 . LEU A 1 225 ? -2.195  -18.402 -7.153  1.000 145.084 ? 295 LEU A CD2 1 
ATOM   1591 N N   . GLY A 1 226 ? -3.010  -14.917 -2.951  1.000 162.631 ? 296 GLY A N   1 
ATOM   1592 C CA  . GLY A 1 226 ? -2.979  -13.832 -1.980  1.000 157.048 ? 296 GLY A CA  1 
ATOM   1593 C C   . GLY A 1 226 ? -2.578  -14.312 -0.594  1.000 143.564 ? 296 GLY A C   1 
ATOM   1594 O O   . GLY A 1 226 ? -1.522  -14.965 -0.507  1.000 136.067 ? 296 GLY A O   1 
HETATM 1595 C C4  . NV5 B 2 .   ? -0.841  -2.316  4.143   1.000 115.276 ? 401 NV5 A C4  1 
HETATM 1596 C C5  . NV5 B 2 .   ? 0.310   -1.904  3.466   1.000 112.672 ? 401 NV5 A C5  1 
HETATM 1597 C C6  . NV5 B 2 .   ? 0.921   -0.710  3.774   1.000 110.224 ? 401 NV5 A C6  1 
HETATM 1598 C C7  . NV5 B 2 .   ? 0.368   0.082   4.777   1.000 112.413 ? 401 NV5 A C7  1 
HETATM 1599 C C10 . NV5 B 2 .   ? 0.965   4.541   9.307   1.000 149.190 ? 401 NV5 A C10 1 
HETATM 1600 C C13 . NV5 B 2 .   ? -2.090  1.568   10.754  1.000 141.331 ? 401 NV5 A C13 1 
HETATM 1601 C C15 . NV5 B 2 .   ? -1.116  0.455   12.630  1.000 128.535 ? 401 NV5 A C15 1 
HETATM 1602 C C17 . NV5 B 2 .   ? -0.405  -1.592  15.505  1.000 133.783 ? 401 NV5 A C17 1 
HETATM 1603 C C20 . NV5 B 2 .   ? -1.718  0.387   16.831  1.000 143.173 ? 401 NV5 A C20 1 
HETATM 1604 C C21 . NV5 B 2 .   ? -0.143  1.429   12.718  1.000 136.081 ? 401 NV5 A C21 1 
HETATM 1605 C C22 . NV5 B 2 .   ? -0.152  2.486   11.821  1.000 133.173 ? 401 NV5 A C22 1 
HETATM 1606 C C1  . NV5 B 2 .   ? -2.280  0.528   7.284   1.000 104.656 ? 401 NV5 A C1  1 
HETATM 1607 C C3  . NV5 B 2 .   ? -1.407  -1.551  5.138   1.000 116.475 ? 401 NV5 A C3  1 
HETATM 1608 C C9  . NV5 B 2 .   ? 0.866   3.557   6.752   1.000 152.697 ? 401 NV5 A C9  1 
HETATM 1609 C C19 . NV5 B 2 .   ? -1.044  -0.567  17.568  1.000 141.388 ? 401 NV5 A C19 1 
HETATM 1610 C C2  . NV5 B 2 .   ? -0.791  -0.343  5.452   1.000 111.419 ? 401 NV5 A C2  1 
HETATM 1611 C C11 . NV5 B 2 .   ? -0.442  4.724   9.811   1.000 135.014 ? 401 NV5 A C11 1 
HETATM 1612 C C16 . NV5 B 2 .   ? -1.105  -0.581  14.870  1.000 139.671 ? 401 NV5 A C16 1 
HETATM 1613 C C14 . NV5 B 2 .   ? -2.083  0.514   11.650  1.000 133.422 ? 401 NV5 A C14 1 
HETATM 1614 C C12 . NV5 B 2 .   ? -1.125  2.565   10.830  1.000 140.544 ? 401 NV5 A C12 1 
HETATM 1615 N N1  . NV5 B 2 .   ? -1.135  0.611   6.392   1.000 111.453 ? 401 NV5 A N1  1 
HETATM 1616 C C8  . NV5 B 2 .   ? 0.714   1.353   5.362   1.000 117.663 ? 401 NV5 A C8  1 
HETATM 1617 N N2  . NV5 B 2 .   ? 1.713   2.194   5.117   1.000 136.530 ? 401 NV5 A N2  1 
HETATM 1618 N N3  . NV5 B 2 .   ? 1.782   3.278   5.814   1.000 158.466 ? 401 NV5 A N3  1 
HETATM 1619 S S1  . NV5 B 2 .   ? 1.104   5.071   7.598   1.000 182.021 ? 401 NV5 A S1  1 
HETATM 1620 O O1  . NV5 B 2 .   ? -0.861  5.819   10.132  1.000 146.513 ? 401 NV5 A O1  1 
HETATM 1621 N N4  . NV5 B 2 .   ? -1.176  3.600   9.866   1.000 138.743 ? 401 NV5 A N4  1 
HETATM 1622 O O2  . NV5 B 2 .   ? -1.126  -0.641  13.504  1.000 125.550 ? 401 NV5 A O2  1 
HETATM 1623 C C18 . NV5 B 2 .   ? -0.380  -1.571  16.884  1.000 131.626 ? 401 NV5 A C18 1 
HETATM 1624 N N5  . NV5 B 2 .   ? -1.756  0.383   15.480  1.000 145.273 ? 401 NV5 A N5  1 
HETATM 1625 N N6  . NV5 B 2 .   ? -0.162  2.776   7.063   1.000 133.901 ? 401 NV5 A N6  1 
HETATM 1626 C C23 . NV5 B 2 .   ? -0.225  1.644   6.342   1.000 121.127 ? 401 NV5 A C23 1 
HETATM 1627 O O   . HOH C 3 .   ? 0.806   -0.699  33.083  1.000 115.980 ? 501 HOH A O   1 
HETATM 1628 O O   . HOH C 3 .   ? 11.833  -5.486  -2.047  1.000 83.705  ? 502 HOH A O   1 
# 
